data_2CRA
#
_entry.id   2CRA
#
_entity_poly.entity_id   1
_entity_poly.type   'polypeptide(L)'
_entity_poly.pdbx_seq_one_letter_code
;GSSGSSGRKKRIPYSKGQLRELEREYAANKFITKDKRRKISAATSLSERQITIWFQNRRVKEKKSGPSSG
;
_entity_poly.pdbx_strand_id   A
#
# COMPACT_ATOMS: atom_id res chain seq x y z
N GLY A 1 -10.67 -6.84 24.64
CA GLY A 1 -11.92 -7.01 23.94
C GLY A 1 -12.82 -5.79 24.06
N SER A 2 -12.96 -5.29 25.28
CA SER A 2 -13.80 -4.12 25.53
C SER A 2 -13.05 -3.07 26.36
N SER A 3 -12.42 -3.53 27.43
CA SER A 3 -11.66 -2.64 28.31
C SER A 3 -10.35 -3.29 28.75
N GLY A 4 -9.45 -2.47 29.28
CA GLY A 4 -8.17 -2.98 29.74
C GLY A 4 -7.22 -3.26 28.59
N SER A 5 -7.44 -2.60 27.46
CA SER A 5 -6.60 -2.79 26.29
C SER A 5 -5.77 -1.54 26.00
N SER A 6 -4.46 -1.72 25.89
CA SER A 6 -3.56 -0.61 25.62
C SER A 6 -3.99 0.15 24.38
N GLY A 7 -4.44 -0.59 23.36
CA GLY A 7 -4.88 0.05 22.13
C GLY A 7 -4.32 -0.64 20.90
N ARG A 8 -4.86 -1.80 20.56
CA ARG A 8 -4.40 -2.55 19.40
C ARG A 8 -5.46 -2.55 18.30
N LYS A 9 -6.18 -1.44 18.18
CA LYS A 9 -7.22 -1.32 17.17
C LYS A 9 -6.82 -0.30 16.10
N LYS A 10 -7.58 -0.27 15.01
CA LYS A 10 -7.31 0.66 13.91
C LYS A 10 -5.87 0.49 13.41
N ARG A 11 -5.40 -0.74 13.43
CA ARG A 11 -4.04 -1.04 12.97
C ARG A 11 -3.90 -0.76 11.47
N ILE A 12 -2.74 -1.10 10.91
CA ILE A 12 -2.49 -0.88 9.50
C ILE A 12 -3.60 -1.48 8.64
N PRO A 13 -4.05 -0.71 7.63
CA PRO A 13 -5.12 -1.14 6.73
C PRO A 13 -4.61 -2.07 5.64
N TYR A 14 -5.45 -2.34 4.65
CA TYR A 14 -5.09 -3.22 3.55
C TYR A 14 -4.83 -4.64 4.05
N SER A 15 -5.73 -5.57 3.68
CA SER A 15 -5.60 -6.95 4.10
C SER A 15 -4.44 -7.63 3.37
N LYS A 16 -4.08 -8.82 3.84
CA LYS A 16 -2.99 -9.58 3.24
C LYS A 16 -3.25 -9.80 1.74
N GLY A 17 -4.51 -9.99 1.39
CA GLY A 17 -4.87 -10.22 0.01
C GLY A 17 -4.71 -8.97 -0.85
N GLN A 18 -4.86 -7.81 -0.22
CA GLN A 18 -4.73 -6.54 -0.93
C GLN A 18 -3.27 -6.14 -1.07
N LEU A 19 -2.54 -6.17 0.03
CA LEU A 19 -1.12 -5.82 0.03
C LEU A 19 -0.32 -6.80 -0.80
N ARG A 20 -0.86 -8.01 -0.99
CA ARG A 20 -0.19 -9.04 -1.76
C ARG A 20 0.08 -8.56 -3.19
N GLU A 21 -0.89 -7.84 -3.75
CA GLU A 21 -0.77 -7.33 -5.11
C GLU A 21 0.08 -6.05 -5.12
N LEU A 22 -0.07 -5.24 -4.09
CA LEU A 22 0.66 -3.98 -3.99
C LEU A 22 2.17 -4.25 -3.84
N GLU A 23 2.53 -5.05 -2.85
CA GLU A 23 3.92 -5.38 -2.62
C GLU A 23 4.59 -5.93 -3.88
N ARG A 24 3.90 -6.86 -4.54
CA ARG A 24 4.42 -7.47 -5.75
C ARG A 24 4.68 -6.40 -6.82
N GLU A 25 3.67 -5.59 -7.11
CA GLU A 25 3.80 -4.54 -8.11
C GLU A 25 4.92 -3.57 -7.74
N TYR A 26 5.03 -3.28 -6.44
CA TYR A 26 6.06 -2.36 -5.95
C TYR A 26 7.46 -2.91 -6.25
N ALA A 27 7.68 -4.16 -5.88
CA ALA A 27 8.98 -4.80 -6.11
C ALA A 27 9.40 -4.67 -7.57
N ALA A 28 8.42 -4.65 -8.47
CA ALA A 28 8.69 -4.54 -9.90
C ALA A 28 8.97 -3.09 -10.28
N ASN A 29 8.31 -2.17 -9.61
CA ASN A 29 8.48 -0.74 -9.89
C ASN A 29 8.00 0.10 -8.72
N LYS A 30 8.86 1.00 -8.24
CA LYS A 30 8.52 1.88 -7.13
C LYS A 30 7.33 2.76 -7.47
N PHE A 31 7.15 3.03 -8.76
CA PHE A 31 6.04 3.87 -9.22
C PHE A 31 5.30 3.18 -10.36
N ILE A 32 3.97 3.16 -10.26
CA ILE A 32 3.13 2.54 -11.28
C ILE A 32 2.51 3.60 -12.20
N THR A 33 1.71 3.15 -13.16
CA THR A 33 1.07 4.05 -14.10
C THR A 33 -0.45 3.90 -14.04
N LYS A 34 -1.16 4.79 -14.74
CA LYS A 34 -2.61 4.76 -14.77
C LYS A 34 -3.12 3.37 -15.12
N ASP A 35 -2.38 2.67 -15.97
CA ASP A 35 -2.75 1.33 -16.40
C ASP A 35 -2.70 0.35 -15.23
N LYS A 36 -1.49 0.10 -14.72
CA LYS A 36 -1.30 -0.81 -13.61
C LYS A 36 -2.17 -0.40 -12.42
N ARG A 37 -2.15 0.88 -12.09
CA ARG A 37 -2.94 1.40 -10.98
C ARG A 37 -4.41 1.00 -11.12
N ARG A 38 -4.89 1.02 -12.36
CA ARG A 38 -6.28 0.67 -12.63
C ARG A 38 -6.52 -0.82 -12.39
N LYS A 39 -5.56 -1.65 -12.81
CA LYS A 39 -5.67 -3.09 -12.63
C LYS A 39 -5.71 -3.47 -11.16
N ILE A 40 -4.75 -2.95 -10.40
CA ILE A 40 -4.68 -3.23 -8.97
C ILE A 40 -5.99 -2.88 -8.28
N SER A 41 -6.61 -1.78 -8.70
CA SER A 41 -7.87 -1.34 -8.12
C SER A 41 -8.98 -2.37 -8.37
N ALA A 42 -8.81 -3.16 -9.42
CA ALA A 42 -9.78 -4.18 -9.78
C ALA A 42 -9.55 -5.47 -8.99
N ALA A 43 -8.30 -5.67 -8.58
CA ALA A 43 -7.94 -6.86 -7.81
C ALA A 43 -8.09 -6.63 -6.31
N THR A 44 -7.35 -5.65 -5.79
CA THR A 44 -7.40 -5.32 -4.37
C THR A 44 -8.69 -4.58 -4.03
N SER A 45 -9.43 -4.18 -5.05
CA SER A 45 -10.68 -3.45 -4.86
C SER A 45 -10.44 -2.13 -4.15
N LEU A 46 -9.24 -1.58 -4.31
CA LEU A 46 -8.89 -0.31 -3.70
C LEU A 46 -9.04 0.84 -4.68
N SER A 47 -8.95 2.07 -4.18
CA SER A 47 -9.08 3.25 -5.02
C SER A 47 -7.74 3.64 -5.63
N GLU A 48 -7.79 4.20 -6.83
CA GLU A 48 -6.57 4.62 -7.53
C GLU A 48 -5.70 5.49 -6.63
N ARG A 49 -6.34 6.25 -5.75
CA ARG A 49 -5.63 7.14 -4.84
C ARG A 49 -5.02 6.34 -3.69
N GLN A 50 -5.82 5.48 -3.07
CA GLN A 50 -5.36 4.67 -1.95
C GLN A 50 -4.08 3.92 -2.31
N ILE A 51 -4.12 3.21 -3.45
CA ILE A 51 -2.96 2.45 -3.91
C ILE A 51 -1.73 3.34 -4.03
N THR A 52 -1.91 4.53 -4.59
CA THR A 52 -0.82 5.48 -4.77
C THR A 52 -0.22 5.88 -3.43
N ILE A 53 -1.07 6.30 -2.51
CA ILE A 53 -0.62 6.71 -1.18
C ILE A 53 0.26 5.64 -0.54
N TRP A 54 -0.11 4.37 -0.76
CA TRP A 54 0.64 3.26 -0.20
C TRP A 54 2.00 3.13 -0.88
N PHE A 55 2.01 3.23 -2.21
CA PHE A 55 3.25 3.14 -2.97
C PHE A 55 4.21 4.26 -2.61
N GLN A 56 3.65 5.43 -2.29
CA GLN A 56 4.46 6.59 -1.92
C GLN A 56 5.10 6.38 -0.55
N ASN A 57 4.29 6.04 0.44
CA ASN A 57 4.78 5.82 1.79
C ASN A 57 5.87 4.75 1.81
N ARG A 58 5.78 3.80 0.87
CA ARG A 58 6.75 2.73 0.79
C ARG A 58 8.13 3.26 0.39
N ARG A 59 8.14 4.21 -0.53
CA ARG A 59 9.38 4.80 -0.99
C ARG A 59 9.87 5.87 -0.01
N VAL A 60 9.00 6.83 0.30
CA VAL A 60 9.34 7.91 1.22
C VAL A 60 9.90 7.36 2.53
N LYS A 61 9.46 6.16 2.89
CA LYS A 61 9.91 5.52 4.12
C LYS A 61 11.43 5.47 4.19
N GLU A 62 12.07 5.37 3.02
CA GLU A 62 13.52 5.32 2.95
C GLU A 62 14.08 6.61 2.33
N LYS A 63 13.35 7.70 2.50
CA LYS A 63 13.77 8.99 1.97
C LYS A 63 13.97 10.00 3.09
N LYS A 64 13.06 10.02 4.05
CA LYS A 64 13.16 10.94 5.18
C LYS A 64 14.04 10.36 6.28
N SER A 65 14.40 11.20 7.24
CA SER A 65 15.25 10.79 8.34
C SER A 65 14.45 9.98 9.38
N GLY A 66 14.52 8.67 9.26
CA GLY A 66 13.79 7.80 10.19
C GLY A 66 13.54 6.43 9.62
N PRO A 67 14.61 5.61 9.53
CA PRO A 67 14.53 4.24 9.00
C PRO A 67 13.78 3.31 9.94
N SER A 68 13.97 3.50 11.24
CA SER A 68 13.32 2.67 12.24
C SER A 68 12.44 3.51 13.15
N SER A 69 11.53 4.28 12.56
CA SER A 69 10.64 5.14 13.32
C SER A 69 9.19 4.76 13.08
N GLY A 70 8.46 4.46 14.15
CA GLY A 70 7.07 4.09 14.04
C GLY A 70 6.44 3.78 15.37
N GLY A 1 -24.57 -7.06 3.94
CA GLY A 1 -24.49 -7.43 5.35
C GLY A 1 -23.19 -6.99 5.99
N SER A 2 -23.25 -6.72 7.29
CA SER A 2 -22.07 -6.28 8.03
C SER A 2 -21.29 -7.48 8.56
N SER A 3 -20.29 -7.93 7.79
CA SER A 3 -19.48 -9.07 8.18
C SER A 3 -18.11 -8.60 8.67
N GLY A 4 -17.62 -9.26 9.72
CA GLY A 4 -16.32 -8.90 10.27
C GLY A 4 -16.43 -8.04 11.50
N SER A 5 -15.37 -7.29 11.80
CA SER A 5 -15.35 -6.41 12.97
C SER A 5 -14.12 -5.52 12.95
N SER A 6 -14.31 -4.25 13.27
CA SER A 6 -13.22 -3.29 13.30
C SER A 6 -12.60 -3.21 14.69
N GLY A 7 -13.38 -2.75 15.65
CA GLY A 7 -12.88 -2.63 17.02
C GLY A 7 -11.85 -1.53 17.17
N ARG A 8 -11.85 -0.89 18.33
CA ARG A 8 -10.90 0.19 18.60
C ARG A 8 -9.47 -0.27 18.37
N LYS A 9 -8.53 0.66 18.46
CA LYS A 9 -7.12 0.35 18.26
C LYS A 9 -6.88 -0.28 16.90
N LYS A 10 -7.37 0.39 15.86
CA LYS A 10 -7.21 -0.10 14.50
C LYS A 10 -5.74 -0.24 14.14
N ARG A 11 -5.45 -1.17 13.24
CA ARG A 11 -4.07 -1.41 12.80
C ARG A 11 -3.91 -1.13 11.32
N ILE A 12 -2.75 -1.47 10.77
CA ILE A 12 -2.46 -1.26 9.36
C ILE A 12 -3.58 -1.84 8.49
N PRO A 13 -4.00 -1.07 7.48
CA PRO A 13 -5.06 -1.49 6.55
C PRO A 13 -4.53 -2.42 5.47
N TYR A 14 -5.37 -2.68 4.47
CA TYR A 14 -4.99 -3.56 3.37
C TYR A 14 -4.74 -4.98 3.87
N SER A 15 -5.64 -5.90 3.49
CA SER A 15 -5.52 -7.29 3.91
C SER A 15 -4.33 -7.96 3.22
N LYS A 16 -3.94 -9.12 3.74
CA LYS A 16 -2.82 -9.87 3.18
C LYS A 16 -3.00 -10.06 1.67
N GLY A 17 -4.23 -10.28 1.25
CA GLY A 17 -4.51 -10.47 -0.16
C GLY A 17 -4.34 -9.20 -0.97
N GLN A 18 -4.81 -8.09 -0.42
CA GLN A 18 -4.72 -6.80 -1.09
C GLN A 18 -3.26 -6.35 -1.20
N LEU A 19 -2.51 -6.50 -0.11
CA LEU A 19 -1.11 -6.10 -0.08
C LEU A 19 -0.28 -7.03 -0.96
N ARG A 20 -0.77 -8.24 -1.18
CA ARG A 20 -0.07 -9.21 -2.01
C ARG A 20 0.19 -8.66 -3.41
N GLU A 21 -0.75 -7.86 -3.90
CA GLU A 21 -0.63 -7.26 -5.22
C GLU A 21 0.20 -5.98 -5.16
N LEU A 22 0.03 -5.22 -4.09
CA LEU A 22 0.75 -3.96 -3.90
C LEU A 22 2.24 -4.22 -3.74
N GLU A 23 2.60 -5.04 -2.76
CA GLU A 23 4.00 -5.36 -2.50
C GLU A 23 4.68 -5.86 -3.78
N ARG A 24 4.02 -6.78 -4.48
CA ARG A 24 4.57 -7.33 -5.71
C ARG A 24 4.78 -6.23 -6.76
N GLU A 25 3.70 -5.51 -7.06
CA GLU A 25 3.77 -4.43 -8.05
C GLU A 25 4.84 -3.42 -7.69
N TYR A 26 4.98 -3.16 -6.38
CA TYR A 26 5.97 -2.20 -5.90
C TYR A 26 7.39 -2.71 -6.15
N ALA A 27 7.62 -3.96 -5.78
CA ALA A 27 8.94 -4.58 -5.96
C ALA A 27 9.29 -4.69 -7.44
N ALA A 28 8.27 -4.82 -8.29
CA ALA A 28 8.47 -4.94 -9.72
C ALA A 28 8.71 -3.58 -10.36
N ASN A 29 8.21 -2.53 -9.71
CA ASN A 29 8.38 -1.17 -10.21
C ASN A 29 7.94 -0.16 -9.16
N LYS A 30 8.90 0.63 -8.66
CA LYS A 30 8.61 1.64 -7.66
C LYS A 30 7.48 2.55 -8.11
N PHE A 31 7.36 2.75 -9.42
CA PHE A 31 6.31 3.58 -9.97
C PHE A 31 5.48 2.81 -11.00
N ILE A 32 4.20 2.62 -10.69
CA ILE A 32 3.31 1.90 -11.59
C ILE A 32 2.79 2.81 -12.70
N THR A 33 2.03 2.23 -13.62
CA THR A 33 1.47 2.99 -14.73
C THR A 33 -0.04 3.14 -14.59
N LYS A 34 -0.59 4.14 -15.27
CA LYS A 34 -2.03 4.39 -15.23
C LYS A 34 -2.81 3.12 -15.55
N ASP A 35 -2.23 2.27 -16.38
CA ASP A 35 -2.88 1.01 -16.75
C ASP A 35 -2.85 0.01 -15.60
N LYS A 36 -1.76 0.01 -14.85
CA LYS A 36 -1.61 -0.89 -13.71
C LYS A 36 -2.44 -0.42 -12.53
N ARG A 37 -2.33 0.87 -12.21
CA ARG A 37 -3.07 1.46 -11.09
C ARG A 37 -4.56 1.13 -11.21
N ARG A 38 -5.04 0.99 -12.44
CA ARG A 38 -6.44 0.69 -12.68
C ARG A 38 -6.73 -0.78 -12.41
N LYS A 39 -5.77 -1.64 -12.74
CA LYS A 39 -5.91 -3.08 -12.54
C LYS A 39 -5.86 -3.43 -11.06
N ILE A 40 -4.86 -2.90 -10.37
CA ILE A 40 -4.70 -3.14 -8.94
C ILE A 40 -5.95 -2.76 -8.16
N SER A 41 -6.58 -1.65 -8.57
CA SER A 41 -7.79 -1.18 -7.91
C SER A 41 -8.91 -2.20 -8.04
N ALA A 42 -8.85 -3.01 -9.09
CA ALA A 42 -9.87 -4.03 -9.32
C ALA A 42 -9.50 -5.33 -8.62
N ALA A 43 -8.22 -5.68 -8.66
CA ALA A 43 -7.75 -6.91 -8.02
C ALA A 43 -7.85 -6.81 -6.50
N THR A 44 -7.46 -5.67 -5.96
CA THR A 44 -7.50 -5.45 -4.52
C THR A 44 -8.74 -4.65 -4.12
N SER A 45 -9.60 -4.39 -5.09
CA SER A 45 -10.83 -3.63 -4.85
C SER A 45 -10.51 -2.32 -4.13
N LEU A 46 -9.36 -1.74 -4.43
CA LEU A 46 -8.95 -0.49 -3.81
C LEU A 46 -9.17 0.69 -4.76
N SER A 47 -8.85 1.89 -4.29
CA SER A 47 -9.03 3.10 -5.09
C SER A 47 -7.72 3.47 -5.78
N GLU A 48 -7.83 4.22 -6.88
CA GLU A 48 -6.66 4.65 -7.64
C GLU A 48 -5.69 5.42 -6.74
N ARG A 49 -6.23 6.30 -5.90
CA ARG A 49 -5.42 7.09 -4.99
C ARG A 49 -4.85 6.23 -3.87
N GLN A 50 -5.69 5.35 -3.32
CA GLN A 50 -5.29 4.47 -2.24
C GLN A 50 -4.02 3.72 -2.60
N ILE A 51 -4.01 3.12 -3.78
CA ILE A 51 -2.85 2.36 -4.25
C ILE A 51 -1.65 3.28 -4.44
N THR A 52 -1.91 4.55 -4.72
CA THR A 52 -0.84 5.52 -4.93
C THR A 52 -0.19 5.91 -3.61
N ILE A 53 -1.02 6.31 -2.64
CA ILE A 53 -0.52 6.71 -1.33
C ILE A 53 0.39 5.64 -0.74
N TRP A 54 -0.09 4.40 -0.76
CA TRP A 54 0.68 3.28 -0.22
C TRP A 54 2.05 3.19 -0.88
N PHE A 55 2.06 3.29 -2.21
CA PHE A 55 3.30 3.22 -2.96
C PHE A 55 4.25 4.36 -2.58
N GLN A 56 3.67 5.48 -2.15
CA GLN A 56 4.47 6.64 -1.75
C GLN A 56 5.08 6.42 -0.36
N ASN A 57 4.23 6.11 0.61
CA ASN A 57 4.69 5.89 1.98
C ASN A 57 5.77 4.80 2.01
N ARG A 58 5.74 3.91 1.03
CA ARG A 58 6.72 2.83 0.94
C ARG A 58 8.12 3.37 0.69
N ARG A 59 8.22 4.27 -0.29
CA ARG A 59 9.51 4.87 -0.64
C ARG A 59 9.86 6.01 0.32
N VAL A 60 8.91 6.91 0.53
CA VAL A 60 9.12 8.04 1.42
C VAL A 60 9.61 7.58 2.79
N LYS A 61 9.22 6.37 3.18
CA LYS A 61 9.62 5.80 4.46
C LYS A 61 11.13 5.88 4.64
N GLU A 62 11.87 5.78 3.53
CA GLU A 62 13.32 5.84 3.57
C GLU A 62 13.83 7.13 2.95
N LYS A 63 13.05 8.19 3.08
CA LYS A 63 13.42 9.50 2.52
C LYS A 63 13.66 10.52 3.63
N LYS A 64 12.79 10.49 4.64
CA LYS A 64 12.92 11.41 5.77
C LYS A 64 14.04 10.98 6.71
N SER A 65 14.06 9.69 7.04
CA SER A 65 15.08 9.15 7.93
C SER A 65 15.53 7.77 7.46
N GLY A 66 16.76 7.40 7.83
CA GLY A 66 17.29 6.12 7.44
C GLY A 66 16.99 5.03 8.46
N PRO A 67 17.29 3.77 8.10
CA PRO A 67 17.06 2.62 8.98
C PRO A 67 18.01 2.60 10.17
N SER A 68 17.91 1.55 10.98
CA SER A 68 18.76 1.42 12.15
C SER A 68 18.62 0.02 12.77
N SER A 69 19.57 -0.34 13.63
CA SER A 69 19.56 -1.64 14.28
C SER A 69 18.65 -1.62 15.50
N GLY A 70 17.41 -2.09 15.33
CA GLY A 70 16.47 -2.12 16.44
C GLY A 70 16.25 -3.51 16.98
N GLY A 1 -8.81 -17.05 -1.15
CA GLY A 1 -10.24 -17.21 -1.02
C GLY A 1 -10.80 -16.48 0.18
N SER A 2 -10.54 -17.00 1.37
CA SER A 2 -11.03 -16.39 2.61
C SER A 2 -9.90 -15.70 3.36
N SER A 3 -10.25 -14.68 4.14
CA SER A 3 -9.26 -13.93 4.90
C SER A 3 -9.46 -14.15 6.40
N GLY A 4 -10.65 -13.84 6.89
CA GLY A 4 -10.95 -14.01 8.30
C GLY A 4 -10.71 -12.74 9.09
N SER A 5 -10.78 -11.60 8.41
CA SER A 5 -10.57 -10.30 9.06
C SER A 5 -11.56 -10.10 10.20
N SER A 6 -11.05 -10.03 11.43
CA SER A 6 -11.89 -9.85 12.60
C SER A 6 -11.29 -8.80 13.53
N GLY A 7 -12.13 -7.86 13.97
CA GLY A 7 -11.67 -6.81 14.86
C GLY A 7 -11.26 -5.56 14.12
N ARG A 8 -11.86 -4.43 14.50
CA ARG A 8 -11.57 -3.15 13.87
C ARG A 8 -11.00 -2.16 14.87
N LYS A 9 -9.68 -2.02 14.87
CA LYS A 9 -9.00 -1.10 15.78
C LYS A 9 -7.92 -0.31 15.06
N LYS A 10 -7.26 0.59 15.79
CA LYS A 10 -6.20 1.41 15.22
C LYS A 10 -5.02 0.54 14.76
N ARG A 11 -4.86 0.41 13.46
CA ARG A 11 -3.77 -0.39 12.90
C ARG A 11 -3.62 -0.12 11.40
N ILE A 12 -2.62 -0.75 10.79
CA ILE A 12 -2.36 -0.58 9.37
C ILE A 12 -3.50 -1.17 8.53
N PRO A 13 -3.93 -0.43 7.51
CA PRO A 13 -5.01 -0.85 6.62
C PRO A 13 -4.52 -1.82 5.55
N TYR A 14 -5.38 -2.10 4.58
CA TYR A 14 -5.05 -3.02 3.49
C TYR A 14 -4.81 -4.43 4.03
N SER A 15 -5.73 -5.34 3.69
CA SER A 15 -5.62 -6.72 4.13
C SER A 15 -4.44 -7.42 3.47
N LYS A 16 -4.05 -8.56 4.04
CA LYS A 16 -2.93 -9.33 3.50
C LYS A 16 -3.12 -9.62 2.02
N GLY A 17 -4.36 -9.86 1.62
CA GLY A 17 -4.65 -10.13 0.22
C GLY A 17 -4.47 -8.91 -0.66
N GLN A 18 -4.89 -7.76 -0.17
CA GLN A 18 -4.77 -6.51 -0.92
C GLN A 18 -3.31 -6.09 -1.04
N LEU A 19 -2.58 -6.18 0.07
CA LEU A 19 -1.17 -5.82 0.08
C LEU A 19 -0.34 -6.79 -0.74
N ARG A 20 -0.84 -8.00 -0.91
CA ARG A 20 -0.15 -9.03 -1.68
C ARG A 20 0.16 -8.52 -3.10
N GLU A 21 -0.78 -7.76 -3.67
CA GLU A 21 -0.59 -7.23 -5.01
C GLU A 21 0.18 -5.92 -4.97
N LEU A 22 -0.06 -5.12 -3.94
CA LEU A 22 0.62 -3.83 -3.78
C LEU A 22 2.13 -4.03 -3.64
N GLU A 23 2.51 -4.98 -2.78
CA GLU A 23 3.92 -5.26 -2.55
C GLU A 23 4.56 -5.87 -3.79
N ARG A 24 3.79 -6.68 -4.51
CA ARG A 24 4.30 -7.33 -5.73
C ARG A 24 4.61 -6.29 -6.80
N GLU A 25 3.58 -5.57 -7.23
CA GLU A 25 3.75 -4.55 -8.27
C GLU A 25 4.87 -3.59 -7.88
N TYR A 26 4.98 -3.28 -6.60
CA TYR A 26 6.01 -2.36 -6.11
C TYR A 26 7.40 -2.90 -6.40
N ALA A 27 7.61 -4.18 -6.11
CA ALA A 27 8.90 -4.82 -6.35
C ALA A 27 9.29 -4.74 -7.82
N ALA A 28 8.29 -4.69 -8.69
CA ALA A 28 8.51 -4.61 -10.12
C ALA A 28 8.82 -3.19 -10.56
N ASN A 29 8.31 -2.22 -9.81
CA ASN A 29 8.53 -0.82 -10.12
C ASN A 29 8.04 0.07 -8.98
N LYS A 30 8.94 0.91 -8.47
CA LYS A 30 8.60 1.82 -7.38
C LYS A 30 7.42 2.72 -7.76
N PHE A 31 7.31 3.00 -9.05
CA PHE A 31 6.24 3.86 -9.55
C PHE A 31 5.48 3.17 -10.68
N ILE A 32 4.22 2.83 -10.41
CA ILE A 32 3.39 2.16 -11.41
C ILE A 32 2.86 3.16 -12.44
N THR A 33 1.99 2.68 -13.32
CA THR A 33 1.41 3.53 -14.36
C THR A 33 -0.11 3.59 -14.24
N LYS A 34 -0.70 4.62 -14.82
CA LYS A 34 -2.15 4.80 -14.78
C LYS A 34 -2.86 3.52 -15.21
N ASP A 35 -2.23 2.77 -16.11
CA ASP A 35 -2.80 1.53 -16.61
C ASP A 35 -2.74 0.44 -15.53
N LYS A 36 -1.63 0.37 -14.82
CA LYS A 36 -1.45 -0.63 -13.77
C LYS A 36 -2.31 -0.28 -12.56
N ARG A 37 -2.38 1.00 -12.22
CA ARG A 37 -3.17 1.45 -11.09
C ARG A 37 -4.60 0.91 -11.15
N ARG A 38 -5.19 1.01 -12.34
CA ARG A 38 -6.55 0.53 -12.54
C ARG A 38 -6.64 -0.98 -12.33
N LYS A 39 -5.63 -1.70 -12.80
CA LYS A 39 -5.58 -3.14 -12.67
C LYS A 39 -5.58 -3.55 -11.20
N ILE A 40 -4.69 -2.94 -10.42
CA ILE A 40 -4.58 -3.23 -9.00
C ILE A 40 -5.89 -2.94 -8.27
N SER A 41 -6.55 -1.85 -8.67
CA SER A 41 -7.81 -1.45 -8.05
C SER A 41 -8.90 -2.48 -8.34
N ALA A 42 -8.73 -3.23 -9.42
CA ALA A 42 -9.70 -4.25 -9.80
C ALA A 42 -9.49 -5.53 -9.01
N ALA A 43 -8.26 -5.74 -8.54
CA ALA A 43 -7.92 -6.93 -7.77
C ALA A 43 -8.05 -6.65 -6.28
N THR A 44 -7.30 -5.68 -5.79
CA THR A 44 -7.32 -5.32 -4.38
C THR A 44 -8.63 -4.62 -4.01
N SER A 45 -9.38 -4.22 -5.03
CA SER A 45 -10.64 -3.52 -4.82
C SER A 45 -10.41 -2.18 -4.11
N LEU A 46 -9.24 -1.60 -4.33
CA LEU A 46 -8.91 -0.32 -3.72
C LEU A 46 -9.09 0.82 -4.71
N SER A 47 -8.84 2.05 -4.24
CA SER A 47 -8.98 3.22 -5.10
C SER A 47 -7.63 3.62 -5.70
N GLU A 48 -7.68 4.24 -6.88
CA GLU A 48 -6.47 4.67 -7.56
C GLU A 48 -5.57 5.49 -6.63
N ARG A 49 -6.19 6.40 -5.89
CA ARG A 49 -5.45 7.26 -4.97
C ARG A 49 -4.87 6.43 -3.82
N GLN A 50 -5.68 5.53 -3.28
CA GLN A 50 -5.25 4.68 -2.18
C GLN A 50 -4.00 3.89 -2.55
N ILE A 51 -4.05 3.22 -3.70
CA ILE A 51 -2.93 2.43 -4.17
C ILE A 51 -1.69 3.30 -4.38
N THR A 52 -1.92 4.58 -4.66
CA THR A 52 -0.82 5.52 -4.89
C THR A 52 -0.16 5.91 -3.57
N ILE A 53 -0.96 6.35 -2.61
CA ILE A 53 -0.46 6.75 -1.31
C ILE A 53 0.43 5.67 -0.70
N TRP A 54 -0.05 4.43 -0.74
CA TRP A 54 0.70 3.30 -0.20
C TRP A 54 2.07 3.19 -0.86
N PHE A 55 2.09 3.27 -2.19
CA PHE A 55 3.35 3.19 -2.93
C PHE A 55 4.30 4.31 -2.54
N GLN A 56 3.73 5.45 -2.13
CA GLN A 56 4.53 6.60 -1.72
C GLN A 56 5.12 6.38 -0.34
N ASN A 57 4.26 6.09 0.62
CA ASN A 57 4.71 5.86 2.00
C ASN A 57 5.75 4.75 2.06
N ARG A 58 5.66 3.80 1.14
CA ARG A 58 6.59 2.69 1.08
C ARG A 58 8.02 3.19 0.84
N ARG A 59 8.18 4.07 -0.13
CA ARG A 59 9.48 4.63 -0.46
C ARG A 59 9.87 5.72 0.52
N VAL A 60 8.93 6.63 0.79
CA VAL A 60 9.18 7.74 1.70
C VAL A 60 9.56 7.22 3.09
N LYS A 61 9.14 6.00 3.39
CA LYS A 61 9.45 5.39 4.69
C LYS A 61 10.95 5.41 4.96
N GLU A 62 11.74 5.38 3.89
CA GLU A 62 13.19 5.40 4.02
C GLU A 62 13.76 6.74 3.54
N LYS A 63 12.96 7.78 3.65
CA LYS A 63 13.39 9.12 3.24
C LYS A 63 13.52 10.05 4.43
N LYS A 64 12.57 9.97 5.35
CA LYS A 64 12.59 10.80 6.55
C LYS A 64 13.62 10.30 7.55
N SER A 65 14.27 11.23 8.25
CA SER A 65 15.28 10.88 9.23
C SER A 65 14.66 10.65 10.60
N GLY A 66 15.37 9.90 11.44
CA GLY A 66 14.86 9.60 12.77
C GLY A 66 14.13 8.28 12.84
N PRO A 67 13.68 7.91 14.05
CA PRO A 67 12.96 6.65 14.27
C PRO A 67 11.57 6.65 13.65
N SER A 68 11.33 5.71 12.75
CA SER A 68 10.03 5.61 12.08
C SER A 68 9.03 4.87 12.95
N SER A 69 9.37 3.64 13.33
CA SER A 69 8.50 2.82 14.16
C SER A 69 8.86 2.96 15.64
N GLY A 70 8.23 3.92 16.32
CA GLY A 70 8.50 4.13 17.72
C GLY A 70 8.29 2.88 18.56
N GLY A 1 -20.80 -5.44 20.84
CA GLY A 1 -20.21 -6.55 21.57
C GLY A 1 -20.32 -7.86 20.83
N SER A 2 -19.71 -7.93 19.66
CA SER A 2 -19.75 -9.14 18.84
C SER A 2 -18.34 -9.58 18.47
N SER A 3 -17.56 -8.66 17.90
CA SER A 3 -16.20 -8.96 17.50
C SER A 3 -15.22 -8.74 18.65
N GLY A 4 -15.43 -7.66 19.40
CA GLY A 4 -14.57 -7.37 20.52
C GLY A 4 -14.64 -5.91 20.94
N SER A 5 -14.14 -5.61 22.13
CA SER A 5 -14.17 -4.25 22.65
C SER A 5 -12.76 -3.65 22.63
N SER A 6 -12.46 -2.91 21.57
CA SER A 6 -11.14 -2.28 21.42
C SER A 6 -11.24 -0.77 21.64
N GLY A 7 -10.11 -0.14 21.94
CA GLY A 7 -10.08 1.29 22.15
C GLY A 7 -9.01 1.98 21.36
N ARG A 8 -9.36 2.44 20.16
CA ARG A 8 -8.40 3.13 19.29
C ARG A 8 -7.15 2.28 19.08
N LYS A 9 -7.35 0.98 18.86
CA LYS A 9 -6.24 0.07 18.64
C LYS A 9 -6.20 -0.42 17.19
N LYS A 10 -6.53 0.49 16.27
CA LYS A 10 -6.53 0.16 14.85
C LYS A 10 -5.13 -0.24 14.38
N ARG A 11 -5.06 -1.28 13.56
CA ARG A 11 -3.78 -1.75 13.04
C ARG A 11 -3.63 -1.41 11.56
N ILE A 12 -2.49 -1.76 10.98
CA ILE A 12 -2.23 -1.48 9.58
C ILE A 12 -3.37 -2.00 8.69
N PRO A 13 -3.79 -1.17 7.73
CA PRO A 13 -4.87 -1.53 6.80
C PRO A 13 -4.39 -2.42 5.66
N TYR A 14 -5.25 -2.62 4.68
CA TYR A 14 -4.91 -3.46 3.53
C TYR A 14 -4.68 -4.90 3.96
N SER A 15 -5.63 -5.77 3.62
CA SER A 15 -5.54 -7.18 3.96
C SER A 15 -4.36 -7.85 3.27
N LYS A 16 -3.97 -9.02 3.76
CA LYS A 16 -2.86 -9.76 3.18
C LYS A 16 -3.01 -9.90 1.67
N GLY A 17 -4.23 -10.20 1.23
CA GLY A 17 -4.48 -10.35 -0.19
C GLY A 17 -4.30 -9.05 -0.96
N GLN A 18 -4.76 -7.96 -0.36
CA GLN A 18 -4.65 -6.65 -1.00
C GLN A 18 -3.19 -6.23 -1.13
N LEU A 19 -2.44 -6.35 -0.03
CA LEU A 19 -1.03 -5.98 -0.01
C LEU A 19 -0.22 -6.92 -0.89
N ARG A 20 -0.74 -8.12 -1.12
CA ARG A 20 -0.06 -9.11 -1.95
C ARG A 20 0.24 -8.55 -3.33
N GLU A 21 -0.68 -7.73 -3.84
CA GLU A 21 -0.51 -7.12 -5.16
C GLU A 21 0.29 -5.83 -5.06
N LEU A 22 0.05 -5.07 -4.01
CA LEU A 22 0.74 -3.80 -3.80
C LEU A 22 2.25 -4.03 -3.66
N GLU A 23 2.62 -4.94 -2.76
CA GLU A 23 4.02 -5.25 -2.53
C GLU A 23 4.67 -5.84 -3.78
N ARG A 24 3.91 -6.66 -4.50
CA ARG A 24 4.40 -7.29 -5.72
C ARG A 24 4.68 -6.24 -6.80
N GLU A 25 3.64 -5.53 -7.20
CA GLU A 25 3.76 -4.51 -8.23
C GLU A 25 4.85 -3.51 -7.86
N TYR A 26 4.96 -3.20 -6.57
CA TYR A 26 5.96 -2.26 -6.09
C TYR A 26 7.37 -2.81 -6.28
N ALA A 27 7.57 -4.05 -5.85
CA ALA A 27 8.87 -4.69 -5.98
C ALA A 27 9.31 -4.77 -7.44
N ALA A 28 8.34 -4.80 -8.34
CA ALA A 28 8.62 -4.88 -9.76
C ALA A 28 8.95 -3.50 -10.33
N ASN A 29 8.26 -2.48 -9.83
CA ASN A 29 8.48 -1.11 -10.27
C ASN A 29 8.03 -0.11 -9.22
N LYS A 30 8.97 0.75 -8.79
CA LYS A 30 8.67 1.75 -7.78
C LYS A 30 7.44 2.57 -8.16
N PHE A 31 7.28 2.81 -9.46
CA PHE A 31 6.15 3.58 -9.96
C PHE A 31 5.37 2.78 -11.00
N ILE A 32 4.12 2.47 -10.69
CA ILE A 32 3.27 1.71 -11.61
C ILE A 32 2.78 2.58 -12.75
N THR A 33 2.03 1.98 -13.66
CA THR A 33 1.50 2.71 -14.82
C THR A 33 -0.01 2.90 -14.70
N LYS A 34 -0.54 3.88 -15.43
CA LYS A 34 -1.97 4.16 -15.40
C LYS A 34 -2.78 2.89 -15.66
N ASP A 35 -2.22 1.99 -16.46
CA ASP A 35 -2.90 0.74 -16.78
C ASP A 35 -2.89 -0.21 -15.59
N LYS A 36 -1.78 -0.19 -14.83
CA LYS A 36 -1.65 -1.04 -13.66
C LYS A 36 -2.47 -0.50 -12.50
N ARG A 37 -2.31 0.79 -12.20
CA ARG A 37 -3.04 1.42 -11.11
C ARG A 37 -4.55 1.15 -11.23
N ARG A 38 -5.01 1.00 -12.47
CA ARG A 38 -6.42 0.74 -12.72
C ARG A 38 -6.76 -0.72 -12.46
N LYS A 39 -5.82 -1.61 -12.76
CA LYS A 39 -6.02 -3.04 -12.55
C LYS A 39 -5.96 -3.39 -11.07
N ILE A 40 -4.94 -2.89 -10.39
CA ILE A 40 -4.76 -3.15 -8.96
C ILE A 40 -6.02 -2.78 -8.18
N SER A 41 -6.68 -1.71 -8.61
CA SER A 41 -7.90 -1.25 -7.96
C SER A 41 -9.00 -2.31 -8.02
N ALA A 42 -8.91 -3.16 -9.04
CA ALA A 42 -9.89 -4.23 -9.22
C ALA A 42 -9.40 -5.54 -8.61
N ALA A 43 -8.08 -5.70 -8.55
CA ALA A 43 -7.47 -6.90 -8.00
C ALA A 43 -7.44 -6.85 -6.47
N THR A 44 -7.46 -5.64 -5.93
CA THR A 44 -7.43 -5.45 -4.47
C THR A 44 -8.64 -4.66 -4.00
N SER A 45 -9.50 -4.28 -4.94
CA SER A 45 -10.70 -3.51 -4.62
C SER A 45 -10.34 -2.20 -3.95
N LEU A 46 -9.22 -1.62 -4.36
CA LEU A 46 -8.76 -0.36 -3.80
C LEU A 46 -9.01 0.79 -4.76
N SER A 47 -8.74 2.01 -4.30
CA SER A 47 -8.95 3.20 -5.12
C SER A 47 -7.66 3.60 -5.84
N GLU A 48 -7.79 4.22 -7.00
CA GLU A 48 -6.64 4.65 -7.77
C GLU A 48 -5.71 5.52 -6.92
N ARG A 49 -6.29 6.32 -6.04
CA ARG A 49 -5.52 7.19 -5.17
C ARG A 49 -4.91 6.41 -4.01
N GLN A 50 -5.72 5.53 -3.41
CA GLN A 50 -5.26 4.73 -2.28
C GLN A 50 -3.98 3.99 -2.63
N ILE A 51 -4.01 3.23 -3.72
CA ILE A 51 -2.85 2.48 -4.16
C ILE A 51 -1.61 3.37 -4.26
N THR A 52 -1.79 4.56 -4.82
CA THR A 52 -0.69 5.51 -4.98
C THR A 52 -0.12 5.89 -3.62
N ILE A 53 -0.98 6.26 -2.69
CA ILE A 53 -0.55 6.65 -1.35
C ILE A 53 0.36 5.59 -0.74
N TRP A 54 -0.08 4.35 -0.79
CA TRP A 54 0.71 3.24 -0.23
C TRP A 54 2.07 3.15 -0.91
N PHE A 55 2.09 3.30 -2.22
CA PHE A 55 3.34 3.24 -2.97
C PHE A 55 4.28 4.37 -2.58
N GLN A 56 3.69 5.48 -2.13
CA GLN A 56 4.47 6.64 -1.72
C GLN A 56 5.02 6.45 -0.30
N ASN A 57 4.16 6.00 0.60
CA ASN A 57 4.56 5.78 2.00
C ASN A 57 5.59 4.66 2.09
N ARG A 58 5.57 3.76 1.11
CA ARG A 58 6.51 2.64 1.08
C ARG A 58 7.91 3.11 0.71
N ARG A 59 7.97 4.07 -0.21
CA ARG A 59 9.26 4.61 -0.65
C ARG A 59 9.76 5.67 0.30
N VAL A 60 8.92 6.68 0.57
CA VAL A 60 9.28 7.76 1.47
C VAL A 60 9.76 7.23 2.82
N LYS A 61 9.26 6.05 3.19
CA LYS A 61 9.63 5.43 4.45
C LYS A 61 11.15 5.33 4.58
N GLU A 62 11.77 4.63 3.65
CA GLU A 62 13.23 4.47 3.66
C GLU A 62 13.92 5.80 3.44
N LYS A 63 13.26 6.71 2.74
CA LYS A 63 13.81 8.03 2.45
C LYS A 63 13.99 8.83 3.73
N LYS A 64 13.16 8.53 4.73
CA LYS A 64 13.23 9.23 6.01
C LYS A 64 14.60 9.07 6.64
N SER A 65 15.17 10.17 7.11
CA SER A 65 16.49 10.14 7.73
C SER A 65 16.46 9.32 9.02
N GLY A 66 17.55 8.58 9.26
CA GLY A 66 17.63 7.75 10.44
C GLY A 66 16.65 6.59 10.41
N PRO A 67 16.77 5.69 11.40
CA PRO A 67 15.91 4.50 11.51
C PRO A 67 14.47 4.87 11.86
N SER A 68 13.59 3.87 11.84
CA SER A 68 12.18 4.09 12.16
C SER A 68 11.53 2.80 12.65
N SER A 69 10.38 2.93 13.32
CA SER A 69 9.67 1.79 13.85
C SER A 69 8.20 1.83 13.46
N GLY A 70 7.73 0.78 12.79
CA GLY A 70 6.34 0.73 12.37
C GLY A 70 5.72 -0.64 12.57
N GLY A 1 -24.61 -0.89 9.30
CA GLY A 1 -23.36 -1.20 9.96
C GLY A 1 -22.30 -0.14 9.73
N SER A 2 -21.19 -0.54 9.10
CA SER A 2 -20.10 0.37 8.83
C SER A 2 -19.67 1.12 10.08
N SER A 3 -19.46 0.37 11.16
CA SER A 3 -19.05 0.95 12.43
C SER A 3 -17.86 0.19 13.02
N GLY A 4 -16.77 0.92 13.29
CA GLY A 4 -15.59 0.30 13.85
C GLY A 4 -15.05 1.07 15.04
N SER A 5 -13.72 1.15 15.13
CA SER A 5 -13.08 1.86 16.23
C SER A 5 -12.02 2.84 15.71
N SER A 6 -12.12 4.09 16.15
CA SER A 6 -11.17 5.11 15.72
C SER A 6 -10.41 5.68 16.92
N GLY A 7 -9.66 4.82 17.59
CA GLY A 7 -8.89 5.25 18.75
C GLY A 7 -7.44 5.55 18.40
N ARG A 8 -6.55 5.35 19.36
CA ARG A 8 -5.13 5.61 19.15
C ARG A 8 -4.42 4.36 18.67
N LYS A 9 -3.15 4.51 18.28
CA LYS A 9 -2.36 3.39 17.80
C LYS A 9 -3.06 2.68 16.65
N LYS A 10 -3.61 3.45 15.73
CA LYS A 10 -4.31 2.90 14.58
C LYS A 10 -3.44 1.87 13.85
N ARG A 11 -3.97 0.67 13.66
CA ARG A 11 -3.25 -0.39 12.98
C ARG A 11 -3.10 -0.10 11.49
N ILE A 12 -2.31 -0.91 10.80
CA ILE A 12 -2.09 -0.73 9.38
C ILE A 12 -3.23 -1.33 8.56
N PRO A 13 -3.70 -0.59 7.55
CA PRO A 13 -4.79 -1.04 6.68
C PRO A 13 -4.31 -2.00 5.60
N TYR A 14 -5.20 -2.29 4.64
CA TYR A 14 -4.86 -3.20 3.55
C TYR A 14 -4.58 -4.60 4.07
N SER A 15 -5.50 -5.53 3.77
CA SER A 15 -5.36 -6.91 4.22
C SER A 15 -4.18 -7.59 3.52
N LYS A 16 -3.77 -8.73 4.06
CA LYS A 16 -2.66 -9.48 3.49
C LYS A 16 -2.86 -9.70 2.00
N GLY A 17 -4.08 -9.98 1.60
CA GLY A 17 -4.39 -10.20 0.19
C GLY A 17 -4.23 -8.94 -0.64
N GLN A 18 -4.75 -7.83 -0.13
CA GLN A 18 -4.68 -6.56 -0.83
C GLN A 18 -3.23 -6.11 -1.00
N LEU A 19 -2.46 -6.24 0.07
CA LEU A 19 -1.05 -5.84 0.04
C LEU A 19 -0.24 -6.81 -0.82
N ARG A 20 -0.75 -8.02 -0.99
CA ARG A 20 -0.07 -9.03 -1.79
C ARG A 20 0.15 -8.54 -3.22
N GLU A 21 -0.80 -7.77 -3.72
CA GLU A 21 -0.72 -7.23 -5.07
C GLU A 21 0.10 -5.94 -5.09
N LEU A 22 -0.07 -5.12 -4.06
CA LEU A 22 0.66 -3.86 -3.96
C LEU A 22 2.16 -4.09 -3.85
N GLU A 23 2.54 -4.97 -2.92
CA GLU A 23 3.95 -5.29 -2.72
C GLU A 23 4.57 -5.87 -3.98
N ARG A 24 3.82 -6.71 -4.68
CA ARG A 24 4.30 -7.33 -5.90
C ARG A 24 4.64 -6.27 -6.95
N GLU A 25 3.66 -5.44 -7.29
CA GLU A 25 3.86 -4.39 -8.28
C GLU A 25 5.02 -3.48 -7.87
N TYR A 26 5.14 -3.21 -6.58
CA TYR A 26 6.19 -2.36 -6.06
C TYR A 26 7.57 -2.97 -6.33
N ALA A 27 7.71 -4.25 -5.99
CA ALA A 27 8.97 -4.95 -6.19
C ALA A 27 9.40 -4.91 -7.65
N ALA A 28 8.42 -4.75 -8.55
CA ALA A 28 8.69 -4.70 -9.97
C ALA A 28 8.98 -3.27 -10.43
N ASN A 29 8.30 -2.31 -9.80
CA ASN A 29 8.49 -0.90 -10.14
C ASN A 29 8.02 -0.01 -8.99
N LYS A 30 8.89 0.91 -8.57
CA LYS A 30 8.57 1.83 -7.48
C LYS A 30 7.41 2.73 -7.87
N PHE A 31 7.24 2.97 -9.17
CA PHE A 31 6.16 3.82 -9.66
C PHE A 31 5.37 3.10 -10.75
N ILE A 32 4.20 2.59 -10.37
CA ILE A 32 3.34 1.88 -11.32
C ILE A 32 2.84 2.80 -12.43
N THR A 33 2.14 2.24 -13.39
CA THR A 33 1.61 3.02 -14.50
C THR A 33 0.09 3.15 -14.41
N LYS A 34 -0.44 4.16 -15.10
CA LYS A 34 -1.88 4.41 -15.09
C LYS A 34 -2.66 3.14 -15.46
N ASP A 35 -2.04 2.29 -16.28
CA ASP A 35 -2.67 1.04 -16.70
C ASP A 35 -2.65 0.02 -15.57
N LYS A 36 -1.59 0.04 -14.78
CA LYS A 36 -1.45 -0.89 -13.66
C LYS A 36 -2.31 -0.45 -12.48
N ARG A 37 -2.27 0.83 -12.17
CA ARG A 37 -3.05 1.37 -11.06
C ARG A 37 -4.52 0.98 -11.19
N ARG A 38 -4.99 0.88 -12.43
CA ARG A 38 -6.38 0.51 -12.69
C ARG A 38 -6.60 -0.98 -12.49
N LYS A 39 -5.57 -1.76 -12.79
CA LYS A 39 -5.65 -3.21 -12.64
C LYS A 39 -5.65 -3.61 -11.17
N ILE A 40 -4.81 -2.95 -10.37
CA ILE A 40 -4.73 -3.22 -8.95
C ILE A 40 -6.03 -2.90 -8.24
N SER A 41 -6.68 -1.83 -8.69
CA SER A 41 -7.95 -1.41 -8.09
C SER A 41 -9.04 -2.43 -8.35
N ALA A 42 -8.85 -3.25 -9.38
CA ALA A 42 -9.82 -4.28 -9.73
C ALA A 42 -9.59 -5.55 -8.92
N ALA A 43 -8.36 -5.73 -8.46
CA ALA A 43 -8.01 -6.91 -7.67
C ALA A 43 -8.13 -6.62 -6.17
N THR A 44 -7.36 -5.63 -5.71
CA THR A 44 -7.38 -5.25 -4.30
C THR A 44 -8.66 -4.51 -3.94
N SER A 45 -9.42 -4.11 -4.96
CA SER A 45 -10.67 -3.39 -4.76
C SER A 45 -10.42 -2.06 -4.07
N LEU A 46 -9.23 -1.50 -4.29
CA LEU A 46 -8.87 -0.22 -3.69
C LEU A 46 -9.03 0.91 -4.70
N SER A 47 -8.90 2.15 -4.22
CA SER A 47 -9.04 3.31 -5.08
C SER A 47 -7.71 3.68 -5.72
N GLU A 48 -7.77 4.25 -6.92
CA GLU A 48 -6.56 4.64 -7.65
C GLU A 48 -5.67 5.52 -6.77
N ARG A 49 -6.30 6.37 -5.97
CA ARG A 49 -5.56 7.27 -5.08
C ARG A 49 -4.97 6.51 -3.90
N GLN A 50 -5.79 5.65 -3.29
CA GLN A 50 -5.34 4.86 -2.15
C GLN A 50 -4.07 4.09 -2.47
N ILE A 51 -4.11 3.33 -3.56
CA ILE A 51 -2.96 2.54 -3.98
C ILE A 51 -1.71 3.42 -4.10
N THR A 52 -1.88 4.59 -4.70
CA THR A 52 -0.77 5.51 -4.88
C THR A 52 -0.17 5.91 -3.54
N ILE A 53 -1.02 6.33 -2.61
CA ILE A 53 -0.57 6.74 -1.29
C ILE A 53 0.32 5.67 -0.65
N TRP A 54 -0.12 4.42 -0.73
CA TRP A 54 0.64 3.31 -0.17
C TRP A 54 2.01 3.20 -0.81
N PHE A 55 2.03 3.21 -2.15
CA PHE A 55 3.28 3.12 -2.89
C PHE A 55 4.24 4.23 -2.49
N GLN A 56 3.68 5.39 -2.17
CA GLN A 56 4.50 6.54 -1.76
C GLN A 56 5.11 6.32 -0.39
N ASN A 57 4.26 6.05 0.60
CA ASN A 57 4.72 5.82 1.96
C ASN A 57 5.80 4.75 2.00
N ARG A 58 5.69 3.76 1.13
CA ARG A 58 6.66 2.68 1.06
C ARG A 58 8.07 3.22 0.78
N ARG A 59 8.14 4.20 -0.11
CA ARG A 59 9.41 4.81 -0.47
C ARG A 59 9.76 5.95 0.48
N VAL A 60 8.74 6.53 1.09
CA VAL A 60 8.93 7.63 2.02
C VAL A 60 9.40 7.12 3.39
N LYS A 61 9.15 5.85 3.65
CA LYS A 61 9.55 5.24 4.92
C LYS A 61 10.98 4.69 4.83
N GLU A 62 11.41 4.37 3.62
CA GLU A 62 12.75 3.84 3.40
C GLU A 62 13.74 4.97 3.10
N LYS A 63 13.21 6.09 2.63
CA LYS A 63 14.05 7.25 2.30
C LYS A 63 14.69 7.83 3.56
N LYS A 64 14.03 7.63 4.70
CA LYS A 64 14.54 8.13 5.97
C LYS A 64 15.78 7.36 6.40
N SER A 65 16.93 8.03 6.36
CA SER A 65 18.19 7.41 6.74
C SER A 65 18.69 7.97 8.08
N GLY A 66 18.80 7.10 9.07
CA GLY A 66 19.26 7.51 10.38
C GLY A 66 19.13 6.41 11.42
N PRO A 67 17.90 6.16 11.87
CA PRO A 67 17.62 5.13 12.88
C PRO A 67 17.81 3.72 12.33
N SER A 68 18.35 2.83 13.16
CA SER A 68 18.59 1.45 12.76
C SER A 68 18.79 0.55 13.97
N SER A 69 19.07 -0.72 13.72
CA SER A 69 19.27 -1.68 14.80
C SER A 69 20.14 -2.84 14.32
N GLY A 70 21.15 -3.18 15.12
CA GLY A 70 22.04 -4.28 14.77
C GLY A 70 21.54 -5.61 15.28
N GLY A 1 5.39 -16.04 8.47
CA GLY A 1 4.53 -15.66 7.37
C GLY A 1 3.20 -16.40 7.41
N SER A 2 2.26 -15.87 8.20
CA SER A 2 0.95 -16.49 8.32
C SER A 2 -0.11 -15.44 8.64
N SER A 3 -1.29 -15.59 8.05
CA SER A 3 -2.39 -14.67 8.26
C SER A 3 -2.81 -14.65 9.73
N GLY A 4 -3.19 -13.47 10.24
CA GLY A 4 -3.62 -13.36 11.61
C GLY A 4 -3.19 -12.04 12.24
N SER A 5 -3.54 -11.86 13.51
CA SER A 5 -3.19 -10.63 14.23
C SER A 5 -3.64 -9.41 13.43
N SER A 6 -4.79 -9.52 12.78
CA SER A 6 -5.33 -8.41 11.99
C SER A 6 -6.84 -8.32 12.14
N GLY A 7 -7.32 -7.13 12.52
CA GLY A 7 -8.75 -6.94 12.70
C GLY A 7 -9.10 -5.47 12.90
N ARG A 8 -10.34 -5.22 13.30
CA ARG A 8 -10.81 -3.86 13.52
C ARG A 8 -10.12 -3.23 14.72
N LYS A 9 -9.03 -2.50 14.45
CA LYS A 9 -8.28 -1.84 15.51
C LYS A 9 -7.20 -0.94 14.92
N LYS A 10 -6.70 -0.02 15.73
CA LYS A 10 -5.65 0.91 15.29
C LYS A 10 -4.42 0.15 14.81
N ARG A 11 -4.24 0.10 13.50
CA ARG A 11 -3.10 -0.60 12.91
C ARG A 11 -3.02 -0.34 11.40
N ILE A 12 -2.01 -0.93 10.77
CA ILE A 12 -1.83 -0.76 9.33
C ILE A 12 -2.99 -1.38 8.55
N PRO A 13 -3.50 -0.64 7.55
CA PRO A 13 -4.60 -1.09 6.70
C PRO A 13 -4.16 -2.07 5.63
N TYR A 14 -5.07 -2.36 4.70
CA TYR A 14 -4.76 -3.29 3.61
C TYR A 14 -4.48 -4.70 4.14
N SER A 15 -5.39 -5.61 3.84
CA SER A 15 -5.24 -7.00 4.30
C SER A 15 -4.12 -7.70 3.55
N LYS A 16 -3.77 -8.90 4.00
CA LYS A 16 -2.71 -9.68 3.37
C LYS A 16 -3.05 -9.98 1.92
N GLY A 17 -4.33 -9.89 1.58
CA GLY A 17 -4.76 -10.16 0.21
C GLY A 17 -4.65 -8.93 -0.67
N GLN A 18 -4.81 -7.75 -0.08
CA GLN A 18 -4.73 -6.51 -0.82
C GLN A 18 -3.28 -6.04 -0.96
N LEU A 19 -2.47 -6.40 0.02
CA LEU A 19 -1.06 -6.02 0.01
C LEU A 19 -0.24 -6.95 -0.88
N ARG A 20 -0.82 -8.11 -1.18
CA ARG A 20 -0.15 -9.09 -2.04
C ARG A 20 0.10 -8.52 -3.43
N GLU A 21 -0.82 -7.69 -3.90
CA GLU A 21 -0.70 -7.08 -5.22
C GLU A 21 0.10 -5.78 -5.14
N LEU A 22 -0.10 -5.02 -4.06
CA LEU A 22 0.61 -3.77 -3.88
C LEU A 22 2.10 -4.00 -3.69
N GLU A 23 2.45 -4.97 -2.85
CA GLU A 23 3.85 -5.29 -2.58
C GLU A 23 4.54 -5.81 -3.86
N ARG A 24 3.84 -6.67 -4.59
CA ARG A 24 4.38 -7.24 -5.81
C ARG A 24 4.68 -6.16 -6.84
N GLU A 25 3.64 -5.42 -7.22
CA GLU A 25 3.79 -4.34 -8.20
C GLU A 25 4.87 -3.36 -7.76
N TYR A 26 4.96 -3.11 -6.46
CA TYR A 26 5.96 -2.20 -5.92
C TYR A 26 7.37 -2.73 -6.16
N ALA A 27 7.58 -4.00 -5.82
CA ALA A 27 8.89 -4.63 -6.00
C ALA A 27 9.26 -4.70 -7.49
N ALA A 28 8.25 -4.77 -8.34
CA ALA A 28 8.47 -4.85 -9.78
C ALA A 28 8.73 -3.48 -10.37
N ASN A 29 8.14 -2.45 -9.76
CA ASN A 29 8.31 -1.08 -10.22
C ASN A 29 7.84 -0.08 -9.16
N LYS A 30 8.78 0.71 -8.65
CA LYS A 30 8.47 1.71 -7.64
C LYS A 30 7.35 2.64 -8.11
N PHE A 31 7.24 2.80 -9.42
CA PHE A 31 6.22 3.67 -9.99
C PHE A 31 5.39 2.91 -11.03
N ILE A 32 4.10 2.74 -10.74
CA ILE A 32 3.20 2.03 -11.65
C ILE A 32 2.66 2.98 -12.72
N THR A 33 1.89 2.42 -13.65
CA THR A 33 1.30 3.21 -14.73
C THR A 33 -0.21 3.33 -14.56
N LYS A 34 -0.79 4.34 -15.18
CA LYS A 34 -2.23 4.57 -15.10
C LYS A 34 -3.01 3.30 -15.44
N ASP A 35 -2.45 2.49 -16.34
CA ASP A 35 -3.09 1.25 -16.75
C ASP A 35 -3.00 0.21 -15.63
N LYS A 36 -1.90 0.21 -14.91
CA LYS A 36 -1.70 -0.74 -13.82
C LYS A 36 -2.54 -0.35 -12.60
N ARG A 37 -2.53 0.94 -12.26
CA ARG A 37 -3.29 1.44 -11.12
C ARG A 37 -4.74 1.00 -11.21
N ARG A 38 -5.24 0.84 -12.43
CA ARG A 38 -6.62 0.43 -12.65
C ARG A 38 -6.79 -1.07 -12.38
N LYS A 39 -5.78 -1.85 -12.76
CA LYS A 39 -5.80 -3.29 -12.56
C LYS A 39 -5.70 -3.63 -11.07
N ILE A 40 -4.78 -2.97 -10.37
CA ILE A 40 -4.58 -3.21 -8.95
C ILE A 40 -5.83 -2.86 -8.16
N SER A 41 -6.56 -1.84 -8.61
CA SER A 41 -7.78 -1.42 -7.94
C SER A 41 -8.88 -2.44 -8.12
N ALA A 42 -8.80 -3.20 -9.20
CA ALA A 42 -9.80 -4.23 -9.50
C ALA A 42 -9.43 -5.56 -8.84
N ALA A 43 -8.13 -5.75 -8.61
CA ALA A 43 -7.65 -6.98 -7.99
C ALA A 43 -7.62 -6.85 -6.47
N THR A 44 -7.47 -5.62 -5.98
CA THR A 44 -7.43 -5.36 -4.55
C THR A 44 -8.68 -4.64 -4.08
N SER A 45 -9.50 -4.20 -5.03
CA SER A 45 -10.73 -3.48 -4.72
C SER A 45 -10.43 -2.17 -4.00
N LEU A 46 -9.31 -1.54 -4.37
CA LEU A 46 -8.91 -0.27 -3.77
C LEU A 46 -9.10 0.87 -4.74
N SER A 47 -8.77 2.08 -4.30
CA SER A 47 -8.91 3.27 -5.13
C SER A 47 -7.57 3.66 -5.74
N GLU A 48 -7.63 4.29 -6.92
CA GLU A 48 -6.42 4.73 -7.61
C GLU A 48 -5.53 5.56 -6.69
N ARG A 49 -6.15 6.41 -5.88
CA ARG A 49 -5.41 7.26 -4.95
C ARG A 49 -4.81 6.43 -3.82
N GLN A 50 -5.62 5.53 -3.27
CA GLN A 50 -5.17 4.68 -2.17
C GLN A 50 -3.91 3.91 -2.57
N ILE A 51 -3.98 3.22 -3.71
CA ILE A 51 -2.85 2.44 -4.19
C ILE A 51 -1.62 3.33 -4.39
N THR A 52 -1.85 4.60 -4.68
CA THR A 52 -0.76 5.53 -4.90
C THR A 52 -0.10 5.93 -3.58
N ILE A 53 -0.91 6.35 -2.62
CA ILE A 53 -0.42 6.74 -1.30
C ILE A 53 0.48 5.66 -0.71
N TRP A 54 0.02 4.42 -0.77
CA TRP A 54 0.78 3.30 -0.24
C TRP A 54 2.15 3.20 -0.91
N PHE A 55 2.16 3.32 -2.23
CA PHE A 55 3.41 3.26 -2.99
C PHE A 55 4.36 4.37 -2.58
N GLN A 56 3.79 5.50 -2.17
CA GLN A 56 4.59 6.65 -1.75
C GLN A 56 5.18 6.42 -0.37
N ASN A 57 4.31 6.11 0.60
CA ASN A 57 4.76 5.88 1.97
C ASN A 57 5.80 4.77 2.02
N ARG A 58 5.66 3.80 1.12
CA ARG A 58 6.60 2.67 1.07
C ARG A 58 8.02 3.16 0.87
N ARG A 59 8.20 4.10 -0.06
CA ARG A 59 9.52 4.65 -0.35
C ARG A 59 9.88 5.74 0.65
N VAL A 60 8.96 6.68 0.86
CA VAL A 60 9.20 7.78 1.79
C VAL A 60 9.54 7.25 3.18
N LYS A 61 9.09 6.04 3.47
CA LYS A 61 9.36 5.42 4.77
C LYS A 61 10.85 5.41 5.08
N GLU A 62 11.66 5.32 4.04
CA GLU A 62 13.11 5.31 4.20
C GLU A 62 13.73 6.61 3.71
N LYS A 63 12.95 7.69 3.75
CA LYS A 63 13.41 9.00 3.31
C LYS A 63 13.53 9.96 4.49
N LYS A 64 12.73 9.71 5.53
CA LYS A 64 12.76 10.55 6.72
C LYS A 64 13.61 9.92 7.82
N SER A 65 13.88 10.69 8.87
CA SER A 65 14.68 10.21 9.98
C SER A 65 13.79 9.77 11.14
N GLY A 66 13.29 8.53 11.05
CA GLY A 66 12.43 8.01 12.09
C GLY A 66 12.63 6.52 12.31
N PRO A 67 12.02 5.98 13.38
CA PRO A 67 12.12 4.56 13.72
C PRO A 67 11.39 3.67 12.72
N SER A 68 11.97 2.51 12.43
CA SER A 68 11.37 1.58 11.48
C SER A 68 11.29 0.18 12.10
N SER A 69 10.11 -0.43 11.99
CA SER A 69 9.89 -1.77 12.54
C SER A 69 10.47 -2.83 11.61
N GLY A 70 11.51 -3.52 12.06
CA GLY A 70 12.13 -4.55 11.26
C GLY A 70 13.15 -4.00 10.29
N GLY A 1 -32.10 4.00 4.79
CA GLY A 1 -31.00 4.88 5.13
C GLY A 1 -29.76 4.14 5.59
N SER A 2 -28.72 4.88 5.95
CA SER A 2 -27.47 4.27 6.39
C SER A 2 -26.86 5.09 7.53
N SER A 3 -26.54 4.40 8.62
CA SER A 3 -25.95 5.05 9.79
C SER A 3 -24.48 4.68 9.93
N GLY A 4 -23.80 5.33 10.88
CA GLY A 4 -22.39 5.04 11.11
C GLY A 4 -21.87 5.73 12.35
N SER A 5 -20.71 5.25 12.84
CA SER A 5 -20.11 5.82 14.04
C SER A 5 -18.60 5.55 14.06
N SER A 6 -17.85 6.50 14.61
CA SER A 6 -16.40 6.37 14.68
C SER A 6 -15.90 6.61 16.11
N GLY A 7 -14.59 6.59 16.29
CA GLY A 7 -14.01 6.82 17.60
C GLY A 7 -13.02 5.74 17.99
N ARG A 8 -13.26 4.52 17.52
CA ARG A 8 -12.38 3.39 17.81
C ARG A 8 -11.11 3.46 16.99
N LYS A 9 -10.11 2.68 17.38
CA LYS A 9 -8.83 2.64 16.68
C LYS A 9 -8.58 1.27 16.06
N LYS A 10 -7.80 1.23 14.99
CA LYS A 10 -7.49 -0.02 14.30
C LYS A 10 -6.02 -0.05 13.91
N ARG A 11 -5.58 -1.20 13.39
CA ARG A 11 -4.19 -1.37 12.97
C ARG A 11 -4.03 -1.04 11.49
N ILE A 12 -2.86 -1.36 10.94
CA ILE A 12 -2.58 -1.10 9.53
C ILE A 12 -3.68 -1.67 8.64
N PRO A 13 -4.12 -0.87 7.65
CA PRO A 13 -5.16 -1.27 6.71
C PRO A 13 -4.64 -2.18 5.61
N TYR A 14 -5.46 -2.42 4.60
CA TYR A 14 -5.08 -3.28 3.48
C TYR A 14 -4.83 -4.71 3.95
N SER A 15 -5.71 -5.62 3.53
CA SER A 15 -5.59 -7.02 3.90
C SER A 15 -4.46 -7.69 3.13
N LYS A 16 -4.04 -8.86 3.62
CA LYS A 16 -2.96 -9.61 2.98
C LYS A 16 -3.24 -9.80 1.49
N GLY A 17 -4.51 -9.95 1.15
CA GLY A 17 -4.88 -10.13 -0.25
C GLY A 17 -4.67 -8.87 -1.07
N GLN A 18 -4.88 -7.72 -0.44
CA GLN A 18 -4.71 -6.44 -1.13
C GLN A 18 -3.24 -6.05 -1.22
N LEU A 19 -2.53 -6.20 -0.10
CA LEU A 19 -1.12 -5.85 -0.05
C LEU A 19 -0.30 -6.81 -0.91
N ARG A 20 -0.82 -8.02 -1.10
CA ARG A 20 -0.14 -9.03 -1.91
C ARG A 20 0.11 -8.52 -3.32
N GLU A 21 -0.80 -7.69 -3.82
CA GLU A 21 -0.68 -7.13 -5.16
C GLU A 21 0.15 -5.86 -5.15
N LEU A 22 -0.02 -5.06 -4.10
CA LEU A 22 0.72 -3.81 -3.97
C LEU A 22 2.22 -4.07 -3.80
N GLU A 23 2.57 -4.98 -2.90
CA GLU A 23 3.95 -5.33 -2.65
C GLU A 23 4.59 -5.96 -3.90
N ARG A 24 3.88 -6.90 -4.50
CA ARG A 24 4.36 -7.58 -5.69
C ARG A 24 4.69 -6.58 -6.80
N GLU A 25 3.73 -5.71 -7.10
CA GLU A 25 3.91 -4.71 -8.15
C GLU A 25 5.09 -3.80 -7.82
N TYR A 26 5.21 -3.42 -6.55
CA TYR A 26 6.29 -2.55 -6.10
C TYR A 26 7.65 -3.13 -6.50
N ALA A 27 7.86 -4.40 -6.17
CA ALA A 27 9.11 -5.08 -6.50
C ALA A 27 9.47 -4.90 -7.97
N ALA A 28 8.45 -4.95 -8.83
CA ALA A 28 8.66 -4.79 -10.26
C ALA A 28 9.04 -3.35 -10.61
N ASN A 29 8.42 -2.40 -9.91
CA ASN A 29 8.68 -0.99 -10.15
C ASN A 29 7.99 -0.13 -9.09
N LYS A 30 8.78 0.73 -8.44
CA LYS A 30 8.26 1.62 -7.41
C LYS A 30 7.27 2.62 -8.00
N PHE A 31 7.42 2.89 -9.29
CA PHE A 31 6.54 3.83 -9.98
C PHE A 31 5.67 3.11 -11.01
N ILE A 32 4.49 2.69 -10.60
CA ILE A 32 3.56 1.99 -11.48
C ILE A 32 3.02 2.93 -12.56
N THR A 33 2.19 2.38 -13.44
CA THR A 33 1.60 3.17 -14.52
C THR A 33 0.09 3.25 -14.37
N LYS A 34 -0.51 4.25 -15.01
CA LYS A 34 -1.96 4.44 -14.95
C LYS A 34 -2.69 3.15 -15.31
N ASP A 35 -2.14 2.41 -16.28
CA ASP A 35 -2.74 1.16 -16.71
C ASP A 35 -2.66 0.10 -15.61
N LYS A 36 -1.59 0.15 -14.83
CA LYS A 36 -1.39 -0.80 -13.74
C LYS A 36 -2.32 -0.49 -12.58
N ARG A 37 -2.32 0.76 -12.12
CA ARG A 37 -3.17 1.18 -11.02
C ARG A 37 -4.63 0.78 -11.28
N ARG A 38 -5.04 0.86 -12.54
CA ARG A 38 -6.41 0.52 -12.91
C ARG A 38 -6.73 -0.93 -12.54
N LYS A 39 -5.77 -1.82 -12.78
CA LYS A 39 -5.95 -3.23 -12.47
C LYS A 39 -5.87 -3.47 -10.97
N ILE A 40 -4.81 -2.97 -10.35
CA ILE A 40 -4.61 -3.13 -8.92
C ILE A 40 -5.84 -2.69 -8.14
N SER A 41 -6.54 -1.68 -8.67
CA SER A 41 -7.74 -1.15 -8.02
C SER A 41 -8.85 -2.21 -8.00
N ALA A 42 -8.89 -3.03 -9.05
CA ALA A 42 -9.90 -4.07 -9.15
C ALA A 42 -9.41 -5.37 -8.51
N ALA A 43 -8.10 -5.54 -8.47
CA ALA A 43 -7.50 -6.73 -7.87
C ALA A 43 -7.51 -6.66 -6.35
N THR A 44 -7.44 -5.44 -5.83
CA THR A 44 -7.44 -5.22 -4.39
C THR A 44 -8.63 -4.39 -3.95
N SER A 45 -9.59 -4.21 -4.86
CA SER A 45 -10.79 -3.43 -4.57
C SER A 45 -10.42 -2.06 -4.00
N LEU A 46 -9.26 -1.55 -4.42
CA LEU A 46 -8.81 -0.24 -3.95
C LEU A 46 -9.03 0.83 -5.01
N SER A 47 -8.65 2.06 -4.68
CA SER A 47 -8.81 3.17 -5.62
C SER A 47 -7.45 3.62 -6.16
N GLU A 48 -7.48 4.24 -7.34
CA GLU A 48 -6.25 4.72 -7.97
C GLU A 48 -5.45 5.60 -7.01
N ARG A 49 -6.16 6.38 -6.21
CA ARG A 49 -5.52 7.27 -5.24
C ARG A 49 -4.97 6.48 -4.06
N GLN A 50 -5.81 5.63 -3.47
CA GLN A 50 -5.41 4.82 -2.33
C GLN A 50 -4.12 4.06 -2.63
N ILE A 51 -4.11 3.34 -3.75
CA ILE A 51 -2.93 2.57 -4.14
C ILE A 51 -1.69 3.45 -4.17
N THR A 52 -1.82 4.64 -4.74
CA THR A 52 -0.71 5.57 -4.83
C THR A 52 -0.16 5.93 -3.45
N ILE A 53 -1.07 6.26 -2.54
CA ILE A 53 -0.69 6.62 -1.18
C ILE A 53 0.22 5.56 -0.56
N TRP A 54 -0.19 4.29 -0.69
CA TRP A 54 0.59 3.19 -0.15
C TRP A 54 1.98 3.13 -0.79
N PHE A 55 2.01 3.23 -2.12
CA PHE A 55 3.27 3.19 -2.86
C PHE A 55 4.18 4.32 -2.43
N GLN A 56 3.59 5.46 -2.08
CA GLN A 56 4.36 6.62 -1.65
C GLN A 56 4.93 6.42 -0.25
N ASN A 57 4.06 6.08 0.70
CA ASN A 57 4.48 5.86 2.08
C ASN A 57 5.57 4.79 2.15
N ARG A 58 5.58 3.91 1.15
CA ARG A 58 6.58 2.84 1.10
C ARG A 58 7.96 3.40 0.79
N ARG A 59 8.00 4.41 -0.06
CA ARG A 59 9.26 5.04 -0.45
C ARG A 59 9.68 6.10 0.56
N VAL A 60 8.76 7.00 0.88
CA VAL A 60 9.02 8.07 1.82
C VAL A 60 9.58 7.52 3.12
N LYS A 61 9.19 6.29 3.47
CA LYS A 61 9.65 5.65 4.69
C LYS A 61 11.17 5.65 4.76
N GLU A 62 11.82 5.56 3.60
CA GLU A 62 13.27 5.56 3.53
C GLU A 62 13.79 6.88 2.95
N LYS A 63 13.02 7.94 3.12
CA LYS A 63 13.41 9.25 2.62
C LYS A 63 13.46 10.27 3.75
N LYS A 64 12.50 10.18 4.67
CA LYS A 64 12.44 11.10 5.80
C LYS A 64 13.70 11.02 6.64
N SER A 65 14.45 12.12 6.71
CA SER A 65 15.68 12.17 7.47
C SER A 65 16.63 11.06 7.04
N GLY A 66 16.66 10.78 5.75
CA GLY A 66 17.52 9.74 5.23
C GLY A 66 18.98 10.14 5.25
N PRO A 67 19.37 11.03 4.33
CA PRO A 67 20.75 11.52 4.23
C PRO A 67 21.15 12.40 5.41
N SER A 68 22.32 12.13 5.98
CA SER A 68 22.81 12.90 7.12
C SER A 68 23.74 14.02 6.66
N SER A 69 23.53 15.21 7.20
CA SER A 69 24.36 16.36 6.84
C SER A 69 25.36 16.68 7.95
N GLY A 70 26.49 17.25 7.57
CA GLY A 70 27.51 17.61 8.54
C GLY A 70 28.18 18.92 8.23
N GLY A 1 -0.41 -22.85 12.09
CA GLY A 1 -0.33 -21.46 11.66
C GLY A 1 -1.70 -20.83 11.48
N SER A 2 -2.11 -20.02 12.44
CA SER A 2 -3.40 -19.35 12.38
C SER A 2 -3.52 -18.29 13.48
N SER A 3 -4.22 -17.21 13.18
CA SER A 3 -4.41 -16.12 14.13
C SER A 3 -5.43 -15.12 13.61
N GLY A 4 -6.19 -14.52 14.53
CA GLY A 4 -7.19 -13.55 14.15
C GLY A 4 -7.75 -12.80 15.35
N SER A 5 -6.99 -11.82 15.83
CA SER A 5 -7.40 -11.02 16.97
C SER A 5 -7.55 -9.55 16.60
N SER A 6 -8.38 -8.83 17.35
CA SER A 6 -8.62 -7.41 17.08
C SER A 6 -9.40 -6.77 18.22
N GLY A 7 -9.39 -5.45 18.27
CA GLY A 7 -10.10 -4.73 19.30
C GLY A 7 -10.67 -3.41 18.82
N ARG A 8 -10.97 -2.51 19.76
CA ARG A 8 -11.53 -1.21 19.41
C ARG A 8 -10.58 -0.44 18.50
N LYS A 9 -9.37 -0.20 18.97
CA LYS A 9 -8.37 0.52 18.19
C LYS A 9 -8.21 -0.10 16.80
N LYS A 10 -7.58 0.65 15.90
CA LYS A 10 -7.36 0.17 14.54
C LYS A 10 -5.88 -0.07 14.27
N ARG A 11 -5.58 -0.63 13.11
CA ARG A 11 -4.19 -0.91 12.73
C ARG A 11 -3.96 -0.66 11.25
N ILE A 12 -2.81 -1.08 10.76
CA ILE A 12 -2.46 -0.90 9.34
C ILE A 12 -3.58 -1.40 8.44
N PRO A 13 -3.92 -0.60 7.42
CA PRO A 13 -4.97 -0.95 6.46
C PRO A 13 -4.48 -1.93 5.39
N TYR A 14 -5.30 -2.14 4.37
CA TYR A 14 -4.96 -3.06 3.29
C TYR A 14 -4.82 -4.49 3.80
N SER A 15 -5.81 -5.32 3.48
CA SER A 15 -5.80 -6.70 3.92
C SER A 15 -4.63 -7.47 3.31
N LYS A 16 -4.35 -8.64 3.86
CA LYS A 16 -3.25 -9.47 3.37
C LYS A 16 -3.35 -9.68 1.86
N GLY A 17 -4.55 -10.00 1.40
CA GLY A 17 -4.77 -10.22 -0.02
C GLY A 17 -4.53 -8.96 -0.85
N GLN A 18 -4.93 -7.82 -0.31
CA GLN A 18 -4.75 -6.55 -1.00
C GLN A 18 -3.28 -6.18 -1.11
N LEU A 19 -2.57 -6.28 0.02
CA LEU A 19 -1.15 -5.95 0.05
C LEU A 19 -0.34 -6.95 -0.78
N ARG A 20 -0.89 -8.15 -0.94
CA ARG A 20 -0.22 -9.19 -1.71
C ARG A 20 0.10 -8.70 -3.11
N GLU A 21 -0.86 -8.03 -3.74
CA GLU A 21 -0.68 -7.51 -5.08
C GLU A 21 0.17 -6.24 -5.07
N LEU A 22 -0.05 -5.39 -4.08
CA LEU A 22 0.70 -4.15 -3.95
C LEU A 22 2.20 -4.42 -3.82
N GLU A 23 2.55 -5.26 -2.86
CA GLU A 23 3.95 -5.61 -2.62
C GLU A 23 4.59 -6.13 -3.90
N ARG A 24 3.83 -6.89 -4.67
CA ARG A 24 4.33 -7.47 -5.93
C ARG A 24 4.58 -6.37 -6.96
N GLU A 25 3.54 -5.61 -7.28
CA GLU A 25 3.65 -4.53 -8.25
C GLU A 25 4.73 -3.54 -7.84
N TYR A 26 4.83 -3.29 -6.54
CA TYR A 26 5.82 -2.35 -6.01
C TYR A 26 7.22 -2.92 -6.14
N ALA A 27 7.39 -4.18 -5.77
CA ALA A 27 8.69 -4.83 -5.85
C ALA A 27 9.22 -4.84 -7.27
N ALA A 28 8.29 -4.75 -8.23
CA ALA A 28 8.66 -4.74 -9.65
C ALA A 28 8.97 -3.33 -10.13
N ASN A 29 8.31 -2.34 -9.54
CA ASN A 29 8.50 -0.95 -9.91
C ASN A 29 7.90 -0.02 -8.86
N LYS A 30 8.74 0.86 -8.31
CA LYS A 30 8.30 1.82 -7.30
C LYS A 30 7.27 2.78 -7.88
N PHE A 31 7.29 2.94 -9.19
CA PHE A 31 6.35 3.83 -9.87
C PHE A 31 5.57 3.09 -10.96
N ILE A 32 4.30 2.84 -10.69
CA ILE A 32 3.44 2.14 -11.65
C ILE A 32 2.94 3.07 -12.73
N THR A 33 2.16 2.54 -13.67
CA THR A 33 1.63 3.33 -14.77
C THR A 33 0.17 3.70 -14.50
N LYS A 34 -0.35 4.65 -15.29
CA LYS A 34 -1.72 5.09 -15.15
C LYS A 34 -2.69 3.93 -15.36
N ASP A 35 -2.24 2.91 -16.07
CA ASP A 35 -3.06 1.73 -16.34
C ASP A 35 -2.90 0.69 -15.24
N LYS A 36 -1.67 0.37 -14.90
CA LYS A 36 -1.38 -0.61 -13.87
C LYS A 36 -2.10 -0.26 -12.57
N ARG A 37 -2.26 1.03 -12.31
CA ARG A 37 -2.94 1.49 -11.10
C ARG A 37 -4.41 1.09 -11.13
N ARG A 38 -5.04 1.24 -12.28
CA ARG A 38 -6.45 0.89 -12.43
C ARG A 38 -6.66 -0.61 -12.22
N LYS A 39 -5.74 -1.41 -12.71
CA LYS A 39 -5.82 -2.86 -12.58
C LYS A 39 -5.77 -3.27 -11.10
N ILE A 40 -4.76 -2.77 -10.39
CA ILE A 40 -4.61 -3.09 -8.98
C ILE A 40 -5.86 -2.71 -8.18
N SER A 41 -6.50 -1.61 -8.59
CA SER A 41 -7.70 -1.14 -7.92
C SER A 41 -8.82 -2.17 -8.03
N ALA A 42 -8.76 -2.99 -9.07
CA ALA A 42 -9.76 -4.03 -9.28
C ALA A 42 -9.30 -5.36 -8.73
N ALA A 43 -7.99 -5.57 -8.69
CA ALA A 43 -7.41 -6.81 -8.20
C ALA A 43 -7.46 -6.86 -6.67
N THR A 44 -7.42 -5.69 -6.04
CA THR A 44 -7.46 -5.60 -4.59
C THR A 44 -8.65 -4.77 -4.11
N SER A 45 -9.59 -4.52 -5.03
CA SER A 45 -10.77 -3.72 -4.71
C SER A 45 -10.38 -2.41 -4.06
N LEU A 46 -9.26 -1.84 -4.50
CA LEU A 46 -8.79 -0.57 -3.96
C LEU A 46 -9.03 0.57 -4.94
N SER A 47 -8.60 1.77 -4.56
CA SER A 47 -8.79 2.95 -5.41
C SER A 47 -7.45 3.42 -5.97
N GLU A 48 -7.51 4.21 -7.03
CA GLU A 48 -6.31 4.74 -7.67
C GLU A 48 -5.49 5.55 -6.68
N ARG A 49 -6.18 6.22 -5.76
CA ARG A 49 -5.52 7.05 -4.76
C ARG A 49 -4.87 6.18 -3.67
N GLN A 50 -5.67 5.27 -3.11
CA GLN A 50 -5.18 4.38 -2.06
C GLN A 50 -3.89 3.69 -2.50
N ILE A 51 -3.94 3.06 -3.67
CA ILE A 51 -2.79 2.35 -4.20
C ILE A 51 -1.56 3.27 -4.28
N THR A 52 -1.81 4.52 -4.64
CA THR A 52 -0.73 5.50 -4.76
C THR A 52 -0.17 5.87 -3.39
N ILE A 53 -1.05 6.16 -2.44
CA ILE A 53 -0.64 6.52 -1.10
C ILE A 53 0.33 5.49 -0.53
N TRP A 54 0.01 4.22 -0.72
CA TRP A 54 0.86 3.13 -0.23
C TRP A 54 2.21 3.13 -0.96
N PHE A 55 2.16 3.17 -2.28
CA PHE A 55 3.37 3.17 -3.09
C PHE A 55 4.27 4.34 -2.73
N GLN A 56 3.65 5.47 -2.38
CA GLN A 56 4.39 6.67 -2.02
C GLN A 56 4.93 6.57 -0.60
N ASN A 57 4.05 6.21 0.34
CA ASN A 57 4.44 6.07 1.74
C ASN A 57 5.57 5.06 1.89
N ARG A 58 5.68 4.14 0.94
CA ARG A 58 6.72 3.12 0.98
C ARG A 58 8.07 3.71 0.57
N ARG A 59 8.09 4.43 -0.54
CA ARG A 59 9.32 5.04 -1.04
C ARG A 59 9.78 6.16 -0.11
N VAL A 60 8.84 7.01 0.28
CA VAL A 60 9.15 8.13 1.16
C VAL A 60 9.75 7.64 2.48
N LYS A 61 9.49 6.38 2.81
CA LYS A 61 10.00 5.79 4.04
C LYS A 61 11.49 5.46 3.91
N GLU A 62 11.91 5.13 2.68
CA GLU A 62 13.30 4.80 2.42
C GLU A 62 14.05 6.01 1.87
N LYS A 63 13.54 7.20 2.15
CA LYS A 63 14.17 8.43 1.69
C LYS A 63 15.03 9.04 2.78
N LYS A 64 14.62 8.86 4.03
CA LYS A 64 15.37 9.39 5.17
C LYS A 64 16.43 8.40 5.63
N SER A 65 17.68 8.65 5.25
CA SER A 65 18.78 7.79 5.63
C SER A 65 19.17 8.00 7.09
N GLY A 66 20.04 7.13 7.60
CA GLY A 66 20.48 7.25 8.98
C GLY A 66 21.42 6.13 9.38
N PRO A 67 20.85 4.93 9.59
CA PRO A 67 21.63 3.75 10.00
C PRO A 67 22.53 3.24 8.87
N SER A 68 23.78 2.91 9.21
CA SER A 68 24.74 2.43 8.23
C SER A 68 25.14 0.99 8.55
N SER A 69 25.44 0.74 9.82
CA SER A 69 25.85 -0.60 10.25
C SER A 69 25.03 -1.06 11.45
N GLY A 70 24.96 -0.21 12.47
CA GLY A 70 24.20 -0.55 13.66
C GLY A 70 24.74 0.12 14.91
N GLY A 1 -5.78 -22.20 22.56
CA GLY A 1 -6.98 -21.37 22.60
C GLY A 1 -6.66 -19.90 22.38
N SER A 2 -6.32 -19.56 21.15
CA SER A 2 -5.99 -18.18 20.80
C SER A 2 -7.22 -17.29 20.90
N SER A 3 -7.19 -16.35 21.86
CA SER A 3 -8.30 -15.44 22.06
C SER A 3 -7.85 -14.16 22.75
N GLY A 4 -8.06 -13.02 22.10
CA GLY A 4 -7.65 -11.76 22.67
C GLY A 4 -8.08 -10.58 21.82
N SER A 5 -8.43 -9.47 22.47
CA SER A 5 -8.86 -8.26 21.78
C SER A 5 -7.91 -7.10 22.04
N SER A 6 -7.78 -6.22 21.06
CA SER A 6 -6.90 -5.06 21.18
C SER A 6 -7.56 -3.81 20.63
N GLY A 7 -7.13 -2.65 21.13
CA GLY A 7 -7.71 -1.39 20.68
C GLY A 7 -7.42 -1.12 19.21
N ARG A 8 -7.44 0.15 18.83
CA ARG A 8 -7.19 0.54 17.45
C ARG A 8 -5.92 1.38 17.34
N LYS A 9 -4.78 0.71 17.30
CA LYS A 9 -3.49 1.39 17.20
C LYS A 9 -3.14 1.66 15.73
N LYS A 10 -2.39 2.74 15.51
CA LYS A 10 -1.98 3.11 14.17
C LYS A 10 -1.29 1.95 13.45
N ARG A 11 -2.01 1.31 12.54
CA ARG A 11 -1.47 0.18 11.80
C ARG A 11 -1.70 0.36 10.30
N ILE A 12 -1.10 -0.52 9.51
CA ILE A 12 -1.23 -0.46 8.05
C ILE A 12 -2.52 -1.15 7.59
N PRO A 13 -3.24 -0.48 6.67
CA PRO A 13 -4.50 -1.01 6.12
C PRO A 13 -4.27 -2.05 5.04
N TYR A 14 -5.34 -2.44 4.37
CA TYR A 14 -5.25 -3.44 3.30
C TYR A 14 -4.84 -4.80 3.86
N SER A 15 -5.74 -5.77 3.78
CA SER A 15 -5.47 -7.11 4.28
C SER A 15 -4.30 -7.74 3.54
N LYS A 16 -3.81 -8.86 4.06
CA LYS A 16 -2.69 -9.57 3.45
C LYS A 16 -2.95 -9.81 1.97
N GLY A 17 -4.22 -9.98 1.62
CA GLY A 17 -4.57 -10.22 0.22
C GLY A 17 -4.48 -8.98 -0.63
N GLN A 18 -4.79 -7.83 -0.03
CA GLN A 18 -4.74 -6.56 -0.74
C GLN A 18 -3.30 -6.04 -0.82
N LEU A 19 -2.52 -6.35 0.20
CA LEU A 19 -1.12 -5.92 0.25
C LEU A 19 -0.25 -6.78 -0.65
N ARG A 20 -0.76 -7.95 -1.03
CA ARG A 20 -0.03 -8.87 -1.89
C ARG A 20 0.23 -8.24 -3.25
N GLU A 21 -0.78 -7.58 -3.80
CA GLU A 21 -0.66 -6.93 -5.10
C GLU A 21 0.07 -5.59 -4.98
N LEU A 22 -0.12 -4.92 -3.85
CA LEU A 22 0.53 -3.64 -3.61
C LEU A 22 2.03 -3.80 -3.43
N GLU A 23 2.42 -4.93 -2.84
CA GLU A 23 3.83 -5.21 -2.61
C GLU A 23 4.49 -5.80 -3.86
N ARG A 24 3.77 -6.71 -4.52
CA ARG A 24 4.29 -7.35 -5.72
C ARG A 24 4.54 -6.32 -6.81
N GLU A 25 3.53 -5.52 -7.12
CA GLU A 25 3.65 -4.49 -8.15
C GLU A 25 4.75 -3.50 -7.80
N TYR A 26 4.89 -3.20 -6.51
CA TYR A 26 5.90 -2.27 -6.05
C TYR A 26 7.30 -2.83 -6.24
N ALA A 27 7.49 -4.08 -5.81
CA ALA A 27 8.79 -4.74 -5.93
C ALA A 27 9.27 -4.74 -7.37
N ALA A 28 8.33 -4.66 -8.31
CA ALA A 28 8.65 -4.64 -9.72
C ALA A 28 8.95 -3.23 -10.20
N ASN A 29 8.38 -2.24 -9.51
CA ASN A 29 8.57 -0.84 -9.86
C ASN A 29 8.14 0.08 -8.72
N LYS A 30 8.94 1.10 -8.45
CA LYS A 30 8.64 2.05 -7.39
C LYS A 30 7.41 2.88 -7.73
N PHE A 31 7.16 3.05 -9.02
CA PHE A 31 6.01 3.82 -9.48
C PHE A 31 5.32 3.12 -10.66
N ILE A 32 4.10 2.65 -10.41
CA ILE A 32 3.32 1.97 -11.44
C ILE A 32 2.89 2.94 -12.54
N THR A 33 2.12 2.42 -13.50
CA THR A 33 1.64 3.24 -14.60
C THR A 33 0.18 3.64 -14.39
N LYS A 34 -0.28 4.60 -15.19
CA LYS A 34 -1.66 5.08 -15.09
C LYS A 34 -2.64 3.95 -15.39
N ASP A 35 -2.18 2.95 -16.12
CA ASP A 35 -3.02 1.82 -16.48
C ASP A 35 -2.93 0.72 -15.44
N LYS A 36 -1.70 0.39 -15.05
CA LYS A 36 -1.48 -0.66 -14.05
C LYS A 36 -2.24 -0.35 -12.76
N ARG A 37 -2.35 0.92 -12.44
CA ARG A 37 -3.05 1.36 -11.23
C ARG A 37 -4.50 0.90 -11.27
N ARG A 38 -5.16 1.12 -12.40
CA ARG A 38 -6.56 0.74 -12.56
C ARG A 38 -6.75 -0.76 -12.30
N LYS A 39 -5.82 -1.56 -12.81
CA LYS A 39 -5.89 -3.01 -12.62
C LYS A 39 -5.81 -3.37 -11.15
N ILE A 40 -4.80 -2.87 -10.46
CA ILE A 40 -4.62 -3.14 -9.04
C ILE A 40 -5.88 -2.78 -8.25
N SER A 41 -6.55 -1.70 -8.68
CA SER A 41 -7.75 -1.24 -8.02
C SER A 41 -8.87 -2.29 -8.11
N ALA A 42 -8.78 -3.14 -9.12
CA ALA A 42 -9.77 -4.19 -9.33
C ALA A 42 -9.37 -5.47 -8.61
N ALA A 43 -8.10 -5.84 -8.75
CA ALA A 43 -7.59 -7.05 -8.12
C ALA A 43 -7.60 -6.93 -6.61
N THR A 44 -7.51 -5.69 -6.11
CA THR A 44 -7.51 -5.43 -4.68
C THR A 44 -8.80 -4.75 -4.25
N SER A 45 -9.60 -4.32 -5.22
CA SER A 45 -10.86 -3.65 -4.93
C SER A 45 -10.62 -2.34 -4.20
N LEU A 46 -9.49 -1.71 -4.47
CA LEU A 46 -9.14 -0.45 -3.83
C LEU A 46 -9.30 0.71 -4.81
N SER A 47 -8.95 1.92 -4.35
CA SER A 47 -9.07 3.11 -5.17
C SER A 47 -7.70 3.50 -5.75
N GLU A 48 -7.72 4.20 -6.87
CA GLU A 48 -6.50 4.63 -7.53
C GLU A 48 -5.59 5.37 -6.54
N ARG A 49 -6.16 6.32 -5.82
CA ARG A 49 -5.41 7.10 -4.84
C ARG A 49 -4.86 6.20 -3.74
N GLN A 50 -5.71 5.34 -3.20
CA GLN A 50 -5.31 4.43 -2.14
C GLN A 50 -4.06 3.65 -2.53
N ILE A 51 -4.08 3.07 -3.73
CA ILE A 51 -2.95 2.29 -4.22
C ILE A 51 -1.71 3.17 -4.39
N THR A 52 -1.94 4.44 -4.71
CA THR A 52 -0.84 5.39 -4.90
C THR A 52 -0.20 5.75 -3.57
N ILE A 53 -1.03 6.13 -2.60
CA ILE A 53 -0.54 6.50 -1.27
C ILE A 53 0.38 5.43 -0.71
N TRP A 54 -0.03 4.17 -0.84
CA TRP A 54 0.76 3.05 -0.35
C TRP A 54 2.16 3.05 -0.96
N PHE A 55 2.21 3.10 -2.29
CA PHE A 55 3.48 3.11 -3.00
C PHE A 55 4.38 4.24 -2.51
N GLN A 56 3.75 5.36 -2.14
CA GLN A 56 4.48 6.53 -1.66
C GLN A 56 5.08 6.26 -0.27
N ASN A 57 4.23 5.85 0.66
CA ASN A 57 4.67 5.57 2.02
C ASN A 57 5.85 4.60 2.02
N ARG A 58 5.90 3.74 1.00
CA ARG A 58 6.98 2.76 0.89
C ARG A 58 8.28 3.45 0.47
N ARG A 59 8.23 4.14 -0.66
CA ARG A 59 9.42 4.84 -1.17
C ARG A 59 9.88 5.92 -0.19
N VAL A 60 8.94 6.42 0.60
CA VAL A 60 9.25 7.47 1.58
C VAL A 60 9.79 6.86 2.87
N LYS A 61 9.48 5.59 3.10
CA LYS A 61 9.94 4.89 4.29
C LYS A 61 11.38 4.42 4.13
N GLU A 62 11.77 4.14 2.89
CA GLU A 62 13.13 3.68 2.60
C GLU A 62 14.11 4.84 2.65
N LYS A 63 13.62 6.05 2.40
CA LYS A 63 14.45 7.24 2.42
C LYS A 63 14.36 7.96 3.76
N LYS A 64 13.20 7.84 4.40
CA LYS A 64 12.98 8.47 5.70
C LYS A 64 13.03 7.44 6.83
N SER A 65 13.96 7.63 7.76
CA SER A 65 14.12 6.72 8.89
C SER A 65 12.80 6.57 9.64
N GLY A 66 12.58 5.38 10.19
CA GLY A 66 11.36 5.12 10.94
C GLY A 66 11.21 3.66 11.33
N PRO A 67 10.86 2.81 10.35
CA PRO A 67 10.68 1.37 10.57
C PRO A 67 12.00 0.66 10.85
N SER A 68 11.92 -0.55 11.39
CA SER A 68 13.11 -1.33 11.71
C SER A 68 12.80 -2.83 11.63
N SER A 69 13.81 -3.62 11.28
CA SER A 69 13.66 -5.06 11.17
C SER A 69 13.15 -5.65 12.48
N GLY A 70 13.77 -5.24 13.59
CA GLY A 70 13.36 -5.75 14.88
C GLY A 70 14.01 -7.08 15.22
N GLY A 1 -14.42 -2.47 -6.10
CA GLY A 1 -14.73 -1.27 -6.86
C GLY A 1 -14.02 -0.03 -6.32
N SER A 2 -14.46 0.44 -5.16
CA SER A 2 -13.85 1.62 -4.54
C SER A 2 -14.43 1.86 -3.15
N SER A 3 -13.62 2.46 -2.28
CA SER A 3 -14.05 2.74 -0.92
C SER A 3 -13.81 4.21 -0.57
N GLY A 4 -14.91 4.93 -0.31
CA GLY A 4 -14.80 6.33 0.04
C GLY A 4 -13.85 6.58 1.19
N SER A 5 -13.51 7.84 1.42
CA SER A 5 -12.60 8.21 2.50
C SER A 5 -13.08 7.64 3.83
N SER A 6 -12.14 7.43 4.75
CA SER A 6 -12.46 6.88 6.06
C SER A 6 -11.28 7.03 7.02
N GLY A 7 -11.58 7.11 8.31
CA GLY A 7 -10.54 7.26 9.31
C GLY A 7 -9.78 5.97 9.55
N ARG A 8 -9.14 5.89 10.71
CA ARG A 8 -8.36 4.69 11.06
C ARG A 8 -8.29 4.52 12.57
N LYS A 9 -8.98 3.50 13.08
CA LYS A 9 -9.00 3.22 14.51
C LYS A 9 -8.34 1.88 14.81
N LYS A 10 -8.30 1.00 13.81
CA LYS A 10 -7.69 -0.31 13.97
C LYS A 10 -6.25 -0.31 13.47
N ARG A 11 -5.61 -1.47 13.53
CA ARG A 11 -4.23 -1.61 13.09
C ARG A 11 -4.09 -1.28 11.61
N ILE A 12 -2.92 -1.56 11.05
CA ILE A 12 -2.66 -1.30 9.65
C ILE A 12 -3.76 -1.91 8.76
N PRO A 13 -4.22 -1.12 7.78
CA PRO A 13 -5.27 -1.55 6.85
C PRO A 13 -4.73 -2.45 5.74
N TYR A 14 -5.56 -2.72 4.75
CA TYR A 14 -5.16 -3.57 3.63
C TYR A 14 -4.87 -4.99 4.10
N SER A 15 -5.74 -5.92 3.72
CA SER A 15 -5.59 -7.32 4.10
C SER A 15 -4.43 -7.96 3.34
N LYS A 16 -4.03 -9.16 3.77
CA LYS A 16 -2.94 -9.87 3.12
C LYS A 16 -3.21 -10.06 1.63
N GLY A 17 -4.48 -10.17 1.29
CA GLY A 17 -4.86 -10.34 -0.11
C GLY A 17 -4.70 -9.08 -0.91
N GLN A 18 -4.89 -7.93 -0.26
CA GLN A 18 -4.76 -6.64 -0.94
C GLN A 18 -3.30 -6.22 -1.02
N LEU A 19 -2.58 -6.37 0.08
CA LEU A 19 -1.17 -6.00 0.14
C LEU A 19 -0.33 -6.94 -0.73
N ARG A 20 -0.84 -8.14 -0.96
CA ARG A 20 -0.14 -9.12 -1.78
C ARG A 20 0.13 -8.58 -3.17
N GLU A 21 -0.82 -7.84 -3.72
CA GLU A 21 -0.69 -7.27 -5.04
C GLU A 21 0.11 -5.96 -5.00
N LEU A 22 -0.11 -5.19 -3.94
CA LEU A 22 0.59 -3.92 -3.77
C LEU A 22 2.09 -4.14 -3.63
N GLU A 23 2.46 -5.03 -2.72
CA GLU A 23 3.87 -5.33 -2.48
C GLU A 23 4.52 -5.95 -3.72
N ARG A 24 3.77 -6.79 -4.42
CA ARG A 24 4.26 -7.44 -5.62
C ARG A 24 4.62 -6.41 -6.69
N GLU A 25 3.64 -5.61 -7.10
CA GLU A 25 3.87 -4.59 -8.11
C GLU A 25 5.03 -3.69 -7.73
N TYR A 26 5.13 -3.38 -6.44
CA TYR A 26 6.20 -2.52 -5.94
C TYR A 26 7.57 -3.10 -6.30
N ALA A 27 7.74 -4.39 -6.05
CA ALA A 27 9.01 -5.07 -6.34
C ALA A 27 9.32 -5.00 -7.83
N ALA A 28 8.28 -4.90 -8.66
CA ALA A 28 8.44 -4.84 -10.10
C ALA A 28 8.71 -3.41 -10.56
N ASN A 29 8.17 -2.45 -9.82
CA ASN A 29 8.34 -1.04 -10.15
C ASN A 29 7.84 -0.15 -9.01
N LYS A 30 8.76 0.53 -8.35
CA LYS A 30 8.42 1.42 -7.25
C LYS A 30 7.34 2.42 -7.67
N PHE A 31 7.35 2.80 -8.94
CA PHE A 31 6.37 3.74 -9.47
C PHE A 31 5.59 3.12 -10.62
N ILE A 32 4.30 2.89 -10.39
CA ILE A 32 3.44 2.29 -11.40
C ILE A 32 2.96 3.35 -12.40
N THR A 33 2.18 2.92 -13.38
CA THR A 33 1.65 3.81 -14.39
C THR A 33 0.17 4.11 -14.16
N LYS A 34 -0.40 4.96 -15.01
CA LYS A 34 -1.81 5.32 -14.90
C LYS A 34 -2.70 4.11 -15.19
N ASP A 35 -2.17 3.15 -15.94
CA ASP A 35 -2.93 1.95 -16.28
C ASP A 35 -2.77 0.88 -15.21
N LYS A 36 -1.53 0.60 -14.83
CA LYS A 36 -1.24 -0.39 -13.81
C LYS A 36 -2.03 -0.12 -12.54
N ARG A 37 -2.18 1.16 -12.21
CA ARG A 37 -2.92 1.56 -11.02
C ARG A 37 -4.37 1.13 -11.11
N ARG A 38 -4.94 1.16 -12.31
CA ARG A 38 -6.32 0.77 -12.53
C ARG A 38 -6.50 -0.73 -12.32
N LYS A 39 -5.51 -1.50 -12.75
CA LYS A 39 -5.56 -2.95 -12.61
C LYS A 39 -5.56 -3.36 -11.13
N ILE A 40 -4.59 -2.83 -10.39
CA ILE A 40 -4.48 -3.13 -8.97
C ILE A 40 -5.76 -2.79 -8.23
N SER A 41 -6.44 -1.72 -8.66
CA SER A 41 -7.68 -1.29 -8.05
C SER A 41 -8.80 -2.30 -8.32
N ALA A 42 -8.66 -3.04 -9.40
CA ALA A 42 -9.65 -4.05 -9.78
C ALA A 42 -9.46 -5.33 -8.99
N ALA A 43 -8.20 -5.67 -8.72
CA ALA A 43 -7.87 -6.88 -7.97
C ALA A 43 -8.06 -6.68 -6.48
N THR A 44 -7.30 -5.73 -5.91
CA THR A 44 -7.38 -5.44 -4.49
C THR A 44 -8.68 -4.73 -4.15
N SER A 45 -9.41 -4.30 -5.18
CA SER A 45 -10.67 -3.60 -4.99
C SER A 45 -10.46 -2.28 -4.25
N LEU A 46 -9.27 -1.70 -4.43
CA LEU A 46 -8.94 -0.43 -3.78
C LEU A 46 -9.09 0.73 -4.75
N SER A 47 -8.96 1.95 -4.23
CA SER A 47 -9.09 3.14 -5.06
C SER A 47 -7.74 3.56 -5.62
N GLU A 48 -7.76 4.18 -6.80
CA GLU A 48 -6.54 4.63 -7.45
C GLU A 48 -5.69 5.48 -6.50
N ARG A 49 -6.36 6.22 -5.63
CA ARG A 49 -5.68 7.08 -4.66
C ARG A 49 -5.05 6.24 -3.55
N GLN A 50 -5.82 5.29 -3.03
CA GLN A 50 -5.35 4.43 -1.96
C GLN A 50 -4.08 3.69 -2.37
N ILE A 51 -4.09 3.12 -3.57
CA ILE A 51 -2.94 2.40 -4.08
C ILE A 51 -1.72 3.31 -4.22
N THR A 52 -1.96 4.54 -4.68
CA THR A 52 -0.89 5.51 -4.86
C THR A 52 -0.26 5.88 -3.52
N ILE A 53 -1.09 6.29 -2.56
CA ILE A 53 -0.61 6.67 -1.24
C ILE A 53 0.27 5.57 -0.65
N TRP A 54 -0.24 4.35 -0.63
CA TRP A 54 0.50 3.22 -0.09
C TRP A 54 1.85 3.07 -0.77
N PHE A 55 1.89 3.32 -2.06
CA PHE A 55 3.13 3.23 -2.82
C PHE A 55 4.06 4.38 -2.50
N GLN A 56 3.49 5.48 -2.02
CA GLN A 56 4.27 6.66 -1.67
C GLN A 56 4.93 6.49 -0.30
N ASN A 57 4.16 6.00 0.67
CA ASN A 57 4.67 5.78 2.02
C ASN A 57 5.85 4.81 2.00
N ARG A 58 5.94 4.01 0.95
CA ARG A 58 7.01 3.04 0.81
C ARG A 58 8.32 3.72 0.39
N ARG A 59 8.24 4.50 -0.69
CA ARG A 59 9.41 5.20 -1.19
C ARG A 59 9.81 6.34 -0.26
N VAL A 60 8.82 7.02 0.31
CA VAL A 60 9.08 8.12 1.23
C VAL A 60 9.67 7.62 2.53
N LYS A 61 9.45 6.34 2.83
CA LYS A 61 9.97 5.74 4.05
C LYS A 61 11.49 5.72 4.03
N GLU A 62 12.06 5.08 3.02
CA GLU A 62 13.51 4.98 2.89
C GLU A 62 14.15 6.36 2.86
N LYS A 63 13.39 7.35 2.41
CA LYS A 63 13.88 8.72 2.34
C LYS A 63 13.12 9.62 3.31
N LYS A 64 12.72 9.06 4.44
CA LYS A 64 11.99 9.81 5.46
C LYS A 64 12.94 10.43 6.47
N SER A 65 12.52 11.52 7.08
CA SER A 65 13.34 12.22 8.07
C SER A 65 12.56 12.46 9.36
N GLY A 66 12.71 11.54 10.31
CA GLY A 66 12.00 11.66 11.58
C GLY A 66 12.83 11.15 12.74
N PRO A 67 12.18 10.98 13.90
CA PRO A 67 12.83 10.50 15.11
C PRO A 67 13.24 9.03 15.01
N SER A 68 14.24 8.64 15.80
CA SER A 68 14.72 7.26 15.80
C SER A 68 13.59 6.29 16.11
N SER A 69 13.55 5.19 15.38
CA SER A 69 12.52 4.18 15.57
C SER A 69 13.14 2.85 16.03
N GLY A 70 14.28 2.51 15.46
CA GLY A 70 14.95 1.28 15.81
C GLY A 70 15.81 0.73 14.69
N GLY A 1 -4.04 -14.06 16.46
CA GLY A 1 -5.03 -13.05 16.11
C GLY A 1 -4.81 -12.48 14.72
N SER A 2 -5.26 -13.21 13.70
CA SER A 2 -5.11 -12.78 12.31
C SER A 2 -6.11 -11.69 11.97
N SER A 3 -5.74 -10.44 12.25
CA SER A 3 -6.61 -9.31 11.98
C SER A 3 -7.88 -9.39 12.81
N GLY A 4 -7.79 -10.04 13.96
CA GLY A 4 -8.95 -10.17 14.83
C GLY A 4 -8.62 -9.87 16.28
N SER A 5 -9.26 -8.83 16.81
CA SER A 5 -9.03 -8.43 18.20
C SER A 5 -10.18 -7.58 18.72
N SER A 6 -10.32 -7.51 20.04
CA SER A 6 -11.39 -6.73 20.66
C SER A 6 -10.82 -5.82 21.75
N GLY A 7 -11.24 -4.55 21.73
CA GLY A 7 -10.78 -3.61 22.72
C GLY A 7 -9.58 -2.81 22.24
N ARG A 8 -8.66 -3.47 21.55
CA ARG A 8 -7.47 -2.82 21.04
C ARG A 8 -7.84 -1.68 20.09
N LYS A 9 -6.83 -1.07 19.48
CA LYS A 9 -7.04 0.03 18.55
C LYS A 9 -6.79 -0.42 17.11
N LYS A 10 -7.23 0.41 16.17
CA LYS A 10 -7.06 0.10 14.74
C LYS A 10 -5.58 0.06 14.37
N ARG A 11 -5.24 -0.76 13.39
CA ARG A 11 -3.87 -0.90 12.93
C ARG A 11 -3.76 -0.65 11.44
N ILE A 12 -2.60 -0.95 10.87
CA ILE A 12 -2.36 -0.75 9.44
C ILE A 12 -3.46 -1.41 8.62
N PRO A 13 -3.96 -0.69 7.60
CA PRO A 13 -5.02 -1.20 6.71
C PRO A 13 -4.47 -2.13 5.64
N TYR A 14 -5.32 -2.47 4.68
CA TYR A 14 -4.93 -3.37 3.59
C TYR A 14 -4.60 -4.75 4.13
N SER A 15 -5.46 -5.72 3.82
CA SER A 15 -5.26 -7.09 4.27
C SER A 15 -4.08 -7.73 3.55
N LYS A 16 -3.64 -8.88 4.06
CA LYS A 16 -2.52 -9.59 3.47
C LYS A 16 -2.79 -9.91 1.99
N GLY A 17 -4.06 -9.95 1.63
CA GLY A 17 -4.42 -10.23 0.25
C GLY A 17 -4.34 -9.02 -0.64
N GLN A 18 -4.72 -7.85 -0.10
CA GLN A 18 -4.68 -6.61 -0.85
C GLN A 18 -3.25 -6.09 -0.97
N LEU A 19 -2.46 -6.31 0.07
CA LEU A 19 -1.07 -5.85 0.08
C LEU A 19 -0.21 -6.73 -0.81
N ARG A 20 -0.73 -7.91 -1.15
CA ARG A 20 0.00 -8.84 -2.01
C ARG A 20 0.21 -8.25 -3.40
N GLU A 21 -0.79 -7.54 -3.89
CA GLU A 21 -0.71 -6.92 -5.21
C GLU A 21 0.08 -5.62 -5.16
N LEU A 22 -0.07 -4.89 -4.05
CA LEU A 22 0.63 -3.63 -3.87
C LEU A 22 2.12 -3.85 -3.69
N GLU A 23 2.48 -4.83 -2.87
CA GLU A 23 3.88 -5.14 -2.60
C GLU A 23 4.53 -5.75 -3.84
N ARG A 24 3.81 -6.65 -4.50
CA ARG A 24 4.33 -7.31 -5.69
C ARG A 24 4.67 -6.28 -6.78
N GLU A 25 3.66 -5.51 -7.18
CA GLU A 25 3.86 -4.49 -8.20
C GLU A 25 5.00 -3.55 -7.83
N TYR A 26 5.10 -3.24 -6.55
CA TYR A 26 6.14 -2.33 -6.06
C TYR A 26 7.52 -2.94 -6.28
N ALA A 27 7.69 -4.19 -5.88
CA ALA A 27 8.97 -4.88 -6.03
C ALA A 27 9.38 -4.94 -7.49
N ALA A 28 8.40 -4.91 -8.39
CA ALA A 28 8.66 -4.96 -9.82
C ALA A 28 8.91 -3.56 -10.38
N ASN A 29 8.22 -2.57 -9.83
CA ASN A 29 8.36 -1.19 -10.27
C ASN A 29 8.02 -0.22 -9.15
N LYS A 30 8.85 0.80 -8.98
CA LYS A 30 8.63 1.81 -7.96
C LYS A 30 7.37 2.63 -8.23
N PHE A 31 7.15 2.94 -9.51
CA PHE A 31 5.98 3.71 -9.91
C PHE A 31 5.19 2.98 -10.99
N ILE A 32 3.89 2.86 -10.78
CA ILE A 32 3.02 2.18 -11.74
C ILE A 32 2.39 3.17 -12.72
N THR A 33 1.85 2.65 -13.81
CA THR A 33 1.22 3.49 -14.82
C THR A 33 -0.29 3.51 -14.65
N LYS A 34 -0.94 4.46 -15.33
CA LYS A 34 -2.40 4.59 -15.26
C LYS A 34 -3.08 3.29 -15.67
N ASP A 35 -2.40 2.51 -16.52
CA ASP A 35 -2.95 1.25 -16.99
C ASP A 35 -2.72 0.14 -15.97
N LYS A 36 -1.80 0.38 -15.05
CA LYS A 36 -1.48 -0.59 -14.00
C LYS A 36 -2.24 -0.28 -12.72
N ARG A 37 -2.42 1.00 -12.44
CA ARG A 37 -3.14 1.44 -11.24
C ARG A 37 -4.61 1.03 -11.31
N ARG A 38 -5.12 0.88 -12.52
CA ARG A 38 -6.52 0.51 -12.72
C ARG A 38 -6.73 -0.96 -12.38
N LYS A 39 -5.80 -1.80 -12.81
CA LYS A 39 -5.88 -3.24 -12.55
C LYS A 39 -5.81 -3.53 -11.05
N ILE A 40 -4.79 -2.98 -10.40
CA ILE A 40 -4.61 -3.18 -8.96
C ILE A 40 -5.86 -2.77 -8.19
N SER A 41 -6.48 -1.68 -8.62
CA SER A 41 -7.69 -1.19 -7.97
C SER A 41 -8.82 -2.20 -8.08
N ALA A 42 -8.75 -3.05 -9.10
CA ALA A 42 -9.77 -4.07 -9.31
C ALA A 42 -9.41 -5.37 -8.59
N ALA A 43 -8.14 -5.76 -8.69
CA ALA A 43 -7.66 -6.98 -8.05
C ALA A 43 -7.65 -6.84 -6.53
N THR A 44 -7.53 -5.60 -6.06
CA THR A 44 -7.51 -5.33 -4.63
C THR A 44 -8.78 -4.62 -4.19
N SER A 45 -9.57 -4.16 -5.15
CA SER A 45 -10.82 -3.46 -4.86
C SER A 45 -10.54 -2.15 -4.13
N LEU A 46 -9.38 -1.56 -4.38
CA LEU A 46 -8.99 -0.31 -3.74
C LEU A 46 -9.11 0.86 -4.70
N SER A 47 -9.02 2.08 -4.17
CA SER A 47 -9.12 3.28 -5.00
C SER A 47 -7.78 3.61 -5.63
N GLU A 48 -7.83 4.23 -6.81
CA GLU A 48 -6.62 4.60 -7.53
C GLU A 48 -5.68 5.41 -6.63
N ARG A 49 -6.27 6.22 -5.75
CA ARG A 49 -5.49 7.05 -4.84
C ARG A 49 -4.90 6.20 -3.71
N GLN A 50 -5.73 5.39 -3.09
CA GLN A 50 -5.29 4.52 -2.00
C GLN A 50 -4.07 3.72 -2.41
N ILE A 51 -4.10 3.15 -3.60
CA ILE A 51 -3.00 2.36 -4.10
C ILE A 51 -1.74 3.19 -4.25
N THR A 52 -1.90 4.43 -4.73
CA THR A 52 -0.78 5.33 -4.92
C THR A 52 -0.18 5.74 -3.58
N ILE A 53 -1.02 6.17 -2.65
CA ILE A 53 -0.57 6.59 -1.34
C ILE A 53 0.32 5.52 -0.70
N TRP A 54 -0.15 4.28 -0.74
CA TRP A 54 0.61 3.16 -0.17
C TRP A 54 1.99 3.05 -0.79
N PHE A 55 2.06 3.27 -2.10
CA PHE A 55 3.33 3.19 -2.83
C PHE A 55 4.25 4.34 -2.41
N GLN A 56 3.66 5.46 -2.01
CA GLN A 56 4.43 6.63 -1.58
C GLN A 56 5.01 6.42 -0.19
N ASN A 57 4.17 6.00 0.74
CA ASN A 57 4.59 5.76 2.11
C ASN A 57 5.71 4.72 2.17
N ARG A 58 5.78 3.89 1.12
CA ARG A 58 6.80 2.85 1.05
C ARG A 58 8.15 3.44 0.67
N ARG A 59 8.18 4.18 -0.43
CA ARG A 59 9.42 4.80 -0.89
C ARG A 59 9.86 5.92 0.05
N VAL A 60 8.93 6.81 0.37
CA VAL A 60 9.22 7.93 1.26
C VAL A 60 9.80 7.45 2.57
N LYS A 61 9.45 6.22 2.95
CA LYS A 61 9.93 5.64 4.20
C LYS A 61 11.45 5.73 4.28
N GLU A 62 12.14 5.18 3.28
CA GLU A 62 13.60 5.20 3.25
C GLU A 62 14.11 6.62 3.02
N LYS A 63 13.31 7.42 2.34
CA LYS A 63 13.69 8.81 2.04
C LYS A 63 13.80 9.62 3.33
N LYS A 64 13.02 9.25 4.34
CA LYS A 64 13.04 9.94 5.62
C LYS A 64 14.42 9.89 6.25
N SER A 65 14.84 11.01 6.84
CA SER A 65 16.16 11.09 7.48
C SER A 65 16.13 10.45 8.86
N GLY A 66 17.12 9.62 9.14
CA GLY A 66 17.20 8.95 10.44
C GLY A 66 18.06 7.71 10.40
N PRO A 67 18.12 6.99 11.53
CA PRO A 67 18.91 5.77 11.65
C PRO A 67 18.34 4.62 10.83
N SER A 68 19.11 4.17 9.85
CA SER A 68 18.67 3.07 8.98
C SER A 68 19.63 1.89 9.09
N SER A 69 19.10 0.69 8.88
CA SER A 69 19.91 -0.53 8.95
C SER A 69 20.63 -0.62 10.30
N GLY A 70 20.01 -0.05 11.33
CA GLY A 70 20.61 -0.08 12.65
C GLY A 70 21.50 1.11 12.91
N GLY A 1 -8.94 -12.85 27.56
CA GLY A 1 -8.86 -12.69 26.11
C GLY A 1 -8.71 -11.26 25.69
N SER A 2 -7.60 -10.95 25.04
CA SER A 2 -7.33 -9.58 24.58
C SER A 2 -6.29 -9.58 23.45
N SER A 3 -6.49 -8.70 22.47
CA SER A 3 -5.58 -8.60 21.34
C SER A 3 -4.81 -7.29 21.39
N GLY A 4 -5.46 -6.24 21.86
CA GLY A 4 -4.82 -4.94 21.95
C GLY A 4 -4.20 -4.68 23.31
N SER A 5 -2.90 -4.96 23.43
CA SER A 5 -2.20 -4.76 24.69
C SER A 5 -2.22 -3.29 25.10
N SER A 6 -2.33 -2.41 24.10
CA SER A 6 -2.35 -0.97 24.36
C SER A 6 -3.63 -0.35 23.83
N GLY A 7 -4.76 -0.79 24.37
CA GLY A 7 -6.04 -0.26 23.94
C GLY A 7 -6.36 -0.60 22.51
N ARG A 8 -7.36 0.07 21.94
CA ARG A 8 -7.76 -0.16 20.57
C ARG A 8 -7.49 1.07 19.70
N LYS A 9 -6.85 0.85 18.55
CA LYS A 9 -6.52 1.94 17.64
C LYS A 9 -6.82 1.54 16.20
N LYS A 10 -6.38 2.37 15.26
CA LYS A 10 -6.60 2.11 13.84
C LYS A 10 -5.33 1.53 13.20
N ARG A 11 -5.10 0.25 13.43
CA ARG A 11 -3.93 -0.43 12.88
C ARG A 11 -3.83 -0.19 11.37
N ILE A 12 -2.68 -0.54 10.79
CA ILE A 12 -2.46 -0.37 9.36
C ILE A 12 -3.58 -1.03 8.56
N PRO A 13 -4.07 -0.32 7.53
CA PRO A 13 -5.14 -0.81 6.67
C PRO A 13 -4.62 -1.78 5.61
N TYR A 14 -5.48 -2.12 4.65
CA TYR A 14 -5.11 -3.04 3.59
C TYR A 14 -4.81 -4.43 4.14
N SER A 15 -5.71 -5.37 3.90
CA SER A 15 -5.54 -6.74 4.38
C SER A 15 -4.33 -7.39 3.72
N LYS A 16 -4.13 -8.67 4.02
CA LYS A 16 -3.01 -9.43 3.46
C LYS A 16 -3.23 -9.70 1.98
N GLY A 17 -4.45 -10.06 1.62
CA GLY A 17 -4.77 -10.34 0.23
C GLY A 17 -4.66 -9.11 -0.65
N GLN A 18 -4.89 -7.94 -0.07
CA GLN A 18 -4.83 -6.69 -0.81
C GLN A 18 -3.37 -6.26 -1.00
N LEU A 19 -2.65 -6.14 0.11
CA LEU A 19 -1.25 -5.73 0.06
C LEU A 19 -0.41 -6.71 -0.76
N ARG A 20 -0.88 -7.95 -0.84
CA ARG A 20 -0.18 -8.98 -1.59
C ARG A 20 0.10 -8.51 -3.03
N GLU A 21 -0.88 -7.84 -3.62
CA GLU A 21 -0.75 -7.34 -4.98
C GLU A 21 0.08 -6.06 -5.01
N LEU A 22 -0.11 -5.21 -4.00
CA LEU A 22 0.62 -3.95 -3.91
C LEU A 22 2.12 -4.20 -3.83
N GLU A 23 2.52 -5.08 -2.91
CA GLU A 23 3.93 -5.40 -2.73
C GLU A 23 4.52 -6.00 -4.01
N ARG A 24 3.72 -6.80 -4.70
CA ARG A 24 4.16 -7.43 -5.93
C ARG A 24 4.53 -6.39 -6.98
N GLU A 25 3.59 -5.48 -7.27
CA GLU A 25 3.82 -4.43 -8.25
C GLU A 25 4.94 -3.51 -7.81
N TYR A 26 5.01 -3.23 -6.51
CA TYR A 26 6.04 -2.36 -5.96
C TYR A 26 7.42 -2.93 -6.22
N ALA A 27 7.59 -4.21 -5.94
CA ALA A 27 8.87 -4.89 -6.14
C ALA A 27 9.35 -4.74 -7.58
N ALA A 28 8.39 -4.59 -8.50
CA ALA A 28 8.71 -4.44 -9.91
C ALA A 28 9.06 -3.00 -10.26
N ASN A 29 8.41 -2.06 -9.55
CA ASN A 29 8.66 -0.64 -9.79
C ASN A 29 8.08 0.20 -8.65
N LYS A 30 8.91 1.08 -8.10
CA LYS A 30 8.49 1.95 -7.00
C LYS A 30 7.31 2.81 -7.42
N PHE A 31 7.20 3.09 -8.71
CA PHE A 31 6.11 3.90 -9.25
C PHE A 31 5.42 3.20 -10.41
N ILE A 32 4.14 2.93 -10.25
CA ILE A 32 3.36 2.26 -11.29
C ILE A 32 2.81 3.27 -12.29
N THR A 33 2.07 2.77 -13.28
CA THR A 33 1.48 3.62 -14.30
C THR A 33 -0.05 3.59 -14.23
N LYS A 34 -0.69 4.57 -14.85
CA LYS A 34 -2.15 4.66 -14.86
C LYS A 34 -2.76 3.39 -15.45
N ASP A 35 -1.98 2.68 -16.26
CA ASP A 35 -2.45 1.46 -16.88
C ASP A 35 -2.32 0.28 -15.93
N LYS A 36 -1.49 0.44 -14.91
CA LYS A 36 -1.27 -0.61 -13.92
C LYS A 36 -2.11 -0.37 -12.67
N ARG A 37 -2.26 0.91 -12.30
CA ARG A 37 -3.04 1.27 -11.12
C ARG A 37 -4.51 0.91 -11.32
N ARG A 38 -4.95 0.90 -12.57
CA ARG A 38 -6.34 0.58 -12.89
C ARG A 38 -6.64 -0.88 -12.57
N LYS A 39 -5.72 -1.77 -12.94
CA LYS A 39 -5.90 -3.20 -12.69
C LYS A 39 -5.89 -3.50 -11.20
N ILE A 40 -4.87 -3.00 -10.50
CA ILE A 40 -4.77 -3.22 -9.06
C ILE A 40 -6.04 -2.80 -8.35
N SER A 41 -6.65 -1.71 -8.80
CA SER A 41 -7.88 -1.21 -8.19
C SER A 41 -8.99 -2.26 -8.27
N ALA A 42 -8.91 -3.12 -9.27
CA ALA A 42 -9.90 -4.17 -9.45
C ALA A 42 -9.48 -5.45 -8.75
N ALA A 43 -8.18 -5.61 -8.54
CA ALA A 43 -7.64 -6.79 -7.88
C ALA A 43 -7.82 -6.70 -6.36
N THR A 44 -7.36 -5.60 -5.79
CA THR A 44 -7.47 -5.38 -4.35
C THR A 44 -8.69 -4.54 -4.01
N SER A 45 -9.54 -4.30 -5.01
CA SER A 45 -10.75 -3.51 -4.82
C SER A 45 -10.42 -2.18 -4.15
N LEU A 46 -9.26 -1.63 -4.48
CA LEU A 46 -8.82 -0.35 -3.92
C LEU A 46 -8.93 0.76 -4.95
N SER A 47 -8.82 2.00 -4.49
CA SER A 47 -8.90 3.16 -5.37
C SER A 47 -7.52 3.55 -5.89
N GLU A 48 -7.48 4.17 -7.06
CA GLU A 48 -6.22 4.59 -7.66
C GLU A 48 -5.41 5.44 -6.68
N ARG A 49 -6.10 6.27 -5.91
CA ARG A 49 -5.45 7.13 -4.92
C ARG A 49 -4.88 6.30 -3.78
N GLN A 50 -5.70 5.43 -3.20
CA GLN A 50 -5.28 4.59 -2.10
C GLN A 50 -3.99 3.85 -2.44
N ILE A 51 -4.02 3.12 -3.54
CA ILE A 51 -2.84 2.36 -3.98
C ILE A 51 -1.62 3.26 -4.08
N THR A 52 -1.82 4.46 -4.61
CA THR A 52 -0.73 5.42 -4.76
C THR A 52 -0.12 5.78 -3.41
N ILE A 53 -0.97 6.11 -2.45
CA ILE A 53 -0.51 6.48 -1.12
C ILE A 53 0.42 5.42 -0.56
N TRP A 54 0.00 4.16 -0.64
CA TRP A 54 0.81 3.05 -0.13
C TRP A 54 2.16 3.00 -0.83
N PHE A 55 2.13 3.10 -2.16
CA PHE A 55 3.37 3.06 -2.95
C PHE A 55 4.27 4.22 -2.60
N GLN A 56 3.67 5.35 -2.23
CA GLN A 56 4.43 6.55 -1.88
C GLN A 56 5.06 6.39 -0.50
N ASN A 57 4.23 6.08 0.50
CA ASN A 57 4.71 5.90 1.86
C ASN A 57 5.83 4.87 1.92
N ARG A 58 5.80 3.91 1.01
CA ARG A 58 6.82 2.87 0.96
C ARG A 58 8.18 3.46 0.59
N ARG A 59 8.17 4.36 -0.37
CA ARG A 59 9.41 5.00 -0.82
C ARG A 59 9.80 6.15 0.11
N VAL A 60 8.80 6.75 0.74
CA VAL A 60 9.03 7.85 1.66
C VAL A 60 9.49 7.35 3.03
N LYS A 61 9.17 6.09 3.33
CA LYS A 61 9.55 5.49 4.59
C LYS A 61 11.04 5.67 4.86
N GLU A 62 11.87 5.28 3.89
CA GLU A 62 13.31 5.40 4.01
C GLU A 62 13.74 6.87 3.97
N LYS A 63 12.94 7.69 3.33
CA LYS A 63 13.24 9.11 3.20
C LYS A 63 13.06 9.82 4.55
N LYS A 64 12.00 9.46 5.26
CA LYS A 64 11.73 10.06 6.57
C LYS A 64 12.56 9.39 7.66
N SER A 65 12.36 9.83 8.90
CA SER A 65 13.10 9.28 10.03
C SER A 65 12.21 8.33 10.84
N GLY A 66 12.74 7.86 11.96
CA GLY A 66 11.99 6.94 12.81
C GLY A 66 12.39 7.05 14.26
N PRO A 67 11.74 6.26 15.12
CA PRO A 67 12.01 6.24 16.56
C PRO A 67 13.36 5.64 16.89
N SER A 68 14.40 6.46 16.85
CA SER A 68 15.75 5.99 17.14
C SER A 68 16.18 4.90 16.17
N SER A 69 15.94 5.13 14.87
CA SER A 69 16.29 4.17 13.85
C SER A 69 17.20 4.79 12.79
N GLY A 70 18.38 4.21 12.61
CA GLY A 70 19.32 4.73 11.63
C GLY A 70 20.60 3.94 11.59
N GLY A 1 -13.82 8.71 3.70
CA GLY A 1 -13.06 8.89 4.91
C GLY A 1 -13.53 8.00 6.04
N SER A 2 -13.91 8.60 7.16
CA SER A 2 -14.38 7.86 8.32
C SER A 2 -15.40 8.67 9.11
N SER A 3 -16.59 8.10 9.28
CA SER A 3 -17.65 8.78 10.02
C SER A 3 -17.91 8.11 11.36
N GLY A 4 -17.12 8.49 12.36
CA GLY A 4 -17.27 7.90 13.69
C GLY A 4 -16.13 6.96 14.03
N SER A 5 -15.30 7.36 14.98
CA SER A 5 -14.16 6.54 15.40
C SER A 5 -14.34 6.07 16.83
N SER A 6 -14.78 4.83 16.99
CA SER A 6 -15.00 4.24 18.31
C SER A 6 -13.69 4.18 19.10
N GLY A 7 -12.58 4.02 18.38
CA GLY A 7 -11.29 3.94 19.03
C GLY A 7 -10.14 4.06 18.05
N ARG A 8 -8.99 4.50 18.53
CA ARG A 8 -7.81 4.65 17.69
C ARG A 8 -6.84 3.50 17.90
N LYS A 9 -7.37 2.34 18.26
CA LYS A 9 -6.55 1.16 18.48
C LYS A 9 -6.50 0.27 17.24
N LYS A 10 -6.74 0.88 16.08
CA LYS A 10 -6.73 0.15 14.82
C LYS A 10 -5.31 -0.25 14.43
N ARG A 11 -5.15 -0.78 13.23
CA ARG A 11 -3.84 -1.21 12.74
C ARG A 11 -3.70 -0.93 11.26
N ILE A 12 -2.55 -1.29 10.70
CA ILE A 12 -2.29 -1.07 9.28
C ILE A 12 -3.41 -1.64 8.42
N PRO A 13 -3.83 -0.85 7.42
CA PRO A 13 -4.92 -1.25 6.50
C PRO A 13 -4.42 -2.19 5.41
N TYR A 14 -5.27 -2.44 4.43
CA TYR A 14 -4.92 -3.33 3.32
C TYR A 14 -4.69 -4.75 3.81
N SER A 15 -5.61 -5.64 3.44
CA SER A 15 -5.51 -7.04 3.85
C SER A 15 -4.35 -7.74 3.13
N LYS A 16 -4.00 -8.93 3.61
CA LYS A 16 -2.92 -9.69 3.02
C LYS A 16 -3.12 -9.87 1.53
N GLY A 17 -4.37 -10.09 1.12
CA GLY A 17 -4.67 -10.28 -0.28
C GLY A 17 -4.50 -9.00 -1.08
N GLN A 18 -4.85 -7.87 -0.48
CA GLN A 18 -4.73 -6.58 -1.14
C GLN A 18 -3.27 -6.17 -1.26
N LEU A 19 -2.52 -6.32 -0.17
CA LEU A 19 -1.10 -5.96 -0.15
C LEU A 19 -0.30 -6.90 -1.03
N ARG A 20 -0.80 -8.12 -1.21
CA ARG A 20 -0.12 -9.12 -2.02
C ARG A 20 0.15 -8.58 -3.43
N GLU A 21 -0.78 -7.78 -3.93
CA GLU A 21 -0.64 -7.19 -5.27
C GLU A 21 0.21 -5.92 -5.22
N LEU A 22 0.03 -5.14 -4.16
CA LEU A 22 0.77 -3.90 -4.00
C LEU A 22 2.27 -4.17 -3.86
N GLU A 23 2.62 -5.01 -2.89
CA GLU A 23 4.01 -5.36 -2.65
C GLU A 23 4.66 -5.94 -3.91
N ARG A 24 3.94 -6.83 -4.57
CA ARG A 24 4.43 -7.47 -5.79
C ARG A 24 4.69 -6.43 -6.87
N GLU A 25 3.68 -5.65 -7.20
CA GLU A 25 3.80 -4.61 -8.21
C GLU A 25 4.91 -3.63 -7.86
N TYR A 26 4.90 -3.15 -6.63
CA TYR A 26 5.90 -2.20 -6.16
C TYR A 26 7.30 -2.80 -6.26
N ALA A 27 7.46 -4.01 -5.76
CA ALA A 27 8.75 -4.69 -5.79
C ALA A 27 9.29 -4.76 -7.22
N ALA A 28 8.39 -4.77 -8.19
CA ALA A 28 8.78 -4.82 -9.60
C ALA A 28 9.10 -3.43 -10.14
N ASN A 29 8.40 -2.43 -9.62
CA ASN A 29 8.61 -1.05 -10.05
C ASN A 29 8.16 -0.06 -8.98
N LYS A 30 8.99 0.92 -8.70
CA LYS A 30 8.68 1.93 -7.69
C LYS A 30 7.48 2.78 -8.13
N PHE A 31 7.44 3.12 -9.40
CA PHE A 31 6.35 3.92 -9.95
C PHE A 31 5.55 3.13 -10.96
N ILE A 32 4.24 3.02 -10.72
CA ILE A 32 3.36 2.28 -11.62
C ILE A 32 2.72 3.20 -12.65
N THR A 33 2.00 2.62 -13.59
CA THR A 33 1.35 3.39 -14.64
C THR A 33 -0.17 3.40 -14.45
N LYS A 34 -0.84 4.38 -15.06
CA LYS A 34 -2.29 4.49 -14.95
C LYS A 34 -2.96 3.18 -15.32
N ASP A 35 -2.44 2.52 -16.35
CA ASP A 35 -2.99 1.24 -16.79
C ASP A 35 -2.83 0.17 -15.71
N LYS A 36 -1.75 0.28 -14.94
CA LYS A 36 -1.48 -0.69 -13.88
C LYS A 36 -2.38 -0.43 -12.67
N ARG A 37 -2.41 0.83 -12.22
CA ARG A 37 -3.23 1.21 -11.08
C ARG A 37 -4.70 0.86 -11.32
N ARG A 38 -5.10 0.87 -12.58
CA ARG A 38 -6.48 0.56 -12.95
C ARG A 38 -6.80 -0.91 -12.64
N LYS A 39 -5.81 -1.77 -12.80
CA LYS A 39 -5.99 -3.20 -12.55
C LYS A 39 -5.92 -3.49 -11.05
N ILE A 40 -4.89 -2.96 -10.39
CA ILE A 40 -4.71 -3.17 -8.96
C ILE A 40 -5.96 -2.77 -8.18
N SER A 41 -6.63 -1.71 -8.65
CA SER A 41 -7.83 -1.23 -8.00
C SER A 41 -8.97 -2.24 -8.14
N ALA A 42 -8.91 -3.04 -9.20
CA ALA A 42 -9.93 -4.06 -9.45
C ALA A 42 -9.63 -5.33 -8.69
N ALA A 43 -8.35 -5.67 -8.57
CA ALA A 43 -7.93 -6.87 -7.87
C ALA A 43 -8.02 -6.68 -6.35
N THR A 44 -7.32 -5.68 -5.84
CA THR A 44 -7.32 -5.39 -4.42
C THR A 44 -8.60 -4.67 -4.01
N SER A 45 -9.40 -4.27 -5.00
CA SER A 45 -10.65 -3.55 -4.73
C SER A 45 -10.38 -2.22 -4.05
N LEU A 46 -9.25 -1.60 -4.38
CA LEU A 46 -8.88 -0.32 -3.80
C LEU A 46 -9.08 0.81 -4.80
N SER A 47 -8.77 2.03 -4.38
CA SER A 47 -8.91 3.20 -5.24
C SER A 47 -7.57 3.60 -5.84
N GLU A 48 -7.62 4.20 -7.03
CA GLU A 48 -6.40 4.64 -7.71
C GLU A 48 -5.53 5.49 -6.79
N ARG A 49 -6.18 6.30 -5.96
CA ARG A 49 -5.47 7.18 -5.03
C ARG A 49 -4.88 6.38 -3.88
N GLN A 50 -5.69 5.49 -3.30
CA GLN A 50 -5.24 4.67 -2.19
C GLN A 50 -3.96 3.91 -2.54
N ILE A 51 -4.00 3.20 -3.67
CA ILE A 51 -2.84 2.45 -4.12
C ILE A 51 -1.60 3.33 -4.22
N THR A 52 -1.81 4.58 -4.63
CA THR A 52 -0.71 5.53 -4.76
C THR A 52 -0.14 5.90 -3.41
N ILE A 53 -1.02 6.22 -2.45
CA ILE A 53 -0.60 6.58 -1.12
C ILE A 53 0.38 5.57 -0.53
N TRP A 54 0.01 4.29 -0.63
CA TRP A 54 0.86 3.21 -0.13
C TRP A 54 2.22 3.22 -0.81
N PHE A 55 2.21 3.21 -2.14
CA PHE A 55 3.45 3.22 -2.91
C PHE A 55 4.34 4.38 -2.50
N GLN A 56 3.73 5.50 -2.14
CA GLN A 56 4.47 6.68 -1.73
C GLN A 56 5.01 6.51 -0.31
N ASN A 57 4.16 6.02 0.59
CA ASN A 57 4.56 5.82 1.97
C ASN A 57 5.70 4.81 2.08
N ARG A 58 5.77 3.91 1.10
CA ARG A 58 6.82 2.89 1.07
C ARG A 58 8.15 3.49 0.63
N ARG A 59 8.11 4.37 -0.36
CA ARG A 59 9.30 5.01 -0.88
C ARG A 59 9.80 6.09 0.09
N VAL A 60 8.89 6.99 0.46
CA VAL A 60 9.23 8.07 1.38
C VAL A 60 9.92 7.54 2.63
N LYS A 61 9.57 6.32 3.02
CA LYS A 61 10.14 5.69 4.20
C LYS A 61 11.67 5.65 4.11
N GLU A 62 12.17 5.01 3.05
CA GLU A 62 13.61 4.92 2.84
C GLU A 62 14.22 6.28 2.54
N LYS A 63 13.44 7.15 1.92
CA LYS A 63 13.89 8.49 1.58
C LYS A 63 14.20 9.30 2.83
N LYS A 64 13.39 9.12 3.86
CA LYS A 64 13.58 9.84 5.12
C LYS A 64 14.48 9.04 6.06
N SER A 65 14.93 9.70 7.12
CA SER A 65 15.80 9.04 8.10
C SER A 65 15.10 8.92 9.45
N GLY A 66 14.17 9.82 9.71
CA GLY A 66 13.44 9.79 10.97
C GLY A 66 11.93 9.85 10.76
N PRO A 67 11.34 8.72 10.33
CA PRO A 67 9.91 8.61 10.09
C PRO A 67 9.09 8.66 11.38
N SER A 68 8.29 9.70 11.53
CA SER A 68 7.46 9.86 12.72
C SER A 68 6.03 9.39 12.46
N SER A 69 5.42 9.93 11.42
CA SER A 69 4.05 9.58 11.06
C SER A 69 3.09 9.85 12.21
N GLY A 70 3.17 11.07 12.75
CA GLY A 70 2.30 11.44 13.86
C GLY A 70 2.28 12.94 14.10
N GLY A 1 -8.08 -21.55 4.71
CA GLY A 1 -9.11 -22.06 5.60
C GLY A 1 -10.00 -20.95 6.12
N SER A 2 -10.79 -21.26 7.14
CA SER A 2 -11.71 -20.28 7.73
C SER A 2 -11.17 -19.79 9.07
N SER A 3 -9.99 -19.17 9.05
CA SER A 3 -9.38 -18.65 10.26
C SER A 3 -9.82 -17.21 10.53
N GLY A 4 -9.59 -16.34 9.55
CA GLY A 4 -9.96 -14.94 9.70
C GLY A 4 -8.87 -14.11 10.34
N SER A 5 -9.25 -12.96 10.87
CA SER A 5 -8.30 -12.06 11.52
C SER A 5 -9.00 -11.12 12.49
N SER A 6 -8.31 -10.77 13.57
CA SER A 6 -8.87 -9.88 14.58
C SER A 6 -8.20 -8.51 14.53
N GLY A 7 -8.75 -7.56 15.28
CA GLY A 7 -8.19 -6.21 15.31
C GLY A 7 -9.23 -5.16 15.62
N ARG A 8 -9.00 -4.39 16.67
CA ARG A 8 -9.93 -3.34 17.07
C ARG A 8 -9.21 -1.99 17.16
N LYS A 9 -8.02 -1.99 17.74
CA LYS A 9 -7.23 -0.78 17.88
C LYS A 9 -6.66 -0.34 16.54
N LYS A 10 -6.22 0.92 16.47
CA LYS A 10 -5.64 1.46 15.25
C LYS A 10 -4.52 0.57 14.74
N ARG A 11 -4.66 0.09 13.50
CA ARG A 11 -3.65 -0.76 12.89
C ARG A 11 -3.50 -0.46 11.40
N ILE A 12 -2.54 -1.12 10.77
CA ILE A 12 -2.29 -0.92 9.35
C ILE A 12 -3.41 -1.52 8.51
N PRO A 13 -3.87 -0.75 7.49
CA PRO A 13 -4.94 -1.19 6.60
C PRO A 13 -4.43 -2.13 5.51
N TYR A 14 -5.29 -2.42 4.53
CA TYR A 14 -4.93 -3.30 3.43
C TYR A 14 -4.67 -4.72 3.94
N SER A 15 -5.56 -5.63 3.59
CA SER A 15 -5.43 -7.03 4.01
C SER A 15 -4.25 -7.70 3.33
N LYS A 16 -3.84 -8.85 3.84
CA LYS A 16 -2.72 -9.59 3.27
C LYS A 16 -2.90 -9.78 1.78
N GLY A 17 -4.13 -10.06 1.36
CA GLY A 17 -4.41 -10.25 -0.05
C GLY A 17 -4.24 -8.98 -0.86
N GLN A 18 -4.78 -7.88 -0.34
CA GLN A 18 -4.68 -6.59 -1.03
C GLN A 18 -3.23 -6.14 -1.15
N LEU A 19 -2.47 -6.32 -0.08
CA LEU A 19 -1.06 -5.95 -0.06
C LEU A 19 -0.23 -6.89 -0.93
N ARG A 20 -0.74 -8.10 -1.12
CA ARG A 20 -0.04 -9.09 -1.93
C ARG A 20 0.20 -8.57 -3.34
N GLU A 21 -0.75 -7.79 -3.86
CA GLU A 21 -0.62 -7.23 -5.20
C GLU A 21 0.20 -5.95 -5.19
N LEU A 22 0.00 -5.14 -4.16
CA LEU A 22 0.73 -3.89 -4.01
C LEU A 22 2.23 -4.14 -3.86
N GLU A 23 2.57 -4.98 -2.89
CA GLU A 23 3.97 -5.30 -2.63
C GLU A 23 4.66 -5.82 -3.89
N ARG A 24 4.01 -6.76 -4.56
CA ARG A 24 4.55 -7.34 -5.78
C ARG A 24 4.78 -6.27 -6.84
N GLU A 25 3.73 -5.51 -7.14
CA GLU A 25 3.82 -4.44 -8.14
C GLU A 25 4.90 -3.43 -7.76
N TYR A 26 5.00 -3.15 -6.46
CA TYR A 26 5.99 -2.20 -5.96
C TYR A 26 7.41 -2.73 -6.14
N ALA A 27 7.61 -3.99 -5.77
CA ALA A 27 8.91 -4.63 -5.89
C ALA A 27 9.40 -4.61 -7.33
N ALA A 28 8.45 -4.57 -8.27
CA ALA A 28 8.79 -4.55 -9.69
C ALA A 28 9.11 -3.13 -10.15
N ASN A 29 8.46 -2.14 -9.54
CA ASN A 29 8.69 -0.74 -9.89
C ASN A 29 8.14 0.19 -8.82
N LYS A 30 9.01 1.01 -8.25
CA LYS A 30 8.61 1.95 -7.21
C LYS A 30 7.42 2.78 -7.66
N PHE A 31 7.33 3.03 -8.96
CA PHE A 31 6.23 3.82 -9.51
C PHE A 31 5.53 3.06 -10.63
N ILE A 32 4.21 2.94 -10.52
CA ILE A 32 3.42 2.23 -11.52
C ILE A 32 2.83 3.20 -12.54
N THR A 33 1.99 2.68 -13.43
CA THR A 33 1.35 3.49 -14.46
C THR A 33 -0.17 3.43 -14.35
N LYS A 34 -0.85 4.38 -15.00
CA LYS A 34 -2.29 4.42 -14.99
C LYS A 34 -2.89 3.12 -15.53
N ASP A 35 -2.11 2.42 -16.34
CA ASP A 35 -2.56 1.16 -16.91
C ASP A 35 -2.41 0.02 -15.91
N LYS A 36 -1.61 0.24 -14.88
CA LYS A 36 -1.41 -0.77 -13.85
C LYS A 36 -2.28 -0.51 -12.63
N ARG A 37 -2.40 0.76 -12.26
CA ARG A 37 -3.21 1.15 -11.11
C ARG A 37 -4.68 0.79 -11.34
N ARG A 38 -5.09 0.80 -12.61
CA ARG A 38 -6.46 0.47 -12.96
C ARG A 38 -6.80 -0.97 -12.60
N LYS A 39 -5.88 -1.88 -12.87
CA LYS A 39 -6.06 -3.29 -12.57
C LYS A 39 -6.06 -3.54 -11.08
N ILE A 40 -5.03 -3.04 -10.40
CA ILE A 40 -4.90 -3.21 -8.95
C ILE A 40 -6.16 -2.72 -8.24
N SER A 41 -6.75 -1.65 -8.74
CA SER A 41 -7.95 -1.08 -8.15
C SER A 41 -9.08 -2.12 -8.12
N ALA A 42 -9.03 -3.06 -9.04
CA ALA A 42 -10.03 -4.12 -9.11
C ALA A 42 -9.58 -5.36 -8.36
N ALA A 43 -8.31 -5.73 -8.54
CA ALA A 43 -7.75 -6.91 -7.89
C ALA A 43 -7.78 -6.75 -6.36
N THR A 44 -7.48 -5.54 -5.89
CA THR A 44 -7.47 -5.26 -4.46
C THR A 44 -8.68 -4.44 -4.06
N SER A 45 -9.58 -4.19 -5.02
CA SER A 45 -10.78 -3.42 -4.76
C SER A 45 -10.44 -2.09 -4.09
N LEU A 46 -9.34 -1.48 -4.53
CA LEU A 46 -8.90 -0.21 -3.97
C LEU A 46 -9.02 0.90 -5.01
N SER A 47 -8.84 2.14 -4.57
CA SER A 47 -8.92 3.29 -5.46
C SER A 47 -7.54 3.66 -6.02
N GLU A 48 -7.53 4.24 -7.20
CA GLU A 48 -6.28 4.63 -7.85
C GLU A 48 -5.44 5.49 -6.91
N ARG A 49 -6.10 6.37 -6.17
CA ARG A 49 -5.41 7.25 -5.24
C ARG A 49 -4.86 6.46 -4.05
N GLN A 50 -5.71 5.64 -3.44
CA GLN A 50 -5.30 4.83 -2.31
C GLN A 50 -4.03 4.04 -2.61
N ILE A 51 -4.05 3.31 -3.72
CA ILE A 51 -2.90 2.51 -4.14
C ILE A 51 -1.64 3.37 -4.22
N THR A 52 -1.78 4.55 -4.81
CA THR A 52 -0.66 5.47 -4.94
C THR A 52 -0.07 5.83 -3.59
N ILE A 53 -0.94 6.23 -2.66
CA ILE A 53 -0.52 6.61 -1.32
C ILE A 53 0.37 5.54 -0.69
N TRP A 54 -0.09 4.29 -0.77
CA TRP A 54 0.67 3.17 -0.22
C TRP A 54 2.04 3.05 -0.87
N PHE A 55 2.07 3.19 -2.19
CA PHE A 55 3.32 3.09 -2.94
C PHE A 55 4.28 4.20 -2.52
N GLN A 56 3.72 5.34 -2.13
CA GLN A 56 4.54 6.48 -1.71
C GLN A 56 5.13 6.24 -0.33
N ASN A 57 4.26 5.96 0.64
CA ASN A 57 4.70 5.71 2.01
C ASN A 57 5.77 4.63 2.05
N ARG A 58 5.74 3.73 1.09
CA ARG A 58 6.72 2.65 1.02
C ARG A 58 8.09 3.18 0.63
N ARG A 59 8.13 4.05 -0.36
CA ARG A 59 9.38 4.64 -0.83
C ARG A 59 9.90 5.67 0.18
N VAL A 60 9.01 6.58 0.59
CA VAL A 60 9.37 7.62 1.54
C VAL A 60 9.89 7.02 2.85
N LYS A 61 9.51 5.77 3.10
CA LYS A 61 9.93 5.08 4.32
C LYS A 61 11.44 5.15 4.48
N GLU A 62 12.17 4.78 3.43
CA GLU A 62 13.63 4.80 3.46
C GLU A 62 14.15 6.23 3.47
N LYS A 63 13.35 7.16 2.93
CA LYS A 63 13.73 8.56 2.88
C LYS A 63 13.62 9.21 4.25
N LYS A 64 12.69 8.71 5.07
CA LYS A 64 12.48 9.24 6.41
C LYS A 64 13.76 9.12 7.25
N SER A 65 14.18 10.23 7.83
CA SER A 65 15.39 10.24 8.65
C SER A 65 15.04 10.50 10.12
N GLY A 66 15.73 9.79 11.02
CA GLY A 66 15.48 9.96 12.43
C GLY A 66 16.07 8.84 13.26
N PRO A 67 15.87 8.91 14.58
CA PRO A 67 16.39 7.89 15.52
C PRO A 67 15.68 6.55 15.37
N SER A 68 14.38 6.61 15.06
CA SER A 68 13.59 5.40 14.90
C SER A 68 13.71 4.50 16.13
N SER A 69 13.51 5.08 17.31
CA SER A 69 13.61 4.33 18.55
C SER A 69 14.96 3.66 18.68
N GLY A 70 15.98 4.25 18.06
CA GLY A 70 17.32 3.69 18.11
C GLY A 70 18.38 4.75 18.35
N GLY A 1 -19.83 -6.12 -7.15
CA GLY A 1 -20.36 -6.14 -5.80
C GLY A 1 -20.06 -4.87 -5.03
N SER A 2 -20.24 -4.91 -3.72
CA SER A 2 -19.99 -3.75 -2.87
C SER A 2 -18.61 -3.84 -2.22
N SER A 3 -18.25 -2.81 -1.46
CA SER A 3 -16.96 -2.76 -0.79
C SER A 3 -17.14 -2.73 0.73
N GLY A 4 -16.19 -3.32 1.45
CA GLY A 4 -16.27 -3.33 2.90
C GLY A 4 -16.03 -4.72 3.47
N SER A 5 -15.10 -5.45 2.88
CA SER A 5 -14.77 -6.80 3.34
C SER A 5 -13.49 -6.81 4.15
N SER A 6 -13.63 -6.66 5.47
CA SER A 6 -12.48 -6.65 6.37
C SER A 6 -12.94 -6.63 7.83
N GLY A 7 -12.00 -6.90 8.73
CA GLY A 7 -12.32 -6.91 10.15
C GLY A 7 -12.37 -5.52 10.74
N ARG A 8 -12.81 -5.43 12.00
CA ARG A 8 -12.91 -4.15 12.69
C ARG A 8 -11.75 -3.97 13.66
N LYS A 9 -10.59 -3.60 13.13
CA LYS A 9 -9.41 -3.38 13.95
C LYS A 9 -8.78 -2.03 13.66
N LYS A 10 -8.23 -1.40 14.70
CA LYS A 10 -7.60 -0.10 14.56
C LYS A 10 -6.11 -0.24 14.30
N ARG A 11 -5.75 -0.56 13.06
CA ARG A 11 -4.35 -0.73 12.68
C ARG A 11 -4.15 -0.50 11.19
N ILE A 12 -2.97 -0.83 10.69
CA ILE A 12 -2.65 -0.65 9.27
C ILE A 12 -3.71 -1.29 8.40
N PRO A 13 -4.13 -0.56 7.35
CA PRO A 13 -5.16 -1.04 6.41
C PRO A 13 -4.58 -2.00 5.38
N TYR A 14 -5.38 -2.32 4.36
CA TYR A 14 -4.94 -3.22 3.31
C TYR A 14 -4.70 -4.62 3.86
N SER A 15 -5.53 -5.57 3.44
CA SER A 15 -5.40 -6.96 3.89
C SER A 15 -4.25 -7.66 3.18
N LYS A 16 -4.03 -8.92 3.54
CA LYS A 16 -2.96 -9.71 2.93
C LYS A 16 -3.15 -9.81 1.42
N GLY A 17 -4.39 -10.10 1.01
CA GLY A 17 -4.68 -10.21 -0.41
C GLY A 17 -4.49 -8.91 -1.15
N GLN A 18 -4.81 -7.81 -0.49
CA GLN A 18 -4.67 -6.49 -1.09
C GLN A 18 -3.21 -6.08 -1.22
N LEU A 19 -2.48 -6.18 -0.11
CA LEU A 19 -1.07 -5.82 -0.10
C LEU A 19 -0.25 -6.80 -0.95
N ARG A 20 -0.78 -7.99 -1.14
CA ARG A 20 -0.11 -9.00 -1.95
C ARG A 20 0.19 -8.47 -3.35
N GLU A 21 -0.77 -7.77 -3.93
CA GLU A 21 -0.61 -7.22 -5.28
C GLU A 21 0.25 -5.95 -5.22
N LEU A 22 0.03 -5.13 -4.22
CA LEU A 22 0.78 -3.89 -4.06
C LEU A 22 2.26 -4.16 -3.92
N GLU A 23 2.62 -4.97 -2.92
CA GLU A 23 4.02 -5.33 -2.68
C GLU A 23 4.66 -5.89 -3.94
N ARG A 24 3.92 -6.74 -4.65
CA ARG A 24 4.43 -7.35 -5.88
C ARG A 24 4.73 -6.29 -6.93
N GLU A 25 3.72 -5.48 -7.25
CA GLU A 25 3.87 -4.43 -8.26
C GLU A 25 5.00 -3.47 -7.86
N TYR A 26 4.96 -3.01 -6.61
CA TYR A 26 5.96 -2.08 -6.10
C TYR A 26 7.36 -2.70 -6.18
N ALA A 27 7.48 -3.93 -5.70
CA ALA A 27 8.76 -4.63 -5.71
C ALA A 27 9.28 -4.78 -7.14
N ALA A 28 8.37 -4.79 -8.11
CA ALA A 28 8.74 -4.92 -9.50
C ALA A 28 9.07 -3.57 -10.12
N ASN A 29 8.34 -2.54 -9.70
CA ASN A 29 8.56 -1.20 -10.21
C ASN A 29 8.18 -0.15 -9.18
N LYS A 30 9.10 0.74 -8.85
CA LYS A 30 8.86 1.79 -7.87
C LYS A 30 7.65 2.63 -8.27
N PHE A 31 7.56 2.98 -9.55
CA PHE A 31 6.46 3.78 -10.05
C PHE A 31 5.63 2.99 -11.05
N ILE A 32 4.32 2.92 -10.82
CA ILE A 32 3.41 2.20 -11.69
C ILE A 32 2.84 3.11 -12.77
N THR A 33 1.90 2.58 -13.54
CA THR A 33 1.26 3.35 -14.61
C THR A 33 -0.26 3.36 -14.45
N LYS A 34 -0.90 4.35 -15.07
CA LYS A 34 -2.35 4.47 -15.00
C LYS A 34 -3.04 3.16 -15.37
N ASP A 35 -2.46 2.46 -16.34
CA ASP A 35 -3.01 1.18 -16.79
C ASP A 35 -2.88 0.13 -15.70
N LYS A 36 -1.81 0.21 -14.93
CA LYS A 36 -1.55 -0.75 -13.85
C LYS A 36 -2.47 -0.46 -12.66
N ARG A 37 -2.47 0.79 -12.21
CA ARG A 37 -3.30 1.18 -11.07
C ARG A 37 -4.76 0.82 -11.31
N ARG A 38 -5.18 0.86 -12.57
CA ARG A 38 -6.55 0.53 -12.93
C ARG A 38 -6.87 -0.91 -12.59
N LYS A 39 -5.89 -1.79 -12.73
CA LYS A 39 -6.07 -3.20 -12.44
C LYS A 39 -5.92 -3.47 -10.94
N ILE A 40 -4.87 -2.90 -10.35
CA ILE A 40 -4.63 -3.07 -8.92
C ILE A 40 -5.84 -2.68 -8.09
N SER A 41 -6.64 -1.76 -8.64
CA SER A 41 -7.84 -1.29 -7.95
C SER A 41 -8.96 -2.33 -8.04
N ALA A 42 -8.99 -3.06 -9.14
CA ALA A 42 -10.01 -4.08 -9.35
C ALA A 42 -9.59 -5.41 -8.72
N ALA A 43 -8.28 -5.61 -8.59
CA ALA A 43 -7.75 -6.83 -8.00
C ALA A 43 -7.83 -6.78 -6.47
N THR A 44 -7.43 -5.66 -5.90
CA THR A 44 -7.45 -5.48 -4.46
C THR A 44 -8.65 -4.65 -4.02
N SER A 45 -9.58 -4.44 -4.95
CA SER A 45 -10.78 -3.66 -4.65
C SER A 45 -10.43 -2.33 -4.02
N LEU A 46 -9.26 -1.79 -4.37
CA LEU A 46 -8.81 -0.52 -3.83
C LEU A 46 -9.06 0.62 -4.82
N SER A 47 -8.69 1.83 -4.43
CA SER A 47 -8.87 3.00 -5.29
C SER A 47 -7.54 3.46 -5.88
N GLU A 48 -7.59 4.08 -7.04
CA GLU A 48 -6.40 4.57 -7.71
C GLU A 48 -5.56 5.43 -6.76
N ARG A 49 -6.23 6.21 -5.93
CA ARG A 49 -5.55 7.07 -4.98
C ARG A 49 -4.90 6.26 -3.87
N GLN A 50 -5.69 5.36 -3.26
CA GLN A 50 -5.18 4.52 -2.18
C GLN A 50 -3.91 3.79 -2.60
N ILE A 51 -3.97 3.13 -3.75
CA ILE A 51 -2.81 2.40 -4.26
C ILE A 51 -1.61 3.32 -4.42
N THR A 52 -1.87 4.60 -4.66
CA THR A 52 -0.80 5.58 -4.83
C THR A 52 -0.16 5.94 -3.50
N ILE A 53 -0.99 6.28 -2.52
CA ILE A 53 -0.50 6.64 -1.20
C ILE A 53 0.44 5.58 -0.65
N TRP A 54 0.02 4.32 -0.74
CA TRP A 54 0.84 3.21 -0.25
C TRP A 54 2.21 3.21 -0.91
N PHE A 55 2.22 3.29 -2.24
CA PHE A 55 3.47 3.30 -2.98
C PHE A 55 4.37 4.45 -2.53
N GLN A 56 3.75 5.52 -2.05
CA GLN A 56 4.49 6.68 -1.59
C GLN A 56 5.06 6.45 -0.20
N ASN A 57 4.20 6.08 0.74
CA ASN A 57 4.62 5.82 2.12
C ASN A 57 5.65 4.70 2.17
N ARG A 58 5.67 3.88 1.13
CA ARG A 58 6.61 2.76 1.05
C ARG A 58 8.00 3.24 0.64
N ARG A 59 8.04 4.19 -0.30
CA ARG A 59 9.30 4.72 -0.78
C ARG A 59 9.83 5.79 0.17
N VAL A 60 8.96 6.73 0.55
CA VAL A 60 9.34 7.81 1.45
C VAL A 60 9.94 7.26 2.74
N LYS A 61 9.54 6.04 3.09
CA LYS A 61 10.04 5.39 4.31
C LYS A 61 11.56 5.41 4.35
N GLU A 62 12.18 5.00 3.25
CA GLU A 62 13.64 4.98 3.16
C GLU A 62 14.19 6.37 2.88
N LYS A 63 13.38 7.20 2.25
CA LYS A 63 13.80 8.56 1.92
C LYS A 63 14.19 9.33 3.18
N LYS A 64 13.43 9.12 4.25
CA LYS A 64 13.69 9.79 5.52
C LYS A 64 14.78 9.05 6.30
N SER A 65 15.79 9.79 6.73
CA SER A 65 16.89 9.22 7.49
C SER A 65 17.48 8.01 6.77
N GLY A 66 17.83 8.20 5.51
CA GLY A 66 18.40 7.11 4.72
C GLY A 66 19.91 7.17 4.67
N PRO A 67 20.51 6.28 3.87
CA PRO A 67 21.97 6.20 3.72
C PRO A 67 22.53 7.39 2.96
N SER A 68 21.79 7.87 1.97
CA SER A 68 22.23 9.01 1.17
C SER A 68 21.07 9.96 0.91
N SER A 69 21.38 11.18 0.51
CA SER A 69 20.37 12.18 0.22
C SER A 69 20.94 13.30 -0.64
N GLY A 70 20.07 13.96 -1.40
CA GLY A 70 20.50 15.04 -2.26
C GLY A 70 19.57 15.25 -3.45
N GLY A 1 10.31 -8.66 21.28
CA GLY A 1 9.94 -9.34 20.04
C GLY A 1 8.57 -8.91 19.54
N SER A 2 8.37 -8.99 18.23
CA SER A 2 7.10 -8.61 17.62
C SER A 2 6.36 -9.82 17.08
N SER A 3 5.07 -9.91 17.37
CA SER A 3 4.25 -11.03 16.93
C SER A 3 3.24 -10.58 15.88
N GLY A 4 2.28 -9.77 16.30
CA GLY A 4 1.27 -9.28 15.37
C GLY A 4 -0.03 -10.04 15.49
N SER A 5 -1.09 -9.49 14.89
CA SER A 5 -2.40 -10.12 14.94
C SER A 5 -3.34 -9.50 13.90
N SER A 6 -4.58 -9.98 13.87
CA SER A 6 -5.57 -9.47 12.94
C SER A 6 -6.61 -8.61 13.66
N GLY A 7 -7.31 -7.76 12.90
CA GLY A 7 -8.31 -6.89 13.47
C GLY A 7 -8.09 -5.43 13.12
N ARG A 8 -9.10 -4.83 12.49
CA ARG A 8 -9.01 -3.43 12.09
C ARG A 8 -9.24 -2.51 13.28
N LYS A 9 -8.20 -2.31 14.09
CA LYS A 9 -8.29 -1.45 15.26
C LYS A 9 -7.06 -0.55 15.37
N LYS A 10 -7.13 0.62 14.74
CA LYS A 10 -6.04 1.58 14.77
C LYS A 10 -4.73 0.91 14.33
N ARG A 11 -4.68 0.46 13.08
CA ARG A 11 -3.50 -0.19 12.54
C ARG A 11 -3.41 0.00 11.03
N ILE A 12 -2.29 -0.42 10.46
CA ILE A 12 -2.08 -0.30 9.01
C ILE A 12 -3.25 -0.90 8.24
N PRO A 13 -3.71 -0.18 7.21
CA PRO A 13 -4.83 -0.62 6.37
C PRO A 13 -4.39 -1.63 5.31
N TYR A 14 -5.29 -1.94 4.38
CA TYR A 14 -4.99 -2.89 3.32
C TYR A 14 -4.76 -4.28 3.89
N SER A 15 -5.69 -5.19 3.63
CA SER A 15 -5.60 -6.56 4.11
C SER A 15 -4.44 -7.30 3.44
N LYS A 16 -4.06 -8.44 4.00
CA LYS A 16 -2.98 -9.23 3.45
C LYS A 16 -3.18 -9.50 1.97
N GLY A 17 -4.40 -9.87 1.60
CA GLY A 17 -4.71 -10.14 0.20
C GLY A 17 -4.51 -8.92 -0.68
N GLN A 18 -4.95 -7.76 -0.20
CA GLN A 18 -4.81 -6.53 -0.95
C GLN A 18 -3.34 -6.16 -1.14
N LEU A 19 -2.58 -6.22 -0.05
CA LEU A 19 -1.16 -5.89 -0.10
C LEU A 19 -0.38 -6.95 -0.86
N ARG A 20 -0.94 -8.15 -0.95
CA ARG A 20 -0.30 -9.26 -1.66
C ARG A 20 -0.09 -8.91 -3.13
N GLU A 21 -0.84 -7.92 -3.61
CA GLU A 21 -0.74 -7.50 -5.00
C GLU A 21 0.07 -6.20 -5.12
N LEU A 22 -0.08 -5.33 -4.11
CA LEU A 22 0.63 -4.06 -4.10
C LEU A 22 2.13 -4.27 -3.91
N GLU A 23 2.48 -5.23 -3.06
CA GLU A 23 3.88 -5.54 -2.80
C GLU A 23 4.60 -5.95 -4.07
N ARG A 24 3.97 -6.82 -4.86
CA ARG A 24 4.55 -7.30 -6.10
C ARG A 24 4.82 -6.13 -7.05
N GLU A 25 3.77 -5.40 -7.41
CA GLU A 25 3.90 -4.27 -8.32
C GLU A 25 4.96 -3.30 -7.83
N TYR A 26 5.06 -3.15 -6.50
CA TYR A 26 6.03 -2.25 -5.91
C TYR A 26 7.45 -2.74 -6.15
N ALA A 27 7.68 -4.03 -5.88
CA ALA A 27 8.99 -4.62 -6.08
C ALA A 27 9.35 -4.70 -7.56
N ALA A 28 8.33 -4.83 -8.41
CA ALA A 28 8.54 -4.90 -9.85
C ALA A 28 8.73 -3.52 -10.45
N ASN A 29 8.17 -2.51 -9.79
CA ASN A 29 8.27 -1.13 -10.26
C ASN A 29 7.81 -0.15 -9.19
N LYS A 30 8.75 0.57 -8.60
CA LYS A 30 8.43 1.54 -7.56
C LYS A 30 7.38 2.54 -8.05
N PHE A 31 7.37 2.78 -9.36
CA PHE A 31 6.41 3.71 -9.94
C PHE A 31 5.54 3.00 -10.98
N ILE A 32 4.30 2.72 -10.61
CA ILE A 32 3.36 2.04 -11.50
C ILE A 32 2.81 3.01 -12.54
N THR A 33 2.13 2.46 -13.54
CA THR A 33 1.55 3.27 -14.61
C THR A 33 0.04 3.39 -14.45
N LYS A 34 -0.55 4.40 -15.09
CA LYS A 34 -1.99 4.62 -15.02
C LYS A 34 -2.75 3.35 -15.35
N ASP A 35 -2.20 2.56 -16.27
CA ASP A 35 -2.82 1.31 -16.68
C ASP A 35 -2.74 0.26 -15.57
N LYS A 36 -1.64 0.28 -14.83
CA LYS A 36 -1.43 -0.66 -13.74
C LYS A 36 -2.32 -0.32 -12.55
N ARG A 37 -2.34 0.95 -12.17
CA ARG A 37 -3.15 1.41 -11.05
C ARG A 37 -4.60 0.96 -11.21
N ARG A 38 -5.07 0.91 -12.46
CA ARG A 38 -6.44 0.51 -12.75
C ARG A 38 -6.62 -0.99 -12.50
N LYS A 39 -5.57 -1.76 -12.76
CA LYS A 39 -5.61 -3.21 -12.56
C LYS A 39 -5.60 -3.55 -11.08
N ILE A 40 -4.69 -2.94 -10.33
CA ILE A 40 -4.58 -3.18 -8.90
C ILE A 40 -5.87 -2.79 -8.18
N SER A 41 -6.49 -1.71 -8.63
CA SER A 41 -7.72 -1.23 -8.03
C SER A 41 -8.85 -2.25 -8.18
N ALA A 42 -8.70 -3.13 -9.17
CA ALA A 42 -9.69 -4.16 -9.42
C ALA A 42 -9.39 -5.43 -8.61
N ALA A 43 -8.11 -5.75 -8.50
CA ALA A 43 -7.69 -6.93 -7.75
C ALA A 43 -7.82 -6.70 -6.25
N THR A 44 -7.33 -5.55 -5.79
CA THR A 44 -7.38 -5.21 -4.37
C THR A 44 -8.69 -4.50 -4.02
N SER A 45 -9.43 -4.11 -5.05
CA SER A 45 -10.70 -3.42 -4.86
C SER A 45 -10.48 -2.07 -4.18
N LEU A 46 -9.31 -1.48 -4.40
CA LEU A 46 -8.98 -0.19 -3.81
C LEU A 46 -9.13 0.93 -4.84
N SER A 47 -8.82 2.15 -4.41
CA SER A 47 -8.92 3.31 -5.29
C SER A 47 -7.55 3.72 -5.83
N GLU A 48 -7.54 4.35 -6.99
CA GLU A 48 -6.30 4.79 -7.61
C GLU A 48 -5.47 5.62 -6.64
N ARG A 49 -6.13 6.51 -5.91
CA ARG A 49 -5.45 7.37 -4.95
C ARG A 49 -4.88 6.54 -3.79
N GLN A 50 -5.70 5.67 -3.23
CA GLN A 50 -5.27 4.82 -2.12
C GLN A 50 -4.00 4.07 -2.47
N ILE A 51 -4.04 3.33 -3.58
CA ILE A 51 -2.89 2.56 -4.03
C ILE A 51 -1.65 3.44 -4.13
N THR A 52 -1.82 4.63 -4.69
CA THR A 52 -0.73 5.57 -4.85
C THR A 52 -0.10 5.92 -3.51
N ILE A 53 -0.95 6.33 -2.56
CA ILE A 53 -0.46 6.69 -1.23
C ILE A 53 0.41 5.60 -0.63
N TRP A 54 -0.05 4.35 -0.77
CA TRP A 54 0.70 3.21 -0.24
C TRP A 54 2.05 3.08 -0.94
N PHE A 55 2.07 3.32 -2.25
CA PHE A 55 3.29 3.23 -3.02
C PHE A 55 4.25 4.37 -2.66
N GLN A 56 3.70 5.48 -2.20
CA GLN A 56 4.50 6.64 -1.82
C GLN A 56 5.07 6.48 -0.42
N ASN A 57 4.20 6.15 0.53
CA ASN A 57 4.62 5.96 1.92
C ASN A 57 5.63 4.83 2.03
N ARG A 58 5.58 3.89 1.08
CA ARG A 58 6.50 2.76 1.08
C ARG A 58 7.90 3.20 0.73
N ARG A 59 8.02 4.31 -0.01
CA ARG A 59 9.31 4.84 -0.41
C ARG A 59 9.73 5.99 0.49
N VAL A 60 8.75 6.76 0.96
CA VAL A 60 9.02 7.89 1.83
C VAL A 60 9.36 7.43 3.25
N LYS A 61 8.89 6.24 3.60
CA LYS A 61 9.14 5.68 4.92
C LYS A 61 10.64 5.60 5.21
N GLU A 62 11.36 4.92 4.32
CA GLU A 62 12.81 4.77 4.48
C GLU A 62 13.49 6.13 4.60
N LYS A 63 12.90 7.14 3.96
CA LYS A 63 13.44 8.49 3.98
C LYS A 63 12.53 9.43 4.76
N LYS A 64 11.95 8.92 5.83
CA LYS A 64 11.05 9.71 6.67
C LYS A 64 11.78 10.21 7.92
N SER A 65 11.63 11.50 8.20
CA SER A 65 12.27 12.11 9.36
C SER A 65 11.25 12.78 10.26
N GLY A 66 11.24 12.39 11.54
CA GLY A 66 10.30 12.96 12.48
C GLY A 66 9.08 12.09 12.69
N PRO A 67 8.29 12.40 13.73
CA PRO A 67 7.08 11.66 14.05
C PRO A 67 5.97 11.87 13.03
N SER A 68 4.88 11.13 13.18
CA SER A 68 3.74 11.24 12.26
C SER A 68 3.12 12.63 12.35
N SER A 69 2.86 13.22 11.18
CA SER A 69 2.26 14.55 11.11
C SER A 69 1.20 14.62 10.02
N GLY A 70 0.64 15.81 9.83
CA GLY A 70 -0.38 15.98 8.81
C GLY A 70 -1.53 15.01 8.96
N GLY A 1 -16.35 -2.82 11.11
CA GLY A 1 -15.03 -2.25 10.88
C GLY A 1 -15.09 -0.84 10.33
N SER A 2 -14.05 -0.06 10.59
CA SER A 2 -14.01 1.33 10.13
C SER A 2 -12.86 1.53 9.16
N SER A 3 -12.98 2.54 8.30
CA SER A 3 -11.96 2.85 7.31
C SER A 3 -11.64 4.33 7.30
N GLY A 4 -10.46 4.68 6.79
CA GLY A 4 -10.04 6.07 6.73
C GLY A 4 -8.57 6.23 6.38
N SER A 5 -8.30 6.94 5.30
CA SER A 5 -6.94 7.16 4.85
C SER A 5 -6.16 7.98 5.88
N SER A 6 -6.86 8.90 6.55
CA SER A 6 -6.22 9.75 7.55
C SER A 6 -6.63 9.32 8.96
N GLY A 7 -5.82 9.69 9.94
CA GLY A 7 -6.10 9.34 11.31
C GLY A 7 -5.79 7.88 11.61
N ARG A 8 -4.53 7.60 11.94
CA ARG A 8 -4.11 6.25 12.25
C ARG A 8 -4.50 5.87 13.68
N LYS A 9 -5.77 5.55 13.88
CA LYS A 9 -6.28 5.17 15.19
C LYS A 9 -6.41 3.65 15.31
N LYS A 10 -6.54 2.99 14.15
CA LYS A 10 -6.67 1.54 14.13
C LYS A 10 -5.42 0.88 13.56
N ARG A 11 -5.45 -0.43 13.43
CA ARG A 11 -4.31 -1.17 12.89
C ARG A 11 -4.08 -0.84 11.42
N ILE A 12 -3.03 -1.41 10.84
CA ILE A 12 -2.71 -1.18 9.45
C ILE A 12 -3.79 -1.72 8.53
N PRO A 13 -4.17 -0.93 7.52
CA PRO A 13 -5.21 -1.31 6.55
C PRO A 13 -4.67 -2.24 5.47
N TYR A 14 -5.47 -2.47 4.43
CA TYR A 14 -5.07 -3.33 3.33
C TYR A 14 -4.87 -4.77 3.82
N SER A 15 -5.75 -5.66 3.40
CA SER A 15 -5.67 -7.06 3.78
C SER A 15 -4.53 -7.76 3.04
N LYS A 16 -4.15 -8.93 3.55
CA LYS A 16 -3.07 -9.71 2.94
C LYS A 16 -3.31 -9.90 1.45
N GLY A 17 -4.57 -10.04 1.07
CA GLY A 17 -4.91 -10.23 -0.33
C GLY A 17 -4.70 -8.97 -1.15
N GLN A 18 -4.86 -7.81 -0.50
CA GLN A 18 -4.69 -6.53 -1.18
C GLN A 18 -3.22 -6.15 -1.26
N LEU A 19 -2.53 -6.26 -0.13
CA LEU A 19 -1.11 -5.93 -0.06
C LEU A 19 -0.28 -6.88 -0.91
N ARG A 20 -0.81 -8.08 -1.14
CA ARG A 20 -0.13 -9.08 -1.94
C ARG A 20 0.18 -8.55 -3.35
N GLU A 21 -0.73 -7.75 -3.88
CA GLU A 21 -0.57 -7.17 -5.21
C GLU A 21 0.21 -5.86 -5.14
N LEU A 22 -0.02 -5.11 -4.06
CA LEU A 22 0.66 -3.83 -3.88
C LEU A 22 2.17 -4.03 -3.72
N GLU A 23 2.55 -4.98 -2.87
CA GLU A 23 3.95 -5.28 -2.62
C GLU A 23 4.61 -5.87 -3.86
N ARG A 24 3.85 -6.66 -4.60
CA ARG A 24 4.36 -7.29 -5.82
C ARG A 24 4.69 -6.24 -6.87
N GLU A 25 3.66 -5.50 -7.31
CA GLU A 25 3.84 -4.47 -8.32
C GLU A 25 4.91 -3.48 -7.90
N TYR A 26 4.90 -3.11 -6.62
CA TYR A 26 5.87 -2.17 -6.09
C TYR A 26 7.29 -2.70 -6.22
N ALA A 27 7.50 -3.94 -5.78
CA ALA A 27 8.80 -4.57 -5.85
C ALA A 27 9.32 -4.61 -7.29
N ALA A 28 8.39 -4.57 -8.24
CA ALA A 28 8.74 -4.60 -9.66
C ALA A 28 8.98 -3.20 -10.20
N ASN A 29 8.21 -2.25 -9.69
CA ASN A 29 8.33 -0.85 -10.12
C ASN A 29 7.78 0.09 -9.06
N LYS A 30 8.53 1.17 -8.80
CA LYS A 30 8.11 2.15 -7.80
C LYS A 30 6.98 3.02 -8.34
N PHE A 31 7.08 3.39 -9.62
CA PHE A 31 6.06 4.21 -10.25
C PHE A 31 5.29 3.42 -11.31
N ILE A 32 4.05 3.07 -10.98
CA ILE A 32 3.20 2.31 -11.90
C ILE A 32 2.56 3.23 -12.94
N THR A 33 1.82 2.64 -13.87
CA THR A 33 1.15 3.40 -14.92
C THR A 33 -0.37 3.33 -14.75
N LYS A 34 -1.06 4.25 -15.42
CA LYS A 34 -2.52 4.30 -15.36
C LYS A 34 -3.13 2.97 -15.79
N ASP A 35 -2.38 2.22 -16.59
CA ASP A 35 -2.85 0.93 -17.07
C ASP A 35 -2.66 -0.16 -16.02
N LYS A 36 -1.77 0.11 -15.07
CA LYS A 36 -1.50 -0.84 -13.99
C LYS A 36 -2.28 -0.49 -12.74
N ARG A 37 -2.42 0.80 -12.47
CA ARG A 37 -3.15 1.28 -11.30
C ARG A 37 -4.63 0.90 -11.38
N ARG A 38 -5.10 0.71 -12.61
CA ARG A 38 -6.50 0.35 -12.83
C ARG A 38 -6.76 -1.10 -12.43
N LYS A 39 -5.83 -1.99 -12.78
CA LYS A 39 -5.95 -3.39 -12.45
C LYS A 39 -5.87 -3.62 -10.95
N ILE A 40 -4.83 -3.06 -10.34
CA ILE A 40 -4.63 -3.20 -8.89
C ILE A 40 -5.86 -2.73 -8.13
N SER A 41 -6.52 -1.70 -8.64
CA SER A 41 -7.71 -1.15 -8.00
C SER A 41 -8.86 -2.14 -8.08
N ALA A 42 -8.82 -3.02 -9.07
CA ALA A 42 -9.87 -4.02 -9.26
C ALA A 42 -9.54 -5.31 -8.50
N ALA A 43 -8.29 -5.76 -8.63
CA ALA A 43 -7.85 -6.98 -7.95
C ALA A 43 -7.95 -6.83 -6.44
N THR A 44 -7.44 -5.71 -5.93
CA THR A 44 -7.48 -5.45 -4.49
C THR A 44 -8.73 -4.67 -4.10
N SER A 45 -9.48 -4.23 -5.11
CA SER A 45 -10.71 -3.47 -4.86
C SER A 45 -10.40 -2.15 -4.17
N LEU A 46 -9.19 -1.65 -4.38
CA LEU A 46 -8.77 -0.39 -3.76
C LEU A 46 -9.00 0.78 -4.73
N SER A 47 -8.74 1.99 -4.24
CA SER A 47 -8.92 3.19 -5.05
C SER A 47 -7.60 3.59 -5.71
N GLU A 48 -7.70 4.17 -6.89
CA GLU A 48 -6.51 4.61 -7.64
C GLU A 48 -5.63 5.49 -6.77
N ARG A 49 -6.24 6.24 -5.87
CA ARG A 49 -5.50 7.13 -4.98
C ARG A 49 -4.89 6.35 -3.82
N GLN A 50 -5.67 5.44 -3.26
CA GLN A 50 -5.21 4.62 -2.13
C GLN A 50 -3.94 3.85 -2.50
N ILE A 51 -3.93 3.30 -3.71
CA ILE A 51 -2.78 2.54 -4.18
C ILE A 51 -1.54 3.41 -4.28
N THR A 52 -1.73 4.63 -4.79
CA THR A 52 -0.62 5.58 -4.93
C THR A 52 -0.04 5.95 -3.59
N ILE A 53 -0.91 6.31 -2.64
CA ILE A 53 -0.47 6.69 -1.30
C ILE A 53 0.46 5.64 -0.70
N TRP A 54 0.00 4.40 -0.70
CA TRP A 54 0.78 3.29 -0.16
C TRP A 54 2.14 3.19 -0.86
N PHE A 55 2.12 3.22 -2.19
CA PHE A 55 3.34 3.14 -2.97
C PHE A 55 4.30 4.25 -2.60
N GLN A 56 3.76 5.38 -2.15
CA GLN A 56 4.58 6.52 -1.76
C GLN A 56 5.15 6.32 -0.36
N ASN A 57 4.27 6.05 0.60
CA ASN A 57 4.69 5.84 1.98
C ASN A 57 5.68 4.69 2.09
N ARG A 58 5.64 3.79 1.10
CA ARG A 58 6.54 2.65 1.08
C ARG A 58 7.96 3.08 0.74
N ARG A 59 8.08 4.03 -0.18
CA ARG A 59 9.39 4.53 -0.60
C ARG A 59 9.88 5.63 0.34
N VAL A 60 8.96 6.47 0.79
CA VAL A 60 9.29 7.57 1.70
C VAL A 60 9.83 7.04 3.02
N LYS A 61 9.58 5.77 3.29
CA LYS A 61 10.05 5.14 4.53
C LYS A 61 11.49 4.67 4.38
N GLU A 62 11.74 3.85 3.37
CA GLU A 62 13.08 3.32 3.13
C GLU A 62 14.09 4.46 3.02
N LYS A 63 13.63 5.61 2.55
CA LYS A 63 14.50 6.78 2.40
C LYS A 63 14.53 7.61 3.68
N LYS A 64 13.49 7.46 4.50
CA LYS A 64 13.40 8.19 5.75
C LYS A 64 14.25 7.52 6.84
N SER A 65 15.14 8.30 7.44
CA SER A 65 16.01 7.78 8.49
C SER A 65 16.74 6.51 8.03
N GLY A 66 17.20 6.54 6.78
CA GLY A 66 17.90 5.39 6.23
C GLY A 66 19.40 5.47 6.45
N PRO A 67 20.14 4.52 5.85
CA PRO A 67 21.60 4.47 5.97
C PRO A 67 22.28 5.61 5.23
N SER A 68 23.56 5.83 5.54
CA SER A 68 24.33 6.90 4.91
C SER A 68 24.53 6.61 3.43
N SER A 69 24.93 7.64 2.68
CA SER A 69 25.16 7.50 1.24
C SER A 69 26.62 7.78 0.90
N GLY A 70 27.12 7.08 -0.12
CA GLY A 70 28.50 7.26 -0.53
C GLY A 70 29.21 5.95 -0.76
N GLY A 1 -28.70 10.59 9.83
CA GLY A 1 -27.38 10.01 9.97
C GLY A 1 -27.02 9.73 11.42
N SER A 2 -25.90 9.04 11.61
CA SER A 2 -25.43 8.71 12.96
C SER A 2 -23.91 8.80 13.06
N SER A 3 -23.41 8.92 14.27
CA SER A 3 -21.97 9.03 14.50
C SER A 3 -21.50 7.96 15.49
N GLY A 4 -21.62 6.70 15.10
CA GLY A 4 -21.21 5.62 15.97
C GLY A 4 -19.70 5.57 16.18
N SER A 5 -19.29 5.12 17.35
CA SER A 5 -17.87 5.03 17.67
C SER A 5 -17.42 3.58 17.81
N SER A 6 -16.90 3.03 16.71
CA SER A 6 -16.44 1.65 16.71
C SER A 6 -15.13 1.51 15.93
N GLY A 7 -14.13 0.92 16.57
CA GLY A 7 -12.84 0.74 15.93
C GLY A 7 -11.73 1.55 16.59
N ARG A 8 -11.52 1.29 17.88
CA ARG A 8 -10.49 2.00 18.63
C ARG A 8 -9.12 1.41 18.35
N LYS A 9 -8.90 0.17 18.77
CA LYS A 9 -7.63 -0.51 18.57
C LYS A 9 -7.51 -1.00 17.14
N LYS A 10 -7.48 -0.07 16.19
CA LYS A 10 -7.36 -0.42 14.78
C LYS A 10 -5.91 -0.76 14.42
N ARG A 11 -5.73 -1.48 13.31
CA ARG A 11 -4.41 -1.87 12.86
C ARG A 11 -4.21 -1.52 11.39
N ILE A 12 -3.03 -1.85 10.87
CA ILE A 12 -2.71 -1.58 9.47
C ILE A 12 -3.80 -2.11 8.55
N PRO A 13 -4.20 -1.28 7.56
CA PRO A 13 -5.23 -1.65 6.59
C PRO A 13 -4.68 -2.54 5.48
N TYR A 14 -5.49 -2.76 4.45
CA TYR A 14 -5.10 -3.61 3.33
C TYR A 14 -4.88 -5.04 3.78
N SER A 15 -5.77 -5.93 3.36
CA SER A 15 -5.68 -7.34 3.72
C SER A 15 -4.48 -7.99 3.05
N LYS A 16 -4.09 -9.16 3.55
CA LYS A 16 -2.96 -9.89 2.99
C LYS A 16 -3.09 -10.05 1.48
N GLY A 17 -4.32 -10.22 1.02
CA GLY A 17 -4.57 -10.38 -0.40
C GLY A 17 -4.37 -9.08 -1.17
N GLN A 18 -4.83 -7.98 -0.59
CA GLN A 18 -4.71 -6.67 -1.22
C GLN A 18 -3.25 -6.23 -1.28
N LEU A 19 -2.52 -6.45 -0.19
CA LEU A 19 -1.12 -6.08 -0.12
C LEU A 19 -0.26 -6.99 -1.00
N ARG A 20 -0.77 -8.19 -1.26
CA ARG A 20 -0.05 -9.16 -2.08
C ARG A 20 0.25 -8.57 -3.45
N GLU A 21 -0.65 -7.74 -3.95
CA GLU A 21 -0.48 -7.11 -5.25
C GLU A 21 0.30 -5.81 -5.14
N LEU A 22 0.03 -5.05 -4.08
CA LEU A 22 0.72 -3.79 -3.85
C LEU A 22 2.21 -4.00 -3.66
N GLU A 23 2.57 -4.94 -2.78
CA GLU A 23 3.97 -5.23 -2.51
C GLU A 23 4.64 -5.82 -3.74
N ARG A 24 3.90 -6.63 -4.50
CA ARG A 24 4.43 -7.24 -5.70
C ARG A 24 4.72 -6.21 -6.78
N GLU A 25 3.67 -5.51 -7.22
CA GLU A 25 3.82 -4.48 -8.25
C GLU A 25 4.90 -3.47 -7.85
N TYR A 26 4.99 -3.18 -6.56
CA TYR A 26 5.97 -2.23 -6.06
C TYR A 26 7.39 -2.77 -6.24
N ALA A 27 7.60 -4.02 -5.85
CA ALA A 27 8.91 -4.65 -5.97
C ALA A 27 9.36 -4.70 -7.42
N ALA A 28 8.39 -4.68 -8.34
CA ALA A 28 8.70 -4.72 -9.76
C ALA A 28 9.02 -3.33 -10.30
N ASN A 29 8.38 -2.32 -9.71
CA ASN A 29 8.60 -0.94 -10.13
C ASN A 29 8.13 0.04 -9.06
N LYS A 30 8.99 0.99 -8.71
CA LYS A 30 8.66 1.99 -7.70
C LYS A 30 7.42 2.79 -8.11
N PHE A 31 7.36 3.17 -9.38
CA PHE A 31 6.23 3.94 -9.89
C PHE A 31 5.48 3.15 -10.96
N ILE A 32 4.16 3.10 -10.84
CA ILE A 32 3.33 2.38 -11.80
C ILE A 32 2.68 3.35 -12.79
N THR A 33 1.79 2.81 -13.61
CA THR A 33 1.09 3.62 -14.61
C THR A 33 -0.42 3.49 -14.46
N LYS A 34 -1.14 4.42 -15.08
CA LYS A 34 -2.60 4.41 -15.02
C LYS A 34 -3.16 3.09 -15.54
N ASP A 35 -2.39 2.42 -16.37
CA ASP A 35 -2.81 1.14 -16.93
C ASP A 35 -2.61 0.01 -15.93
N LYS A 36 -1.74 0.24 -14.96
CA LYS A 36 -1.45 -0.76 -13.93
C LYS A 36 -2.29 -0.51 -12.68
N ARG A 37 -2.43 0.76 -12.32
CA ARG A 37 -3.22 1.14 -11.15
C ARG A 37 -4.67 0.74 -11.31
N ARG A 38 -5.18 0.84 -12.53
CA ARG A 38 -6.55 0.49 -12.83
C ARG A 38 -6.85 -0.96 -12.47
N LYS A 39 -5.90 -1.84 -12.78
CA LYS A 39 -6.05 -3.26 -12.48
C LYS A 39 -6.00 -3.50 -10.98
N ILE A 40 -4.94 -3.03 -10.34
CA ILE A 40 -4.78 -3.21 -8.89
C ILE A 40 -6.02 -2.73 -8.15
N SER A 41 -6.68 -1.71 -8.69
CA SER A 41 -7.88 -1.17 -8.07
C SER A 41 -8.99 -2.21 -8.01
N ALA A 42 -9.05 -3.07 -9.03
CA ALA A 42 -10.06 -4.12 -9.10
C ALA A 42 -9.54 -5.41 -8.48
N ALA A 43 -8.23 -5.60 -8.51
CA ALA A 43 -7.62 -6.79 -7.93
C ALA A 43 -7.59 -6.73 -6.42
N THR A 44 -7.52 -5.51 -5.89
CA THR A 44 -7.49 -5.31 -4.44
C THR A 44 -8.68 -4.47 -3.97
N SER A 45 -9.63 -4.26 -4.87
CA SER A 45 -10.81 -3.47 -4.56
C SER A 45 -10.42 -2.11 -3.96
N LEU A 46 -9.27 -1.60 -4.38
CA LEU A 46 -8.78 -0.32 -3.89
C LEU A 46 -8.98 0.77 -4.93
N SER A 47 -8.68 2.01 -4.54
CA SER A 47 -8.84 3.15 -5.44
C SER A 47 -7.49 3.56 -6.03
N GLU A 48 -7.53 4.18 -7.20
CA GLU A 48 -6.32 4.63 -7.88
C GLU A 48 -5.47 5.50 -6.96
N ARG A 49 -6.15 6.30 -6.13
CA ARG A 49 -5.46 7.19 -5.20
C ARG A 49 -4.87 6.40 -4.03
N GLN A 50 -5.67 5.53 -3.44
CA GLN A 50 -5.23 4.71 -2.31
C GLN A 50 -3.96 3.95 -2.66
N ILE A 51 -3.98 3.26 -3.79
CA ILE A 51 -2.83 2.48 -4.24
C ILE A 51 -1.59 3.36 -4.34
N THR A 52 -1.76 4.56 -4.88
CA THR A 52 -0.66 5.50 -5.03
C THR A 52 -0.05 5.86 -3.67
N ILE A 53 -0.91 6.28 -2.74
CA ILE A 53 -0.46 6.66 -1.41
C ILE A 53 0.41 5.57 -0.79
N TRP A 54 -0.09 4.34 -0.82
CA TRP A 54 0.65 3.21 -0.26
C TRP A 54 2.02 3.09 -0.90
N PHE A 55 2.08 3.26 -2.21
CA PHE A 55 3.34 3.17 -2.94
C PHE A 55 4.29 4.29 -2.53
N GLN A 56 3.72 5.41 -2.11
CA GLN A 56 4.51 6.56 -1.69
C GLN A 56 5.10 6.34 -0.30
N ASN A 57 4.24 6.04 0.66
CA ASN A 57 4.67 5.80 2.03
C ASN A 57 5.77 4.74 2.08
N ARG A 58 5.64 3.72 1.24
CA ARG A 58 6.62 2.65 1.19
C ARG A 58 8.01 3.20 0.88
N ARG A 59 8.09 4.07 -0.11
CA ARG A 59 9.36 4.67 -0.50
C ARG A 59 9.79 5.74 0.50
N VAL A 60 8.91 6.72 0.72
CA VAL A 60 9.20 7.80 1.65
C VAL A 60 9.63 7.27 3.00
N LYS A 61 9.13 6.09 3.36
CA LYS A 61 9.48 5.46 4.63
C LYS A 61 10.99 5.27 4.75
N GLU A 62 11.56 4.52 3.83
CA GLU A 62 13.00 4.25 3.83
C GLU A 62 13.78 5.54 3.54
N LYS A 63 13.17 6.44 2.78
CA LYS A 63 13.80 7.70 2.42
C LYS A 63 14.24 8.45 3.67
N LYS A 64 13.54 8.22 4.78
CA LYS A 64 13.86 8.87 6.03
C LYS A 64 14.64 7.94 6.96
N SER A 65 15.90 8.28 7.19
CA SER A 65 16.76 7.48 8.05
C SER A 65 16.10 7.22 9.40
N GLY A 66 16.37 6.06 9.99
CA GLY A 66 15.80 5.72 11.27
C GLY A 66 16.83 5.21 12.25
N PRO A 67 16.37 4.82 13.46
CA PRO A 67 17.24 4.31 14.51
C PRO A 67 17.81 2.93 14.18
N SER A 68 17.05 2.16 13.41
CA SER A 68 17.47 0.82 13.02
C SER A 68 17.83 0.78 11.54
N SER A 69 18.94 0.11 11.22
CA SER A 69 19.38 -0.01 9.84
C SER A 69 18.34 -0.70 8.98
N GLY A 70 17.70 0.07 8.10
CA GLY A 70 16.68 -0.47 7.23
C GLY A 70 15.27 -0.06 7.65
N GLY A 1 -9.33 -20.67 20.57
CA GLY A 1 -8.83 -19.95 21.73
C GLY A 1 -8.07 -18.68 21.35
N SER A 2 -6.83 -18.59 21.80
CA SER A 2 -5.99 -17.43 21.51
C SER A 2 -6.77 -16.13 21.73
N SER A 3 -7.26 -15.96 22.96
CA SER A 3 -8.02 -14.76 23.31
C SER A 3 -7.42 -14.06 24.52
N GLY A 4 -6.13 -13.77 24.45
CA GLY A 4 -5.45 -13.11 25.56
C GLY A 4 -5.75 -11.63 25.61
N SER A 5 -4.71 -10.82 25.65
CA SER A 5 -4.87 -9.37 25.71
C SER A 5 -5.05 -8.78 24.32
N SER A 6 -5.91 -7.77 24.22
CA SER A 6 -6.18 -7.12 22.94
C SER A 6 -6.09 -5.61 23.07
N GLY A 7 -6.10 -4.92 21.93
CA GLY A 7 -6.02 -3.47 21.94
C GLY A 7 -5.88 -2.89 20.54
N ARG A 8 -6.82 -2.03 20.18
CA ARG A 8 -6.80 -1.40 18.86
C ARG A 8 -5.46 -0.74 18.59
N LYS A 9 -5.10 -0.65 17.31
CA LYS A 9 -3.84 -0.04 16.91
C LYS A 9 -3.92 0.49 15.48
N LYS A 10 -3.29 1.64 15.25
CA LYS A 10 -3.28 2.25 13.92
C LYS A 10 -2.20 1.63 13.05
N ARG A 11 -2.41 0.39 12.62
CA ARG A 11 -1.46 -0.31 11.78
C ARG A 11 -1.78 -0.10 10.31
N ILE A 12 -0.99 -0.72 9.43
CA ILE A 12 -1.20 -0.61 8.00
C ILE A 12 -2.51 -1.27 7.57
N PRO A 13 -3.27 -0.57 6.72
CA PRO A 13 -4.55 -1.07 6.21
C PRO A 13 -4.38 -2.07 5.08
N TYR A 14 -5.49 -2.42 4.44
CA TYR A 14 -5.46 -3.37 3.34
C TYR A 14 -5.06 -4.77 3.82
N SER A 15 -5.96 -5.73 3.67
CA SER A 15 -5.70 -7.09 4.11
C SER A 15 -4.50 -7.67 3.36
N LYS A 16 -4.09 -8.88 3.76
CA LYS A 16 -2.96 -9.55 3.14
C LYS A 16 -3.15 -9.65 1.63
N GLY A 17 -4.27 -10.25 1.23
CA GLY A 17 -4.56 -10.41 -0.18
C GLY A 17 -4.46 -9.11 -0.95
N GLN A 18 -4.79 -8.00 -0.28
CA GLN A 18 -4.73 -6.69 -0.91
C GLN A 18 -3.30 -6.19 -1.00
N LEU A 19 -2.58 -6.26 0.11
CA LEU A 19 -1.19 -5.82 0.16
C LEU A 19 -0.31 -6.68 -0.74
N ARG A 20 -0.76 -7.89 -1.01
CA ARG A 20 -0.02 -8.81 -1.86
C ARG A 20 0.32 -8.17 -3.20
N GLU A 21 -0.68 -7.53 -3.81
CA GLU A 21 -0.49 -6.87 -5.10
C GLU A 21 0.30 -5.57 -4.94
N LEU A 22 0.02 -4.85 -3.85
CA LEU A 22 0.70 -3.59 -3.58
C LEU A 22 2.19 -3.81 -3.41
N GLU A 23 2.56 -4.92 -2.80
CA GLU A 23 3.96 -5.25 -2.58
C GLU A 23 4.58 -5.89 -3.83
N ARG A 24 3.84 -6.81 -4.44
CA ARG A 24 4.30 -7.48 -5.64
C ARG A 24 4.62 -6.49 -6.74
N GLU A 25 3.67 -5.60 -7.02
CA GLU A 25 3.85 -4.59 -8.07
C GLU A 25 5.02 -3.66 -7.73
N TYR A 26 5.03 -3.15 -6.50
CA TYR A 26 6.09 -2.26 -6.06
C TYR A 26 7.46 -2.86 -6.30
N ALA A 27 7.63 -4.10 -5.87
CA ALA A 27 8.90 -4.81 -6.05
C ALA A 27 9.31 -4.84 -7.52
N ALA A 28 8.32 -4.82 -8.40
CA ALA A 28 8.58 -4.85 -9.83
C ALA A 28 8.87 -3.45 -10.37
N ASN A 29 8.29 -2.45 -9.72
CA ASN A 29 8.49 -1.06 -10.13
C ASN A 29 7.91 -0.09 -9.10
N LYS A 30 8.78 0.72 -8.51
CA LYS A 30 8.36 1.69 -7.51
C LYS A 30 7.31 2.63 -8.07
N PHE A 31 7.28 2.77 -9.39
CA PHE A 31 6.32 3.64 -10.05
C PHE A 31 5.51 2.88 -11.09
N ILE A 32 4.22 2.69 -10.81
CA ILE A 32 3.34 1.97 -11.72
C ILE A 32 2.77 2.89 -12.78
N THR A 33 2.12 2.31 -13.79
CA THR A 33 1.54 3.08 -14.87
C THR A 33 0.02 3.20 -14.71
N LYS A 34 -0.57 4.14 -15.43
CA LYS A 34 -2.02 4.37 -15.36
C LYS A 34 -2.77 3.09 -15.70
N ASP A 35 -2.13 2.20 -16.47
CA ASP A 35 -2.74 0.95 -16.87
C ASP A 35 -2.58 -0.10 -15.77
N LYS A 36 -1.60 0.09 -14.91
CA LYS A 36 -1.35 -0.84 -13.81
C LYS A 36 -2.11 -0.44 -12.56
N ARG A 37 -2.24 0.87 -12.35
CA ARG A 37 -2.96 1.39 -11.18
C ARG A 37 -4.45 1.07 -11.27
N ARG A 38 -4.96 1.02 -12.50
CA ARG A 38 -6.37 0.72 -12.72
C ARG A 38 -6.67 -0.74 -12.40
N LYS A 39 -5.78 -1.63 -12.83
CA LYS A 39 -5.95 -3.06 -12.58
C LYS A 39 -5.92 -3.37 -11.10
N ILE A 40 -4.86 -2.93 -10.43
CA ILE A 40 -4.71 -3.16 -8.99
C ILE A 40 -5.96 -2.72 -8.23
N SER A 41 -6.61 -1.66 -8.72
CA SER A 41 -7.81 -1.15 -8.08
C SER A 41 -8.93 -2.18 -8.12
N ALA A 42 -8.98 -2.94 -9.21
CA ALA A 42 -10.00 -3.97 -9.37
C ALA A 42 -9.54 -5.31 -8.79
N ALA A 43 -8.23 -5.49 -8.71
CA ALA A 43 -7.65 -6.71 -8.18
C ALA A 43 -7.80 -6.77 -6.66
N THR A 44 -7.41 -5.70 -5.98
CA THR A 44 -7.51 -5.63 -4.53
C THR A 44 -8.70 -4.80 -4.09
N SER A 45 -9.60 -4.53 -5.04
CA SER A 45 -10.79 -3.74 -4.75
C SER A 45 -10.42 -2.43 -4.06
N LEU A 46 -9.24 -1.92 -4.36
CA LEU A 46 -8.76 -0.67 -3.77
C LEU A 46 -9.04 0.51 -4.70
N SER A 47 -8.86 1.72 -4.17
CA SER A 47 -9.08 2.93 -4.95
C SER A 47 -7.81 3.37 -5.66
N GLU A 48 -7.95 4.03 -6.80
CA GLU A 48 -6.81 4.51 -7.56
C GLU A 48 -5.90 5.38 -6.70
N ARG A 49 -6.48 6.01 -5.68
CA ARG A 49 -5.73 6.87 -4.79
C ARG A 49 -5.02 6.05 -3.72
N GLN A 50 -5.77 5.16 -3.07
CA GLN A 50 -5.21 4.31 -2.03
C GLN A 50 -3.95 3.60 -2.51
N ILE A 51 -4.06 2.95 -3.66
CA ILE A 51 -2.93 2.22 -4.23
C ILE A 51 -1.70 3.13 -4.38
N THR A 52 -1.96 4.39 -4.75
CA THR A 52 -0.89 5.36 -4.92
C THR A 52 -0.26 5.74 -3.58
N ILE A 53 -1.11 6.05 -2.61
CA ILE A 53 -0.65 6.43 -1.29
C ILE A 53 0.28 5.36 -0.70
N TRP A 54 -0.15 4.11 -0.79
CA TRP A 54 0.65 3.00 -0.27
C TRP A 54 2.04 2.98 -0.91
N PHE A 55 2.09 3.11 -2.23
CA PHE A 55 3.35 3.11 -2.96
C PHE A 55 4.24 4.27 -2.49
N GLN A 56 3.62 5.37 -2.10
CA GLN A 56 4.35 6.54 -1.63
C GLN A 56 4.97 6.29 -0.26
N ASN A 57 4.16 5.81 0.67
CA ASN A 57 4.63 5.53 2.02
C ASN A 57 5.87 4.64 2.00
N ARG A 58 5.91 3.73 1.02
CA ARG A 58 7.05 2.83 0.89
C ARG A 58 8.32 3.59 0.51
N ARG A 59 8.21 4.43 -0.51
CA ARG A 59 9.35 5.22 -0.98
C ARG A 59 9.76 6.24 0.08
N VAL A 60 8.80 7.06 0.51
CA VAL A 60 9.07 8.08 1.52
C VAL A 60 9.76 7.49 2.75
N LYS A 61 9.45 6.22 3.04
CA LYS A 61 10.04 5.54 4.18
C LYS A 61 11.55 5.43 4.02
N GLU A 62 11.98 4.74 2.97
CA GLU A 62 13.40 4.55 2.71
C GLU A 62 14.08 5.89 2.41
N LYS A 63 13.30 6.83 1.89
CA LYS A 63 13.82 8.16 1.57
C LYS A 63 14.43 8.82 2.80
N LYS A 64 13.89 8.51 3.97
CA LYS A 64 14.39 9.07 5.22
C LYS A 64 15.53 8.23 5.77
N SER A 65 16.65 8.23 5.06
CA SER A 65 17.82 7.46 5.48
C SER A 65 18.59 8.20 6.56
N GLY A 66 18.21 7.97 7.82
CA GLY A 66 18.88 8.62 8.93
C GLY A 66 17.90 9.25 9.90
N PRO A 67 18.42 9.73 11.04
CA PRO A 67 17.60 10.38 12.07
C PRO A 67 17.07 11.75 11.61
N SER A 68 17.85 12.43 10.80
CA SER A 68 17.46 13.75 10.30
C SER A 68 17.27 14.73 11.44
N SER A 69 18.27 14.82 12.32
CA SER A 69 18.21 15.72 13.47
C SER A 69 19.13 16.91 13.26
N GLY A 70 20.19 16.72 12.49
CA GLY A 70 21.13 17.78 12.23
C GLY A 70 22.55 17.28 12.04
N GLY A 1 -1.51 -10.11 10.13
CA GLY A 1 -2.79 -10.15 9.45
C GLY A 1 -3.85 -9.30 10.14
N SER A 2 -4.73 -8.70 9.35
CA SER A 2 -5.79 -7.85 9.89
C SER A 2 -7.16 -8.50 9.72
N SER A 3 -8.15 -7.99 10.44
CA SER A 3 -9.50 -8.53 10.36
C SER A 3 -10.45 -7.50 9.74
N GLY A 4 -10.24 -6.24 10.07
CA GLY A 4 -11.08 -5.19 9.52
C GLY A 4 -10.29 -3.97 9.09
N SER A 5 -10.78 -3.28 8.06
CA SER A 5 -10.10 -2.10 7.54
C SER A 5 -10.63 -0.84 8.22
N SER A 6 -11.90 -0.54 8.02
CA SER A 6 -12.53 0.64 8.60
C SER A 6 -12.28 0.68 10.11
N GLY A 7 -12.27 1.89 10.66
CA GLY A 7 -12.06 2.05 12.10
C GLY A 7 -11.29 3.31 12.43
N ARG A 8 -11.67 3.96 13.53
CA ARG A 8 -11.02 5.19 13.95
C ARG A 8 -9.60 4.91 14.46
N LYS A 9 -9.45 3.82 15.22
CA LYS A 9 -8.16 3.44 15.76
C LYS A 9 -7.81 2.01 15.38
N LYS A 10 -7.84 1.72 14.08
CA LYS A 10 -7.52 0.39 13.58
C LYS A 10 -6.08 0.32 13.09
N ARG A 11 -5.48 -0.85 13.21
CA ARG A 11 -4.10 -1.06 12.78
C ARG A 11 -3.95 -0.80 11.28
N ILE A 12 -2.78 -1.12 10.74
CA ILE A 12 -2.51 -0.92 9.33
C ILE A 12 -3.61 -1.54 8.46
N PRO A 13 -4.06 -0.79 7.45
CA PRO A 13 -5.11 -1.24 6.54
C PRO A 13 -4.57 -2.20 5.47
N TYR A 14 -5.42 -2.49 4.48
CA TYR A 14 -5.03 -3.40 3.40
C TYR A 14 -4.76 -4.80 3.93
N SER A 15 -5.66 -5.73 3.61
CA SER A 15 -5.52 -7.10 4.06
C SER A 15 -4.37 -7.80 3.34
N LYS A 16 -3.96 -8.96 3.85
CA LYS A 16 -2.88 -9.72 3.25
C LYS A 16 -3.13 -9.95 1.76
N GLY A 17 -4.41 -10.02 1.38
CA GLY A 17 -4.75 -10.23 -0.01
C GLY A 17 -4.56 -8.99 -0.85
N GLN A 18 -4.88 -7.83 -0.28
CA GLN A 18 -4.74 -6.57 -0.99
C GLN A 18 -3.27 -6.19 -1.14
N LEU A 19 -2.53 -6.25 -0.04
CA LEU A 19 -1.11 -5.91 -0.06
C LEU A 19 -0.32 -6.91 -0.91
N ARG A 20 -0.88 -8.10 -1.07
CA ARG A 20 -0.22 -9.14 -1.86
C ARG A 20 0.01 -8.67 -3.30
N GLU A 21 -0.91 -7.86 -3.80
CA GLU A 21 -0.80 -7.33 -5.16
C GLU A 21 0.09 -6.10 -5.20
N LEU A 22 -0.02 -5.26 -4.17
CA LEU A 22 0.78 -4.05 -4.09
C LEU A 22 2.26 -4.37 -3.93
N GLU A 23 2.58 -5.19 -2.93
CA GLU A 23 3.96 -5.58 -2.68
C GLU A 23 4.61 -6.15 -3.93
N ARG A 24 3.88 -7.02 -4.63
CA ARG A 24 4.38 -7.64 -5.84
C ARG A 24 4.72 -6.58 -6.89
N GLU A 25 3.73 -5.74 -7.22
CA GLU A 25 3.92 -4.68 -8.20
C GLU A 25 5.04 -3.74 -7.79
N TYR A 26 5.14 -3.49 -6.48
CA TYR A 26 6.17 -2.59 -5.95
C TYR A 26 7.56 -3.13 -6.26
N ALA A 27 7.78 -4.41 -5.96
CA ALA A 27 9.07 -5.04 -6.20
C ALA A 27 9.49 -4.88 -7.66
N ALA A 28 8.50 -4.77 -8.55
CA ALA A 28 8.77 -4.60 -9.97
C ALA A 28 8.98 -3.14 -10.33
N ASN A 29 8.25 -2.26 -9.64
CA ASN A 29 8.35 -0.82 -9.88
C ASN A 29 7.82 -0.03 -8.69
N LYS A 30 8.58 0.97 -8.26
CA LYS A 30 8.18 1.80 -7.14
C LYS A 30 7.10 2.80 -7.55
N PHE A 31 6.96 3.00 -8.86
CA PHE A 31 5.96 3.93 -9.38
C PHE A 31 5.19 3.30 -10.54
N ILE A 32 3.93 2.95 -10.30
CA ILE A 32 3.10 2.34 -11.33
C ILE A 32 2.49 3.41 -12.24
N THR A 33 1.86 2.96 -13.32
CA THR A 33 1.23 3.87 -14.27
C THR A 33 -0.29 3.76 -14.22
N LYS A 34 -0.97 4.70 -14.86
CA LYS A 34 -2.43 4.71 -14.89
C LYS A 34 -2.97 3.40 -15.47
N ASP A 35 -2.14 2.73 -16.27
CA ASP A 35 -2.54 1.46 -16.87
C ASP A 35 -2.36 0.31 -15.90
N LYS A 36 -1.52 0.51 -14.89
CA LYS A 36 -1.25 -0.51 -13.89
C LYS A 36 -2.12 -0.30 -12.65
N ARG A 37 -2.37 0.97 -12.32
CA ARG A 37 -3.19 1.31 -11.16
C ARG A 37 -4.62 0.82 -11.35
N ARG A 38 -5.11 0.91 -12.57
CA ARG A 38 -6.48 0.48 -12.88
C ARG A 38 -6.69 -0.98 -12.49
N LYS A 39 -5.69 -1.81 -12.77
CA LYS A 39 -5.77 -3.23 -12.45
C LYS A 39 -5.74 -3.44 -10.95
N ILE A 40 -4.69 -2.97 -10.30
CA ILE A 40 -4.55 -3.11 -8.85
C ILE A 40 -5.79 -2.60 -8.13
N SER A 41 -6.44 -1.60 -8.70
CA SER A 41 -7.64 -1.03 -8.11
C SER A 41 -8.77 -2.05 -8.09
N ALA A 42 -8.83 -2.90 -9.11
CA ALA A 42 -9.85 -3.93 -9.21
C ALA A 42 -9.42 -5.20 -8.50
N ALA A 43 -8.12 -5.50 -8.57
CA ALA A 43 -7.58 -6.70 -7.93
C ALA A 43 -7.70 -6.61 -6.41
N THR A 44 -7.37 -5.45 -5.87
CA THR A 44 -7.43 -5.23 -4.42
C THR A 44 -8.67 -4.45 -4.04
N SER A 45 -9.56 -4.25 -5.00
CA SER A 45 -10.80 -3.51 -4.76
C SER A 45 -10.51 -2.16 -4.11
N LEU A 46 -9.35 -1.60 -4.41
CA LEU A 46 -8.96 -0.31 -3.85
C LEU A 46 -9.08 0.80 -4.89
N SER A 47 -8.97 2.04 -4.44
CA SER A 47 -9.07 3.19 -5.33
C SER A 47 -7.70 3.57 -5.88
N GLU A 48 -7.69 4.20 -7.06
CA GLU A 48 -6.44 4.62 -7.68
C GLU A 48 -5.60 5.46 -6.73
N ARG A 49 -6.26 6.36 -6.01
CA ARG A 49 -5.58 7.24 -5.07
C ARG A 49 -5.03 6.44 -3.89
N GLN A 50 -5.87 5.56 -3.33
CA GLN A 50 -5.47 4.74 -2.21
C GLN A 50 -4.16 4.00 -2.50
N ILE A 51 -4.17 3.21 -3.56
CA ILE A 51 -2.98 2.45 -3.95
C ILE A 51 -1.76 3.35 -4.06
N THR A 52 -1.95 4.52 -4.67
CA THR A 52 -0.85 5.48 -4.83
C THR A 52 -0.26 5.86 -3.48
N ILE A 53 -1.11 6.20 -2.52
CA ILE A 53 -0.67 6.57 -1.19
C ILE A 53 0.29 5.53 -0.61
N TRP A 54 -0.13 4.27 -0.66
CA TRP A 54 0.69 3.18 -0.14
C TRP A 54 2.05 3.15 -0.81
N PHE A 55 2.06 3.27 -2.14
CA PHE A 55 3.29 3.25 -2.90
C PHE A 55 4.18 4.44 -2.53
N GLN A 56 3.55 5.53 -2.11
CA GLN A 56 4.27 6.73 -1.72
C GLN A 56 4.93 6.55 -0.36
N ASN A 57 4.13 6.17 0.64
CA ASN A 57 4.64 5.97 1.98
C ASN A 57 5.73 4.90 2.01
N ARG A 58 5.73 4.05 0.98
CA ARG A 58 6.72 2.98 0.88
C ARG A 58 8.09 3.54 0.58
N ARG A 59 8.17 4.43 -0.40
CA ARG A 59 9.43 5.04 -0.80
C ARG A 59 9.81 6.18 0.15
N VAL A 60 8.84 7.05 0.43
CA VAL A 60 9.06 8.18 1.33
C VAL A 60 9.59 7.71 2.69
N LYS A 61 9.26 6.47 3.05
CA LYS A 61 9.70 5.90 4.32
C LYS A 61 11.21 6.01 4.47
N GLU A 62 11.92 6.01 3.34
CA GLU A 62 13.37 6.11 3.34
C GLU A 62 13.83 7.44 2.77
N LYS A 63 12.99 8.46 2.89
CA LYS A 63 13.30 9.79 2.39
C LYS A 63 13.01 10.86 3.43
N LYS A 64 11.91 10.71 4.14
CA LYS A 64 11.53 11.66 5.18
C LYS A 64 11.68 11.05 6.56
N SER A 65 12.33 11.78 7.46
CA SER A 65 12.55 11.31 8.83
C SER A 65 11.77 12.15 9.83
N GLY A 66 11.71 11.68 11.06
CA GLY A 66 10.98 12.40 12.09
C GLY A 66 9.62 11.79 12.38
N PRO A 67 9.61 10.58 12.95
CA PRO A 67 8.38 9.87 13.28
C PRO A 67 7.64 10.52 14.44
N SER A 68 6.48 9.95 14.79
CA SER A 68 5.67 10.47 15.88
C SER A 68 4.89 9.35 16.57
N SER A 69 4.58 9.55 17.85
CA SER A 69 3.85 8.57 18.62
C SER A 69 2.52 9.13 19.11
N GLY A 70 1.44 8.42 18.81
CA GLY A 70 0.11 8.87 19.22
C GLY A 70 -0.68 9.46 18.09
#